data_7WWZ
# 
_entry.id   7WWZ 
# 
_audit_conform.dict_name       mmcif_pdbx.dic 
_audit_conform.dict_version    5.380 
_audit_conform.dict_location   http://mmcif.pdb.org/dictionaries/ascii/mmcif_pdbx.dic 
# 
loop_
_database_2.database_id 
_database_2.database_code 
_database_2.pdbx_database_accession 
_database_2.pdbx_DOI 
PDB   7WWZ         pdb_00007wwz 10.2210/pdb7wwz/pdb 
WWPDB D_1300027669 ?            ?                   
# 
_pdbx_database_status.status_code                     REL 
_pdbx_database_status.status_code_sf                  REL 
_pdbx_database_status.status_code_mr                  ? 
_pdbx_database_status.entry_id                        7WWZ 
_pdbx_database_status.recvd_initial_deposition_date   2022-02-14 
_pdbx_database_status.SG_entry                        N 
_pdbx_database_status.deposit_site                    PDBJ 
_pdbx_database_status.process_site                    PDBJ 
_pdbx_database_status.status_code_cs                  ? 
_pdbx_database_status.status_code_nmr_data            ? 
_pdbx_database_status.methods_development_category    ? 
_pdbx_database_status.pdb_format_compatible           Y 
# 
loop_
_audit_author.name 
_audit_author.pdbx_ordinal 
_audit_author.identifier_ORCID 
'Zeng, L.'  1 0000-0002-4236-6735 
'Lei, J.D.' 2 0000-0002-8192-2730 
# 
_citation.abstract                  ? 
_citation.abstract_id_CAS           ? 
_citation.book_id_ISBN              ? 
_citation.book_publisher            ? 
_citation.book_publisher_city       ? 
_citation.book_title                ? 
_citation.coordinate_linkage        ? 
_citation.country                   UK 
_citation.database_id_Medline       ? 
_citation.details                   ? 
_citation.id                        primary 
_citation.journal_abbrev            Oncogene 
_citation.journal_id_ASTM           ? 
_citation.journal_id_CSD            ? 
_citation.journal_id_ISSN           1476-5594 
_citation.journal_full              ? 
_citation.journal_issue             ? 
_citation.journal_volume            41 
_citation.language                  ? 
_citation.page_first                3251 
_citation.page_last                 3262 
_citation.title                     
'Targeting CDCP1 gene transcription coactivated by BRD4 and CBP/p300 in castration-resistant prostate cancer.' 
_citation.year                      2022 
_citation.database_id_CSD           ? 
_citation.pdbx_database_id_DOI      10.1038/s41388-022-02327-5 
_citation.pdbx_database_id_PubMed   35513563 
_citation.pdbx_database_id_patent   ? 
_citation.unpublished_flag          ? 
# 
loop_
_citation_author.citation_id 
_citation_author.name 
_citation_author.ordinal 
_citation_author.identifier_ORCID 
primary 'Ji, D.'    1 ? 
primary 'Shang, G.' 2 ? 
primary 'Wei, E.'   3 ? 
primary 'Jia, Y.'   4 ? 
primary 'Wang, C.'  5 ? 
primary 'Zhang, Q.' 6 ? 
primary 'Zeng, L.'  7 ? 
# 
_cell.angle_alpha                  90.000 
_cell.angle_alpha_esd              ? 
_cell.angle_beta                   90.000 
_cell.angle_beta_esd               ? 
_cell.angle_gamma                  90.000 
_cell.angle_gamma_esd              ? 
_cell.entry_id                     7WWZ 
_cell.details                      ? 
_cell.formula_units_Z              ? 
_cell.length_a                     41.941 
_cell.length_a_esd                 ? 
_cell.length_b                     46.070 
_cell.length_b_esd                 ? 
_cell.length_c                     61.441 
_cell.length_c_esd                 ? 
_cell.volume                       ? 
_cell.volume_esd                   ? 
_cell.Z_PDB                        4 
_cell.reciprocal_angle_alpha       ? 
_cell.reciprocal_angle_beta        ? 
_cell.reciprocal_angle_gamma       ? 
_cell.reciprocal_angle_alpha_esd   ? 
_cell.reciprocal_angle_beta_esd    ? 
_cell.reciprocal_angle_gamma_esd   ? 
_cell.reciprocal_length_a          ? 
_cell.reciprocal_length_b          ? 
_cell.reciprocal_length_c          ? 
_cell.reciprocal_length_a_esd      ? 
_cell.reciprocal_length_b_esd      ? 
_cell.reciprocal_length_c_esd      ? 
_cell.pdbx_unique_axis             ? 
# 
_symmetry.entry_id                         7WWZ 
_symmetry.cell_setting                     ? 
_symmetry.Int_Tables_number                19 
_symmetry.space_group_name_Hall            ? 
_symmetry.space_group_name_H-M             'P 21 21 21' 
_symmetry.pdbx_full_space_group_name_H-M   ? 
# 
loop_
_entity.id 
_entity.type 
_entity.src_method 
_entity.pdbx_description 
_entity.formula_weight 
_entity.pdbx_number_of_molecules 
_entity.pdbx_ec 
_entity.pdbx_mutation 
_entity.pdbx_fragment 
_entity.details 
1 polymer     man 'Isoform C of Bromodomain-containing protein 4'                                                14968.182 1   ? ? 
bromodomain ? 
2 non-polymer syn '1,3-dimethyl-5-[2-(oxan-4-yl)-3-[2-(trifluoromethyloxy)ethyl]benzimidazol-5-yl]pyridin-2-one' 435.439   1   ? ? 
?           ? 
3 water       nat water                                                                                          18.015    154 ? ? 
?           ? 
# 
_entity_name_com.entity_id   1 
_entity_name_com.name        'Protein HUNK1' 
# 
_entity_poly.entity_id                      1 
_entity_poly.type                           'polypeptide(L)' 
_entity_poly.nstd_linkage                   no 
_entity_poly.nstd_monomer                   no 
_entity_poly.pdbx_seq_one_letter_code       
;SNPPPPETSNPNKPKRQTNQLQYLLRVVLKTLWKHQFAWPFQQPVDAVKLNLPDYYKIIKTPMDMGTIKKRLENNYYWNA
QECIQDFNTMFTNCYIYNKPGDDIVLMAEALEKLFLQKINELPTEE
;
_entity_poly.pdbx_seq_one_letter_code_can   
;SNPPPPETSNPNKPKRQTNQLQYLLRVVLKTLWKHQFAWPFQQPVDAVKLNLPDYYKIIKTPMDMGTIKKRLENNYYWNA
QECIQDFNTMFTNCYIYNKPGDDIVLMAEALEKLFLQKINELPTEE
;
_entity_poly.pdbx_strand_id                 A 
_entity_poly.pdbx_target_identifier         ? 
# 
loop_
_entity_poly_seq.entity_id 
_entity_poly_seq.num 
_entity_poly_seq.mon_id 
_entity_poly_seq.hetero 
1 1   SER n 
1 2   ASN n 
1 3   PRO n 
1 4   PRO n 
1 5   PRO n 
1 6   PRO n 
1 7   GLU n 
1 8   THR n 
1 9   SER n 
1 10  ASN n 
1 11  PRO n 
1 12  ASN n 
1 13  LYS n 
1 14  PRO n 
1 15  LYS n 
1 16  ARG n 
1 17  GLN n 
1 18  THR n 
1 19  ASN n 
1 20  GLN n 
1 21  LEU n 
1 22  GLN n 
1 23  TYR n 
1 24  LEU n 
1 25  LEU n 
1 26  ARG n 
1 27  VAL n 
1 28  VAL n 
1 29  LEU n 
1 30  LYS n 
1 31  THR n 
1 32  LEU n 
1 33  TRP n 
1 34  LYS n 
1 35  HIS n 
1 36  GLN n 
1 37  PHE n 
1 38  ALA n 
1 39  TRP n 
1 40  PRO n 
1 41  PHE n 
1 42  GLN n 
1 43  GLN n 
1 44  PRO n 
1 45  VAL n 
1 46  ASP n 
1 47  ALA n 
1 48  VAL n 
1 49  LYS n 
1 50  LEU n 
1 51  ASN n 
1 52  LEU n 
1 53  PRO n 
1 54  ASP n 
1 55  TYR n 
1 56  TYR n 
1 57  LYS n 
1 58  ILE n 
1 59  ILE n 
1 60  LYS n 
1 61  THR n 
1 62  PRO n 
1 63  MET n 
1 64  ASP n 
1 65  MET n 
1 66  GLY n 
1 67  THR n 
1 68  ILE n 
1 69  LYS n 
1 70  LYS n 
1 71  ARG n 
1 72  LEU n 
1 73  GLU n 
1 74  ASN n 
1 75  ASN n 
1 76  TYR n 
1 77  TYR n 
1 78  TRP n 
1 79  ASN n 
1 80  ALA n 
1 81  GLN n 
1 82  GLU n 
1 83  CYS n 
1 84  ILE n 
1 85  GLN n 
1 86  ASP n 
1 87  PHE n 
1 88  ASN n 
1 89  THR n 
1 90  MET n 
1 91  PHE n 
1 92  THR n 
1 93  ASN n 
1 94  CYS n 
1 95  TYR n 
1 96  ILE n 
1 97  TYR n 
1 98  ASN n 
1 99  LYS n 
1 100 PRO n 
1 101 GLY n 
1 102 ASP n 
1 103 ASP n 
1 104 ILE n 
1 105 VAL n 
1 106 LEU n 
1 107 MET n 
1 108 ALA n 
1 109 GLU n 
1 110 ALA n 
1 111 LEU n 
1 112 GLU n 
1 113 LYS n 
1 114 LEU n 
1 115 PHE n 
1 116 LEU n 
1 117 GLN n 
1 118 LYS n 
1 119 ILE n 
1 120 ASN n 
1 121 GLU n 
1 122 LEU n 
1 123 PRO n 
1 124 THR n 
1 125 GLU n 
1 126 GLU n 
# 
_entity_src_gen.entity_id                          1 
_entity_src_gen.pdbx_src_id                        1 
_entity_src_gen.pdbx_alt_source_flag               sample 
_entity_src_gen.pdbx_seq_type                      'Biological sequence' 
_entity_src_gen.pdbx_beg_seq_num                   1 
_entity_src_gen.pdbx_end_seq_num                   126 
_entity_src_gen.gene_src_common_name               human 
_entity_src_gen.gene_src_genus                     ? 
_entity_src_gen.pdbx_gene_src_gene                 'BRD4, HUNK1' 
_entity_src_gen.gene_src_species                   ? 
_entity_src_gen.gene_src_strain                    ? 
_entity_src_gen.gene_src_tissue                    ? 
_entity_src_gen.gene_src_tissue_fraction           ? 
_entity_src_gen.gene_src_details                   ? 
_entity_src_gen.pdbx_gene_src_fragment             ? 
_entity_src_gen.pdbx_gene_src_scientific_name      'Homo sapiens' 
_entity_src_gen.pdbx_gene_src_ncbi_taxonomy_id     9606 
_entity_src_gen.pdbx_gene_src_variant              ? 
_entity_src_gen.pdbx_gene_src_cell_line            ? 
_entity_src_gen.pdbx_gene_src_atcc                 ? 
_entity_src_gen.pdbx_gene_src_organ                ? 
_entity_src_gen.pdbx_gene_src_organelle            ? 
_entity_src_gen.pdbx_gene_src_cell                 ? 
_entity_src_gen.pdbx_gene_src_cellular_location    ? 
_entity_src_gen.host_org_common_name               ? 
_entity_src_gen.pdbx_host_org_scientific_name      'Escherichia coli BL21(DE3)' 
_entity_src_gen.pdbx_host_org_ncbi_taxonomy_id     469008 
_entity_src_gen.host_org_genus                     ? 
_entity_src_gen.pdbx_host_org_gene                 ? 
_entity_src_gen.pdbx_host_org_organ                ? 
_entity_src_gen.host_org_species                   ? 
_entity_src_gen.pdbx_host_org_tissue               ? 
_entity_src_gen.pdbx_host_org_tissue_fraction      ? 
_entity_src_gen.pdbx_host_org_strain               ? 
_entity_src_gen.pdbx_host_org_variant              ? 
_entity_src_gen.pdbx_host_org_cell_line            ? 
_entity_src_gen.pdbx_host_org_atcc                 ? 
_entity_src_gen.pdbx_host_org_culture_collection   ? 
_entity_src_gen.pdbx_host_org_cell                 ? 
_entity_src_gen.pdbx_host_org_organelle            ? 
_entity_src_gen.pdbx_host_org_cellular_location    ? 
_entity_src_gen.pdbx_host_org_vector_type          plasmid 
_entity_src_gen.pdbx_host_org_vector               ? 
_entity_src_gen.host_org_details                   ? 
_entity_src_gen.expression_system_id               ? 
_entity_src_gen.plasmid_name                       pNIC28 
_entity_src_gen.plasmid_details                    ? 
_entity_src_gen.pdbx_description                   ? 
# 
_struct_ref.id                         1 
_struct_ref.db_name                    UNP 
_struct_ref.db_code                    BRD4_HUMAN 
_struct_ref.pdbx_db_accession          O60885 
_struct_ref.pdbx_db_isoform            O60885-2 
_struct_ref.entity_id                  1 
_struct_ref.pdbx_seq_one_letter_code   
;TNPPPPETSNPNKPKRQTNQLQYLLRVVLKTLWKHQFAWPFQQPVDAVKLNLPDYYKIIKTPMDMGTIKKRLENNYYWNA
QECIQDFNTMFTNCYIYNKPGDDIVLMAEALEKLFLQKINELPTEE
;
_struct_ref.pdbx_align_begin           43 
# 
_struct_ref_seq.align_id                      1 
_struct_ref_seq.ref_id                        1 
_struct_ref_seq.pdbx_PDB_id_code              7WWZ 
_struct_ref_seq.pdbx_strand_id                A 
_struct_ref_seq.seq_align_beg                 1 
_struct_ref_seq.pdbx_seq_align_beg_ins_code   ? 
_struct_ref_seq.seq_align_end                 126 
_struct_ref_seq.pdbx_seq_align_end_ins_code   ? 
_struct_ref_seq.pdbx_db_accession             O60885 
_struct_ref_seq.db_align_beg                  43 
_struct_ref_seq.pdbx_db_align_beg_ins_code    ? 
_struct_ref_seq.db_align_end                  168 
_struct_ref_seq.pdbx_db_align_end_ins_code    ? 
_struct_ref_seq.pdbx_auth_seq_align_beg       43 
_struct_ref_seq.pdbx_auth_seq_align_end       168 
# 
_struct_ref_seq_dif.align_id                     1 
_struct_ref_seq_dif.pdbx_pdb_id_code             7WWZ 
_struct_ref_seq_dif.mon_id                       SER 
_struct_ref_seq_dif.pdbx_pdb_strand_id           A 
_struct_ref_seq_dif.seq_num                      1 
_struct_ref_seq_dif.pdbx_pdb_ins_code            ? 
_struct_ref_seq_dif.pdbx_seq_db_name             UNP 
_struct_ref_seq_dif.pdbx_seq_db_accession_code   O60885 
_struct_ref_seq_dif.db_mon_id                    THR 
_struct_ref_seq_dif.pdbx_seq_db_seq_num          43 
_struct_ref_seq_dif.details                      conflict 
_struct_ref_seq_dif.pdbx_auth_seq_num            43 
_struct_ref_seq_dif.pdbx_ordinal                 1 
# 
loop_
_chem_comp.id 
_chem_comp.type 
_chem_comp.mon_nstd_flag 
_chem_comp.name 
_chem_comp.pdbx_synonyms 
_chem_comp.formula 
_chem_comp.formula_weight 
7OW non-polymer         . '1,3-dimethyl-5-[2-(oxan-4-yl)-3-[2-(trifluoromethyloxy)ethyl]benzimidazol-5-yl]pyridin-2-one' ? 
'C22 H24 F3 N3 O3' 435.439 
ALA 'L-peptide linking' y ALANINE                                                                                        ? 
'C3 H7 N O2'       89.093  
ARG 'L-peptide linking' y ARGININE                                                                                       ? 
'C6 H15 N4 O2 1'   175.209 
ASN 'L-peptide linking' y ASPARAGINE                                                                                     ? 
'C4 H8 N2 O3'      132.118 
ASP 'L-peptide linking' y 'ASPARTIC ACID'                                                                                ? 
'C4 H7 N O4'       133.103 
CYS 'L-peptide linking' y CYSTEINE                                                                                       ? 
'C3 H7 N O2 S'     121.158 
GLN 'L-peptide linking' y GLUTAMINE                                                                                      ? 
'C5 H10 N2 O3'     146.144 
GLU 'L-peptide linking' y 'GLUTAMIC ACID'                                                                                ? 
'C5 H9 N O4'       147.129 
GLY 'peptide linking'   y GLYCINE                                                                                        ? 
'C2 H5 N O2'       75.067  
HIS 'L-peptide linking' y HISTIDINE                                                                                      ? 
'C6 H10 N3 O2 1'   156.162 
HOH non-polymer         . WATER                                                                                          ? 'H2 O' 
18.015  
ILE 'L-peptide linking' y ISOLEUCINE                                                                                     ? 
'C6 H13 N O2'      131.173 
LEU 'L-peptide linking' y LEUCINE                                                                                        ? 
'C6 H13 N O2'      131.173 
LYS 'L-peptide linking' y LYSINE                                                                                         ? 
'C6 H15 N2 O2 1'   147.195 
MET 'L-peptide linking' y METHIONINE                                                                                     ? 
'C5 H11 N O2 S'    149.211 
PHE 'L-peptide linking' y PHENYLALANINE                                                                                  ? 
'C9 H11 N O2'      165.189 
PRO 'L-peptide linking' y PROLINE                                                                                        ? 
'C5 H9 N O2'       115.130 
SER 'L-peptide linking' y SERINE                                                                                         ? 
'C3 H7 N O3'       105.093 
THR 'L-peptide linking' y THREONINE                                                                                      ? 
'C4 H9 N O3'       119.119 
TRP 'L-peptide linking' y TRYPTOPHAN                                                                                     ? 
'C11 H12 N2 O2'    204.225 
TYR 'L-peptide linking' y TYROSINE                                                                                       ? 
'C9 H11 N O3'      181.189 
VAL 'L-peptide linking' y VALINE                                                                                         ? 
'C5 H11 N O2'      117.146 
# 
_exptl.absorpt_coefficient_mu     ? 
_exptl.absorpt_correction_T_max   ? 
_exptl.absorpt_correction_T_min   ? 
_exptl.absorpt_correction_type    ? 
_exptl.absorpt_process_details    ? 
_exptl.entry_id                   7WWZ 
_exptl.crystals_number            1 
_exptl.details                    ? 
_exptl.method                     'X-RAY DIFFRACTION' 
_exptl.method_details             ? 
# 
_exptl_crystal.colour                      ? 
_exptl_crystal.density_diffrn              ? 
_exptl_crystal.density_Matthews            1.98 
_exptl_crystal.density_method              ? 
_exptl_crystal.density_percent_sol         37.97 
_exptl_crystal.description                 ? 
_exptl_crystal.F_000                       ? 
_exptl_crystal.id                          1 
_exptl_crystal.preparation                 ? 
_exptl_crystal.size_max                    ? 
_exptl_crystal.size_mid                    ? 
_exptl_crystal.size_min                    ? 
_exptl_crystal.size_rad                    ? 
_exptl_crystal.colour_lustre               ? 
_exptl_crystal.colour_modifier             ? 
_exptl_crystal.colour_primary              ? 
_exptl_crystal.density_meas                ? 
_exptl_crystal.density_meas_esd            ? 
_exptl_crystal.density_meas_gt             ? 
_exptl_crystal.density_meas_lt             ? 
_exptl_crystal.density_meas_temp           ? 
_exptl_crystal.density_meas_temp_esd       ? 
_exptl_crystal.density_meas_temp_gt        ? 
_exptl_crystal.density_meas_temp_lt        ? 
_exptl_crystal.pdbx_crystal_image_url      ? 
_exptl_crystal.pdbx_crystal_image_format   ? 
_exptl_crystal.pdbx_mosaicity              0.000 
_exptl_crystal.pdbx_mosaicity_esd          ? 
# 
_exptl_crystal_grow.apparatus       ? 
_exptl_crystal_grow.atmosphere      ? 
_exptl_crystal_grow.crystal_id      1 
_exptl_crystal_grow.details         ? 
_exptl_crystal_grow.method          EVAPORATION 
_exptl_crystal_grow.method_ref      ? 
_exptl_crystal_grow.pH              6.0 
_exptl_crystal_grow.pressure        ? 
_exptl_crystal_grow.pressure_esd    ? 
_exptl_crystal_grow.seeding         ? 
_exptl_crystal_grow.seeding_ref     ? 
_exptl_crystal_grow.temp            289 
_exptl_crystal_grow.temp_details    ? 
_exptl_crystal_grow.temp_esd        ? 
_exptl_crystal_grow.time            ? 
_exptl_crystal_grow.pdbx_details    'PEG3350, NaNO3, ethylene glycol' 
_exptl_crystal_grow.pdbx_pH_range   ? 
# 
_diffrn.ambient_environment              ? 
_diffrn.ambient_temp                     100 
_diffrn.ambient_temp_details             ? 
_diffrn.ambient_temp_esd                 ? 
_diffrn.crystal_id                       1 
_diffrn.crystal_support                  ? 
_diffrn.crystal_treatment                ? 
_diffrn.details                          ? 
_diffrn.id                               1 
_diffrn.ambient_pressure                 ? 
_diffrn.ambient_pressure_esd             ? 
_diffrn.ambient_pressure_gt              ? 
_diffrn.ambient_pressure_lt              ? 
_diffrn.ambient_temp_gt                  ? 
_diffrn.ambient_temp_lt                  ? 
_diffrn.pdbx_serial_crystal_experiment   N 
# 
_diffrn_detector.details                      ? 
_diffrn_detector.detector                     PIXEL 
_diffrn_detector.diffrn_id                    1 
_diffrn_detector.type                         'DECTRIS EIGER X 16M' 
_diffrn_detector.area_resol_mean              ? 
_diffrn_detector.dtime                        ? 
_diffrn_detector.pdbx_frames_total            ? 
_diffrn_detector.pdbx_collection_time_total   ? 
_diffrn_detector.pdbx_collection_date         2020-11-27 
_diffrn_detector.pdbx_frequency               ? 
# 
_diffrn_radiation.collimation                      ? 
_diffrn_radiation.diffrn_id                        1 
_diffrn_radiation.filter_edge                      ? 
_diffrn_radiation.inhomogeneity                    ? 
_diffrn_radiation.monochromator                    ? 
_diffrn_radiation.polarisn_norm                    ? 
_diffrn_radiation.polarisn_ratio                   ? 
_diffrn_radiation.probe                            ? 
_diffrn_radiation.type                             ? 
_diffrn_radiation.xray_symbol                      ? 
_diffrn_radiation.wavelength_id                    1 
_diffrn_radiation.pdbx_monochromatic_or_laue_m_l   M 
_diffrn_radiation.pdbx_wavelength_list             ? 
_diffrn_radiation.pdbx_wavelength                  ? 
_diffrn_radiation.pdbx_diffrn_protocol             'SINGLE WAVELENGTH' 
_diffrn_radiation.pdbx_analyzer                    ? 
_diffrn_radiation.pdbx_scattering_type             x-ray 
# 
_diffrn_radiation_wavelength.id           1 
_diffrn_radiation_wavelength.wavelength   0.97919 
_diffrn_radiation_wavelength.wt           1.0 
# 
_diffrn_source.current                     ? 
_diffrn_source.details                     ? 
_diffrn_source.diffrn_id                   1 
_diffrn_source.power                       ? 
_diffrn_source.size                        ? 
_diffrn_source.source                      SYNCHROTRON 
_diffrn_source.target                      ? 
_diffrn_source.type                        'SSRF BEAMLINE BL17U' 
_diffrn_source.voltage                     ? 
_diffrn_source.take-off_angle              ? 
_diffrn_source.pdbx_wavelength_list        0.97919 
_diffrn_source.pdbx_wavelength             ? 
_diffrn_source.pdbx_synchrotron_beamline   BL17U 
_diffrn_source.pdbx_synchrotron_site       SSRF 
# 
_reflns.B_iso_Wilson_estimate                          ? 
_reflns.entry_id                                       7WWZ 
_reflns.data_reduction_details                         ? 
_reflns.data_reduction_method                          ? 
_reflns.d_resolution_high                              1.160 
_reflns.d_resolution_low                               34.660 
_reflns.details                                        ? 
_reflns.limit_h_max                                    ? 
_reflns.limit_h_min                                    ? 
_reflns.limit_k_max                                    ? 
_reflns.limit_k_min                                    ? 
_reflns.limit_l_max                                    ? 
_reflns.limit_l_min                                    ? 
_reflns.number_all                                     ? 
_reflns.number_obs                                     32252 
_reflns.observed_criterion                             ? 
_reflns.observed_criterion_F_max                       ? 
_reflns.observed_criterion_F_min                       ? 
_reflns.observed_criterion_I_max                       ? 
_reflns.observed_criterion_I_min                       ? 
_reflns.observed_criterion_sigma_F                     ? 
_reflns.observed_criterion_sigma_I                     ? 
_reflns.percent_possible_obs                           77.600 
_reflns.R_free_details                                 ? 
_reflns.Rmerge_F_all                                   ? 
_reflns.Rmerge_F_obs                                   ? 
_reflns.Friedel_coverage                               ? 
_reflns.number_gt                                      ? 
_reflns.threshold_expression                           ? 
_reflns.pdbx_redundancy                                8.000 
_reflns.pdbx_Rmerge_I_obs                              0.041 
_reflns.pdbx_Rmerge_I_all                              ? 
_reflns.pdbx_Rsym_value                                ? 
_reflns.pdbx_netI_over_av_sigmaI                       ? 
_reflns.pdbx_netI_over_sigmaI                          30.500 
_reflns.pdbx_res_netI_over_av_sigmaI_2                 ? 
_reflns.pdbx_res_netI_over_sigmaI_2                    ? 
_reflns.pdbx_chi_squared                               ? 
_reflns.pdbx_scaling_rejects                           ? 
_reflns.pdbx_d_res_high_opt                            ? 
_reflns.pdbx_d_res_low_opt                             ? 
_reflns.pdbx_d_res_opt_method                          ? 
_reflns.phase_calculation_details                      ? 
_reflns.pdbx_Rrim_I_all                                0.044 
_reflns.pdbx_Rpim_I_all                                0.016 
_reflns.pdbx_d_opt                                     ? 
_reflns.pdbx_number_measured_all                       ? 
_reflns.pdbx_diffrn_id                                 1 
_reflns.pdbx_ordinal                                   1 
_reflns.pdbx_CC_half                                   0.999 
_reflns.pdbx_CC_star                                   ? 
_reflns.pdbx_R_split                                   ? 
_reflns.pdbx_aniso_diffraction_limit_axis_1_ortho[1]   ? 
_reflns.pdbx_aniso_diffraction_limit_axis_1_ortho[2]   ? 
_reflns.pdbx_aniso_diffraction_limit_axis_1_ortho[3]   ? 
_reflns.pdbx_aniso_diffraction_limit_axis_2_ortho[1]   ? 
_reflns.pdbx_aniso_diffraction_limit_axis_2_ortho[2]   ? 
_reflns.pdbx_aniso_diffraction_limit_axis_2_ortho[3]   ? 
_reflns.pdbx_aniso_diffraction_limit_axis_3_ortho[1]   ? 
_reflns.pdbx_aniso_diffraction_limit_axis_3_ortho[2]   ? 
_reflns.pdbx_aniso_diffraction_limit_axis_3_ortho[3]   ? 
_reflns.pdbx_aniso_diffraction_limit_1                 ? 
_reflns.pdbx_aniso_diffraction_limit_2                 ? 
_reflns.pdbx_aniso_diffraction_limit_3                 ? 
_reflns.pdbx_aniso_B_tensor_eigenvector_1_ortho[1]     ? 
_reflns.pdbx_aniso_B_tensor_eigenvector_1_ortho[2]     ? 
_reflns.pdbx_aniso_B_tensor_eigenvector_1_ortho[3]     ? 
_reflns.pdbx_aniso_B_tensor_eigenvector_2_ortho[1]     ? 
_reflns.pdbx_aniso_B_tensor_eigenvector_2_ortho[2]     ? 
_reflns.pdbx_aniso_B_tensor_eigenvector_2_ortho[3]     ? 
_reflns.pdbx_aniso_B_tensor_eigenvector_3_ortho[1]     ? 
_reflns.pdbx_aniso_B_tensor_eigenvector_3_ortho[2]     ? 
_reflns.pdbx_aniso_B_tensor_eigenvector_3_ortho[3]     ? 
_reflns.pdbx_aniso_B_tensor_eigenvalue_1               ? 
_reflns.pdbx_aniso_B_tensor_eigenvalue_2               ? 
_reflns.pdbx_aniso_B_tensor_eigenvalue_3               ? 
_reflns.pdbx_orthogonalization_convention              ? 
_reflns.pdbx_percent_possible_ellipsoidal              ? 
_reflns.pdbx_percent_possible_spherical                ? 
_reflns.pdbx_percent_possible_ellipsoidal_anomalous    ? 
_reflns.pdbx_percent_possible_spherical_anomalous      ? 
_reflns.pdbx_redundancy_anomalous                      ? 
_reflns.pdbx_CC_half_anomalous                         ? 
_reflns.pdbx_absDiff_over_sigma_anomalous              ? 
_reflns.pdbx_percent_possible_anomalous                ? 
_reflns.pdbx_observed_signal_threshold                 ? 
_reflns.pdbx_signal_type                               ? 
_reflns.pdbx_signal_details                            ? 
_reflns.pdbx_signal_software_id                        ? 
# 
loop_
_reflns_shell.d_res_high 
_reflns_shell.d_res_low 
_reflns_shell.meanI_over_sigI_all 
_reflns_shell.meanI_over_sigI_obs 
_reflns_shell.number_measured_all 
_reflns_shell.number_measured_obs 
_reflns_shell.number_possible 
_reflns_shell.number_unique_all 
_reflns_shell.number_unique_obs 
_reflns_shell.percent_possible_all 
_reflns_shell.percent_possible_obs 
_reflns_shell.Rmerge_F_all 
_reflns_shell.Rmerge_F_obs 
_reflns_shell.Rmerge_I_all 
_reflns_shell.Rmerge_I_obs 
_reflns_shell.meanI_over_sigI_gt 
_reflns_shell.meanI_over_uI_all 
_reflns_shell.meanI_over_uI_gt 
_reflns_shell.number_measured_gt 
_reflns_shell.number_unique_gt 
_reflns_shell.percent_possible_gt 
_reflns_shell.Rmerge_F_gt 
_reflns_shell.Rmerge_I_gt 
_reflns_shell.pdbx_redundancy 
_reflns_shell.pdbx_Rsym_value 
_reflns_shell.pdbx_chi_squared 
_reflns_shell.pdbx_netI_over_sigmaI_all 
_reflns_shell.pdbx_netI_over_sigmaI_obs 
_reflns_shell.pdbx_Rrim_I_all 
_reflns_shell.pdbx_Rpim_I_all 
_reflns_shell.pdbx_rejects 
_reflns_shell.pdbx_ordinal 
_reflns_shell.pdbx_diffrn_id 
_reflns_shell.pdbx_CC_half 
_reflns_shell.pdbx_CC_star 
_reflns_shell.pdbx_R_split 
_reflns_shell.pdbx_percent_possible_ellipsoidal 
_reflns_shell.pdbx_percent_possible_spherical 
_reflns_shell.pdbx_percent_possible_ellipsoidal_anomalous 
_reflns_shell.pdbx_percent_possible_spherical_anomalous 
_reflns_shell.pdbx_redundancy_anomalous 
_reflns_shell.pdbx_CC_half_anomalous 
_reflns_shell.pdbx_absDiff_over_sigma_anomalous 
_reflns_shell.pdbx_percent_possible_anomalous 
1.160 1.200  ? ? 507  ? ? ? 286 9.200  ? ? ? ? 0.126 ? ? ? ? ? ? ? ? 1.800 ? ? ? 3.100  0.177 0.125 ? 1 1 0.927 ? ? ? ? ? ? ? ? ? 
? 
5.070 34.640 ? ? 2398 ? ? ? 560 95.500 ? ? ? ? 0.014 ? ? ? ? ? ? ? ? 4.300 ? ? ? 68.200 0.017 0.010 ? 2 1 0.997 ? ? ? ? ? ? ? ? ? 
? 
# 
_refine.aniso_B[1][1]                            -0.3000 
_refine.aniso_B[1][2]                            -0.0000 
_refine.aniso_B[1][3]                            0.0000 
_refine.aniso_B[2][2]                            0.3400 
_refine.aniso_B[2][3]                            -0.0000 
_refine.aniso_B[3][3]                            -0.0400 
_refine.B_iso_max                                67.600 
_refine.B_iso_mean                               12.2930 
_refine.B_iso_min                                3.070 
_refine.correlation_coeff_Fo_to_Fc               0.9550 
_refine.correlation_coeff_Fo_to_Fc_free          0.9460 
_refine.details                                  'U VALUES      : REFINED INDIVIDUALLY' 
_refine.diff_density_max                         ? 
_refine.diff_density_max_esd                     ? 
_refine.diff_density_min                         ? 
_refine.diff_density_min_esd                     ? 
_refine.diff_density_rms                         ? 
_refine.diff_density_rms_esd                     ? 
_refine.entry_id                                 7WWZ 
_refine.pdbx_refine_id                           'X-RAY DIFFRACTION' 
_refine.ls_abs_structure_details                 ? 
_refine.ls_abs_structure_Flack                   ? 
_refine.ls_abs_structure_Flack_esd               ? 
_refine.ls_abs_structure_Rogers                  ? 
_refine.ls_abs_structure_Rogers_esd              ? 
_refine.ls_d_res_high                            1.1600 
_refine.ls_d_res_low                             34.6600 
_refine.ls_extinction_coef                       ? 
_refine.ls_extinction_coef_esd                   ? 
_refine.ls_extinction_expression                 ? 
_refine.ls_extinction_method                     ? 
_refine.ls_goodness_of_fit_all                   ? 
_refine.ls_goodness_of_fit_all_esd               ? 
_refine.ls_goodness_of_fit_obs                   ? 
_refine.ls_goodness_of_fit_obs_esd               ? 
_refine.ls_hydrogen_treatment                    ? 
_refine.ls_matrix_type                           ? 
_refine.ls_number_constraints                    ? 
_refine.ls_number_parameters                     ? 
_refine.ls_number_reflns_all                     ? 
_refine.ls_number_reflns_obs                     30671 
_refine.ls_number_reflns_R_free                  1529 
_refine.ls_number_reflns_R_work                  ? 
_refine.ls_number_restraints                     ? 
_refine.ls_percent_reflns_obs                    77.6900 
_refine.ls_percent_reflns_R_free                 4.7000 
_refine.ls_R_factor_all                          ? 
_refine.ls_R_factor_obs                          0.1758 
_refine.ls_R_factor_R_free                       0.1913 
_refine.ls_R_factor_R_free_error                 ? 
_refine.ls_R_factor_R_free_error_details         ? 
_refine.ls_R_factor_R_work                       0.1750 
_refine.ls_R_Fsqd_factor_obs                     ? 
_refine.ls_R_I_factor_obs                        ? 
_refine.ls_redundancy_reflns_all                 ? 
_refine.ls_redundancy_reflns_obs                 ? 
_refine.ls_restrained_S_all                      ? 
_refine.ls_restrained_S_obs                      ? 
_refine.ls_shift_over_esd_max                    ? 
_refine.ls_shift_over_esd_mean                   ? 
_refine.ls_structure_factor_coef                 ? 
_refine.ls_weighting_details                     ? 
_refine.ls_weighting_scheme                      ? 
_refine.ls_wR_factor_all                         ? 
_refine.ls_wR_factor_obs                         ? 
_refine.ls_wR_factor_R_free                      ? 
_refine.ls_wR_factor_R_work                      ? 
_refine.occupancy_max                            ? 
_refine.occupancy_min                            ? 
_refine.solvent_model_details                    MASK 
_refine.solvent_model_param_bsol                 ? 
_refine.solvent_model_param_ksol                 ? 
_refine.pdbx_R_complete                          ? 
_refine.ls_R_factor_gt                           ? 
_refine.ls_goodness_of_fit_gt                    ? 
_refine.ls_goodness_of_fit_ref                   ? 
_refine.ls_shift_over_su_max                     ? 
_refine.ls_shift_over_su_max_lt                  ? 
_refine.ls_shift_over_su_mean                    ? 
_refine.ls_shift_over_su_mean_lt                 ? 
_refine.pdbx_ls_sigma_I                          ? 
_refine.pdbx_ls_sigma_F                          0.000 
_refine.pdbx_ls_sigma_Fsqd                       ? 
_refine.pdbx_data_cutoff_high_absF               ? 
_refine.pdbx_data_cutoff_high_rms_absF           ? 
_refine.pdbx_data_cutoff_low_absF                ? 
_refine.pdbx_isotropic_thermal_model             ? 
_refine.pdbx_ls_cross_valid_method               THROUGHOUT 
_refine.pdbx_method_to_determine_struct          'MOLECULAR REPLACEMENT' 
_refine.pdbx_starting_model                      3MXF 
_refine.pdbx_stereochemistry_target_values       'MAXIMUM LIKELIHOOD' 
_refine.pdbx_R_Free_selection_details            RANDOM 
_refine.pdbx_stereochem_target_val_spec_case     ? 
_refine.pdbx_overall_ESU_R                       0.0500 
_refine.pdbx_overall_ESU_R_Free                  0.0500 
_refine.pdbx_solvent_vdw_probe_radii             1.2000 
_refine.pdbx_solvent_ion_probe_radii             0.8000 
_refine.pdbx_solvent_shrinkage_radii             0.8000 
_refine.pdbx_real_space_R                        ? 
_refine.pdbx_density_correlation                 ? 
_refine.pdbx_pd_number_of_powder_patterns        ? 
_refine.pdbx_pd_number_of_points                 ? 
_refine.pdbx_pd_meas_number_of_points            ? 
_refine.pdbx_pd_proc_ls_prof_R_factor            ? 
_refine.pdbx_pd_proc_ls_prof_wR_factor           ? 
_refine.pdbx_pd_Marquardt_correlation_coeff      ? 
_refine.pdbx_pd_Fsqrd_R_factor                   ? 
_refine.pdbx_pd_ls_matrix_band_width             ? 
_refine.pdbx_overall_phase_error                 ? 
_refine.pdbx_overall_SU_R_free_Cruickshank_DPI   ? 
_refine.pdbx_overall_SU_R_free_Blow_DPI          ? 
_refine.pdbx_overall_SU_R_Blow_DPI               ? 
_refine.pdbx_TLS_residual_ADP_flag               ? 
_refine.pdbx_diffrn_id                           1 
_refine.overall_SU_B                             0.5100 
_refine.overall_SU_ML                            0.0240 
_refine.overall_SU_R_Cruickshank_DPI             ? 
_refine.overall_SU_R_free                        ? 
_refine.overall_FOM_free_R_set                   ? 
_refine.overall_FOM_work_R_set                   ? 
_refine.pdbx_average_fsc_overall                 ? 
_refine.pdbx_average_fsc_work                    ? 
_refine.pdbx_average_fsc_free                    ? 
# 
_refine_hist.pdbx_refine_id                   'X-RAY DIFFRACTION' 
_refine_hist.cycle_id                         final 
_refine_hist.details                          ? 
_refine_hist.d_res_high                       1.1600 
_refine_hist.d_res_low                        34.6600 
_refine_hist.number_atoms_solvent             154 
_refine_hist.number_atoms_total               1239 
_refine_hist.number_reflns_all                ? 
_refine_hist.number_reflns_obs                ? 
_refine_hist.number_reflns_R_free             ? 
_refine_hist.number_reflns_R_work             ? 
_refine_hist.R_factor_all                     ? 
_refine_hist.R_factor_obs                     ? 
_refine_hist.R_factor_R_free                  ? 
_refine_hist.R_factor_R_work                  ? 
_refine_hist.pdbx_number_residues_total       126 
_refine_hist.pdbx_B_iso_mean_ligand           8.68 
_refine_hist.pdbx_B_iso_mean_solvent          22.02 
_refine_hist.pdbx_number_atoms_protein        1054 
_refine_hist.pdbx_number_atoms_nucleic_acid   0 
_refine_hist.pdbx_number_atoms_ligand         31 
_refine_hist.pdbx_number_atoms_lipid          ? 
_refine_hist.pdbx_number_atoms_carb           ? 
_refine_hist.pdbx_pseudo_atom_details         ? 
# 
loop_
_refine_ls_restr.pdbx_refine_id 
_refine_ls_restr.criterion 
_refine_ls_restr.dev_ideal 
_refine_ls_restr.dev_ideal_target 
_refine_ls_restr.number 
_refine_ls_restr.rejects 
_refine_ls_restr.type 
_refine_ls_restr.weight 
_refine_ls_restr.pdbx_restraint_function 
'X-RAY DIFFRACTION' ? 0.011  0.012  1130 ? r_bond_refined_d       ? ? 
'X-RAY DIFFRACTION' ? 1.871  1.660  1542 ? r_angle_refined_deg    ? ? 
'X-RAY DIFFRACTION' ? 6.268  5.000  125  ? r_dihedral_angle_1_deg ? ? 
'X-RAY DIFFRACTION' ? 38.649 25.172 58   ? r_dihedral_angle_2_deg ? ? 
'X-RAY DIFFRACTION' ? 12.703 15.000 201  ? r_dihedral_angle_3_deg ? ? 
'X-RAY DIFFRACTION' ? 24.463 15.000 3    ? r_dihedral_angle_4_deg ? ? 
'X-RAY DIFFRACTION' ? 0.111  0.200  144  ? r_chiral_restr         ? ? 
'X-RAY DIFFRACTION' ? 0.016  0.020  864  ? r_gen_planes_refined   ? ? 
# 
_refine_ls_shell.pdbx_refine_id                   'X-RAY DIFFRACTION' 
_refine_ls_shell.d_res_high                       1.1650 
_refine_ls_shell.d_res_low                        1.1950 
_refine_ls_shell.number_reflns_all                260 
_refine_ls_shell.number_reflns_obs                ? 
_refine_ls_shell.number_reflns_R_free             15 
_refine_ls_shell.number_reflns_R_work             245 
_refine_ls_shell.percent_reflns_obs               8.6200 
_refine_ls_shell.percent_reflns_R_free            ? 
_refine_ls_shell.R_factor_all                     ? 
_refine_ls_shell.R_factor_obs                     ? 
_refine_ls_shell.R_factor_R_free                  0.1940 
_refine_ls_shell.R_factor_R_free_error            0.0000 
_refine_ls_shell.R_factor_R_work                  0.1700 
_refine_ls_shell.redundancy_reflns_all            ? 
_refine_ls_shell.redundancy_reflns_obs            ? 
_refine_ls_shell.wR_factor_all                    ? 
_refine_ls_shell.wR_factor_obs                    ? 
_refine_ls_shell.wR_factor_R_free                 ? 
_refine_ls_shell.wR_factor_R_work                 ? 
_refine_ls_shell.pdbx_R_complete                  ? 
_refine_ls_shell.pdbx_total_number_of_bins_used   20 
_refine_ls_shell.pdbx_phase_error                 ? 
_refine_ls_shell.pdbx_fsc_work                    ? 
_refine_ls_shell.pdbx_fsc_free                    ? 
# 
_struct.entry_id                     7WWZ 
_struct.title                        'BRD4-BD1 complexed with NEO2734' 
_struct.pdbx_model_details           ? 
_struct.pdbx_formula_weight          ? 
_struct.pdbx_formula_weight_method   ? 
_struct.pdbx_model_type_details      ? 
_struct.pdbx_CASP_flag               N 
# 
_struct_keywords.entry_id        7WWZ 
_struct_keywords.text            'BRD4, Bromodomain, NEO2734, Complex, STRUCTURAL PROTEIN' 
_struct_keywords.pdbx_keywords   'STRUCTURAL PROTEIN' 
# 
loop_
_struct_asym.id 
_struct_asym.pdbx_blank_PDB_chainid_flag 
_struct_asym.pdbx_modified 
_struct_asym.entity_id 
_struct_asym.details 
A N N 1 ? 
B N N 2 ? 
C N N 3 ? 
# 
loop_
_struct_conf.conf_type_id 
_struct_conf.id 
_struct_conf.pdbx_PDB_helix_id 
_struct_conf.beg_label_comp_id 
_struct_conf.beg_label_asym_id 
_struct_conf.beg_label_seq_id 
_struct_conf.pdbx_beg_PDB_ins_code 
_struct_conf.end_label_comp_id 
_struct_conf.end_label_asym_id 
_struct_conf.end_label_seq_id 
_struct_conf.pdbx_end_PDB_ins_code 
_struct_conf.beg_auth_comp_id 
_struct_conf.beg_auth_asym_id 
_struct_conf.beg_auth_seq_id 
_struct_conf.end_auth_comp_id 
_struct_conf.end_auth_asym_id 
_struct_conf.end_auth_seq_id 
_struct_conf.pdbx_PDB_helix_class 
_struct_conf.details 
_struct_conf.pdbx_PDB_helix_length 
HELX_P HELX_P1 AA1 THR A 18  ? VAL A 27  ? THR A 60  VAL A 69  1 ? 10 
HELX_P HELX_P2 AA2 VAL A 27  ? LYS A 34  ? VAL A 69  LYS A 76  1 ? 8  
HELX_P HELX_P3 AA3 ALA A 38  ? GLN A 42  ? ALA A 80  GLN A 84  5 ? 5  
HELX_P HELX_P4 AA4 ASP A 46  ? ASN A 51  ? ASP A 88  ASN A 93  1 ? 6  
HELX_P HELX_P5 AA5 ASP A 54  ? ILE A 59  ? ASP A 96  ILE A 101 1 ? 6  
HELX_P HELX_P6 AA6 ASP A 64  ? ASN A 74  ? ASP A 106 ASN A 116 1 ? 11 
HELX_P HELX_P7 AA7 ASN A 79  ? ASN A 98  ? ASN A 121 ASN A 140 1 ? 20 
HELX_P HELX_P8 AA8 ASP A 102 ? GLU A 121 ? ASP A 144 GLU A 163 1 ? 20 
# 
_struct_conf_type.id          HELX_P 
_struct_conf_type.criteria    ? 
_struct_conf_type.reference   ? 
# 
_atom_sites.entry_id                    7WWZ 
_atom_sites.Cartn_transf_matrix[1][1]   ? 
_atom_sites.Cartn_transf_matrix[1][2]   ? 
_atom_sites.Cartn_transf_matrix[1][3]   ? 
_atom_sites.Cartn_transf_matrix[2][1]   ? 
_atom_sites.Cartn_transf_matrix[2][2]   ? 
_atom_sites.Cartn_transf_matrix[2][3]   ? 
_atom_sites.Cartn_transf_matrix[3][1]   ? 
_atom_sites.Cartn_transf_matrix[3][2]   ? 
_atom_sites.Cartn_transf_matrix[3][3]   ? 
_atom_sites.Cartn_transf_vector[1]      ? 
_atom_sites.Cartn_transf_vector[2]      ? 
_atom_sites.Cartn_transf_vector[3]      ? 
_atom_sites.fract_transf_matrix[1][1]   -0.00129211 
_atom_sites.fract_transf_matrix[1][2]   0.02327718 
_atom_sites.fract_transf_matrix[1][3]   -0.00499922 
_atom_sites.fract_transf_matrix[2][1]   0.02167409 
_atom_sites.fract_transf_matrix[2][2]   0.00115533 
_atom_sites.fract_transf_matrix[2][3]   -0.00022254 
_atom_sites.fract_transf_matrix[3][1]   0.00001873 
_atom_sites.fract_transf_matrix[3][2]   -0.00341666 
_atom_sites.fract_transf_matrix[3][3]   -0.01591334 
_atom_sites.fract_transf_vector[1]      -0.348371 
_atom_sites.fract_transf_vector[2]      -0.147410 
_atom_sites.fract_transf_vector[3]      0.188695 
_atom_sites.solution_primary            ? 
_atom_sites.solution_secondary          ? 
_atom_sites.solution_hydrogens          ? 
_atom_sites.special_details             ? 
# 
loop_
_atom_type.symbol 
C 
F 
N 
O 
S 
# 
loop_
_atom_site.group_PDB 
_atom_site.id 
_atom_site.type_symbol 
_atom_site.label_atom_id 
_atom_site.label_alt_id 
_atom_site.label_comp_id 
_atom_site.label_asym_id 
_atom_site.label_entity_id 
_atom_site.label_seq_id 
_atom_site.pdbx_PDB_ins_code 
_atom_site.Cartn_x 
_atom_site.Cartn_y 
_atom_site.Cartn_z 
_atom_site.occupancy 
_atom_site.B_iso_or_equiv 
_atom_site.pdbx_formal_charge 
_atom_site.auth_seq_id 
_atom_site.auth_comp_id 
_atom_site.auth_asym_id 
_atom_site.auth_atom_id 
_atom_site.pdbx_PDB_model_num 
ATOM   1    N N   . SER A 1 1   ? -5.543  21.310  -4.866  1.00 13.86 ? 43  SER A N   1 
ATOM   2    C CA  . SER A 1 1   ? -4.326  20.824  -4.181  1.00 12.43 ? 43  SER A CA  1 
ATOM   3    C C   . SER A 1 1   ? -4.477  19.346  -3.854  1.00 9.72  ? 43  SER A C   1 
ATOM   4    O O   . SER A 1 1   ? -5.556  18.770  -3.882  1.00 11.52 ? 43  SER A O   1 
ATOM   5    C CB  . SER A 1 1   ? -4.170  21.507  -2.885  1.00 15.12 ? 43  SER A CB  1 
ATOM   6    O OG  . SER A 1 1   ? -3.967  22.916  -3.042  1.00 24.76 ? 43  SER A OG  1 
ATOM   7    N N   . ASN A 1 2   ? -3.350  18.703  -3.538  1.00 8.81  ? 44  ASN A N   1 
ATOM   8    C CA  . ASN A 1 2   ? -3.336  17.364  -2.986  1.00 8.89  ? 44  ASN A CA  1 
ATOM   9    C C   . ASN A 1 2   ? -3.755  17.385  -1.519  1.00 9.14  ? 44  ASN A C   1 
ATOM   10   O O   . ASN A 1 2   ? -3.495  18.365  -0.813  1.00 8.88  ? 44  ASN A O   1 
ATOM   11   C CB  . ASN A 1 2   ? -1.946  16.731  -3.065  1.00 9.44  ? 44  ASN A CB  1 
ATOM   12   C CG  . ASN A 1 2   ? -1.536  16.371  -4.467  1.00 8.82  ? 44  ASN A CG  1 
ATOM   13   O OD1 . ASN A 1 2   ? -2.337  15.870  -5.247  1.00 10.37 ? 44  ASN A OD1 1 
ATOM   14   N ND2 . ASN A 1 2   ? -0.283  16.658  -4.765  1.00 9.63  ? 44  ASN A ND2 1 
ATOM   15   N N   . PRO A 1 3   ? -4.394  16.316  -0.998  1.00 8.08  ? 45  PRO A N   1 
ATOM   16   C CA  . PRO A 1 3   ? -4.651  16.197  0.428   1.00 8.56  ? 45  PRO A CA  1 
ATOM   17   C C   . PRO A 1 3   ? -3.343  15.917  1.154   1.00 8.34  ? 45  PRO A C   1 
ATOM   18   O O   . PRO A 1 3   ? -2.385  15.445  0.531   1.00 8.71  ? 45  PRO A O   1 
ATOM   19   C CB  . PRO A 1 3   ? -5.585  14.953  0.496   1.00 8.88  ? 45  PRO A CB  1 
ATOM   20   C CG  . PRO A 1 3   ? -5.076  14.106  -0.671  1.00 9.62  ? 45  PRO A CG  1 
ATOM   21   C CD  . PRO A 1 3   ? -4.759  15.109  -1.774  1.00 9.37  ? 45  PRO A CD  1 
ATOM   22   N N   . PRO A 1 4   ? -3.305  16.080  2.492   1.00 7.88  ? 46  PRO A N   1 
ATOM   23   C CA  . PRO A 1 4   ? -2.171  15.566  3.265   1.00 8.94  ? 46  PRO A CA  1 
ATOM   24   C C   . PRO A 1 4   ? -2.107  14.058  3.044   1.00 8.83  ? 46  PRO A C   1 
ATOM   25   O O   . PRO A 1 4   ? -3.132  13.407  2.793   1.00 9.82  ? 46  PRO A O   1 
ATOM   26   C CB  . PRO A 1 4   ? -2.514  15.882  4.712   1.00 9.80  ? 46  PRO A CB  1 
ATOM   27   C CG  . PRO A 1 4   ? -3.998  16.158  4.700   1.00 11.66 ? 46  PRO A CG  1 
ATOM   28   C CD  . PRO A 1 4   ? -4.384  16.636  3.326   1.00 9.32  ? 46  PRO A CD  1 
ATOM   29   N N   . PRO A 1 5   ? -0.892  13.468  3.065   1.00 8.89  ? 47  PRO A N   1 
ATOM   30   C CA  . PRO A 1 5   ? -0.758  12.018  2.902   1.00 8.96  ? 47  PRO A CA  1 
ATOM   31   C C   . PRO A 1 5   ? -1.309  11.273  4.110   1.00 8.27  ? 47  PRO A C   1 
ATOM   32   O O   . PRO A 1 5   ? -1.535  11.866  5.180   1.00 8.76  ? 47  PRO A O   1 
ATOM   33   C CB  . PRO A 1 5   ? 0.751   11.820  2.790   1.00 10.50 ? 47  PRO A CB  1 
ATOM   34   C CG  . PRO A 1 5   ? 1.306   12.960  3.622   1.00 10.68 ? 47  PRO A CG  1 
ATOM   35   C CD  . PRO A 1 5   ? 0.382   14.146  3.339   1.00 9.52  ? 47  PRO A CD  1 
ATOM   36   N N   . PRO A 1 6   ? -1.484  9.940   4.051   1.00 7.94  ? 48  PRO A N   1 
ATOM   37   C CA  . PRO A 1 6   ? -1.903  9.192   5.242   1.00 8.00  ? 48  PRO A CA  1 
ATOM   38   C C   . PRO A 1 6   ? -0.825  9.301   6.329   1.00 8.04  ? 48  PRO A C   1 
ATOM   39   O O   . PRO A 1 6   ? 0.365   9.255   6.063   1.00 8.93  ? 48  PRO A O   1 
ATOM   40   C CB  . PRO A 1 6   ? -2.065  7.748   4.744   1.00 7.71  ? 48  PRO A CB  1 
ATOM   41   C CG  . PRO A 1 6   ? -2.193  7.870   3.221   1.00 8.11  ? 48  PRO A CG  1 
ATOM   42   C CD  . PRO A 1 6   ? -1.348  9.071   2.848   1.00 7.98  ? 48  PRO A CD  1 
ATOM   43   N N   . GLU A 1 7   ? -1.271  9.367   7.587   1.00 7.71  ? 49  GLU A N   1 
ATOM   44   C CA  . GLU A 1 7   ? -0.285  9.472   8.658   1.00 7.34  ? 49  GLU A CA  1 
ATOM   45   C C   . GLU A 1 7   ? 0.558   8.199   8.770   1.00 7.12  ? 49  GLU A C   1 
ATOM   46   O O   . GLU A 1 7   ? 0.110   7.090   8.464   1.00 7.28  ? 49  GLU A O   1 
ATOM   47   C CB  . GLU A 1 7   ? -0.964  9.728   10.013  1.00 8.61  ? 49  GLU A CB  1 
ATOM   48   C CG  . GLU A 1 7   ? -1.902  8.619   10.474  1.00 9.39  ? 49  GLU A CG  1 
ATOM   49   C CD  . GLU A 1 7   ? -2.495  8.794   11.877  1.00 9.74  ? 49  GLU A CD  1 
ATOM   50   O OE1 . GLU A 1 7   ? -2.351  9.864   12.466  1.00 11.55 ? 49  GLU A OE1 1 
ATOM   51   O OE2 . GLU A 1 7   ? -3.034  7.817   12.413  1.00 11.42 ? 49  GLU A OE2 1 
ATOM   52   N N   . THR A 1 8   ? 1.796   8.376   9.217   1.00 7.08  ? 50  THR A N   1 
ATOM   53   C CA  . THR A 1 8   ? 2.725   7.272   9.448   1.00 7.23  ? 50  THR A CA  1 
ATOM   54   C C   . THR A 1 8   ? 3.238   7.191   10.893  1.00 7.12  ? 50  THR A C   1 
ATOM   55   O O   . THR A 1 8   ? 3.955   6.231   11.220  1.00 7.44  ? 50  THR A O   1 
ATOM   56   C CB  . THR A 1 8   ? 3.899   7.283   8.469   1.00 8.52  ? 50  THR A CB  1 
ATOM   57   O OG1 . THR A 1 8   ? 4.687   8.448   8.730   1.00 10.92 ? 50  THR A OG1 1 
ATOM   58   C CG2 . THR A 1 8   ? 3.456   7.257   7.023   1.00 9.39  ? 50  THR A CG2 1 
ATOM   59   N N   . SER A 1 9   ? 2.874   8.169   11.735  1.00 7.12  ? 51  SER A N   1 
ATOM   60   C CA  . SER A 1 9   ? 3.321   8.214   13.130  1.00 6.93  ? 51  SER A CA  1 
ATOM   61   C C   . SER A 1 9   ? 2.229   8.922   13.911  1.00 6.47  ? 51  SER A C   1 
ATOM   62   O O   . SER A 1 9   ? 1.781   10.021  13.506  1.00 7.90  ? 51  SER A O   1 
ATOM   63   C CB  A SER A 1 9   ? 4.654   8.926   13.206  0.50 9.62  ? 51  SER A CB  1 
ATOM   64   C CB  B SER A 1 9   ? 4.664   8.950   13.227  0.50 5.24  ? 51  SER A CB  1 
ATOM   65   O OG  A SER A 1 9   ? 5.663   8.135   12.590  0.50 16.96 ? 51  SER A OG  1 
ATOM   66   O OG  B SER A 1 9   ? 5.186   8.907   14.562  0.50 3.07  ? 51  SER A OG  1 
ATOM   67   N N   . ASN A 1 10  ? 1.804   8.358   15.035  1.00 6.47  ? 52  ASN A N   1 
ATOM   68   C CA  . ASN A 1 10  ? 0.748   8.956   15.837  1.00 7.20  ? 52  ASN A CA  1 
ATOM   69   C C   . ASN A 1 10  ? 0.960   8.501   17.275  1.00 7.23  ? 52  ASN A C   1 
ATOM   70   O O   . ASN A 1 10  ? 0.845   7.326   17.559  1.00 6.87  ? 52  ASN A O   1 
ATOM   71   C CB  . ASN A 1 10  ? -0.657  8.518   15.359  1.00 8.78  ? 52  ASN A CB  1 
ATOM   72   C CG  . ASN A 1 10  ? -1.764  9.228   16.093  1.00 11.47 ? 52  ASN A CG  1 
ATOM   73   O OD1 . ASN A 1 10  ? -1.674  9.532   17.277  1.00 11.26 ? 52  ASN A OD1 1 
ATOM   74   N ND2 . ASN A 1 10  ? -2.789  9.631   15.368  1.00 15.88 ? 52  ASN A ND2 1 
ATOM   75   N N   . PRO A 1 11  ? 1.300   9.397   18.227  1.00 7.85  ? 53  PRO A N   1 
ATOM   76   C CA  . PRO A 1 11  ? 1.599   8.969   19.598  1.00 8.99  ? 53  PRO A CA  1 
ATOM   77   C C   . PRO A 1 11  ? 0.403   8.355   20.323  1.00 10.21 ? 53  PRO A C   1 
ATOM   78   O O   . PRO A 1 11  ? 0.592   7.560   21.261  1.00 12.13 ? 53  PRO A O   1 
ATOM   79   C CB  . PRO A 1 11  ? 2.073   10.263  20.281  1.00 9.23  ? 53  PRO A CB  1 
ATOM   80   C CG  . PRO A 1 11  ? 1.454   11.364  19.477  1.00 12.22 ? 53  PRO A CG  1 
ATOM   81   C CD  . PRO A 1 11  ? 1.485   10.851  18.051  1.00 9.09  ? 53  PRO A CD  1 
ATOM   82   N N   . ASN A 1 12  ? -0.794  8.680   19.855  1.00 9.51  ? 54  ASN A N   1 
ATOM   83   C CA  . ASN A 1 12  ? -1.986  8.138   20.509  1.00 11.32 ? 54  ASN A CA  1 
ATOM   84   C C   . ASN A 1 12  ? -2.372  6.747   20.031  1.00 10.06 ? 54  ASN A C   1 
ATOM   85   O O   . ASN A 1 12  ? -3.280  6.152   20.631  1.00 13.30 ? 54  ASN A O   1 
ATOM   86   C CB  . ASN A 1 12  ? -3.197  9.035   20.254  1.00 13.76 ? 54  ASN A CB  1 
ATOM   87   C CG  . ASN A 1 12  ? -2.901  10.414  20.800  1.00 20.16 ? 54  ASN A CG  1 
ATOM   88   O OD1 . ASN A 1 12  ? -2.735  10.550  22.010  1.00 24.87 ? 54  ASN A OD1 1 
ATOM   89   N ND2 . ASN A 1 12  ? -2.709  11.378  19.917  1.00 25.13 ? 54  ASN A ND2 1 
ATOM   90   N N   . LYS A 1 13  ? -1.723  6.194   19.017  1.00 8.40  ? 55  LYS A N   1 
ATOM   91   C CA  . LYS A 1 13  ? -2.109  4.907   18.470  1.00 7.32  ? 55  LYS A CA  1 
ATOM   92   C C   . LYS A 1 13  ? -1.081  3.863   18.943  1.00 6.81  ? 55  LYS A C   1 
ATOM   93   O O   . LYS A 1 13  ? 0.119   3.908   18.574  1.00 7.05  ? 55  LYS A O   1 
ATOM   94   C CB  . LYS A 1 13  ? -2.102  4.989   16.949  1.00 7.64  ? 55  LYS A CB  1 
ATOM   95   C CG  . LYS A 1 13  ? -2.581  3.680   16.314  1.00 7.06  ? 55  LYS A CG  1 
ATOM   96   C CD  . LYS A 1 13  ? -2.547  3.680   14.785  1.00 7.95  ? 55  LYS A CD  1 
ATOM   97   C CE  . LYS A 1 13  ? -3.135  2.446   14.099  1.00 8.48  ? 55  LYS A CE  1 
ATOM   98   N NZ  . LYS A 1 13  ? -2.373  1.215   14.450  1.00 8.48  ? 55  LYS A NZ  1 
ATOM   99   N N   . PRO A 1 14  ? -1.471  2.849   19.745  1.00 6.79  ? 56  PRO A N   1 
ATOM   100  C CA  . PRO A 1 14  ? -0.514  1.836   20.229  1.00 7.33  ? 56  PRO A CA  1 
ATOM   101  C C   . PRO A 1 14  ? 0.024   0.994   19.065  1.00 6.63  ? 56  PRO A C   1 
ATOM   102  O O   . PRO A 1 14  ? -0.588  0.902   17.987  1.00 7.23  ? 56  PRO A O   1 
ATOM   103  C CB  . PRO A 1 14  ? -1.317  0.966   21.216  1.00 8.60  ? 56  PRO A CB  1 
ATOM   104  C CG  . PRO A 1 14  ? -2.760  1.248   20.857  1.00 12.68 ? 56  PRO A CG  1 
ATOM   105  C CD  . PRO A 1 14  ? -2.821  2.655   20.316  1.00 8.57  ? 56  PRO A CD  1 
ATOM   106  N N   . LYS A 1 15  ? 1.177   0.366   19.281  1.00 6.38  ? 57  LYS A N   1 
ATOM   107  C CA  . LYS A 1 15  ? 1.928   -0.296  18.224  1.00 6.44  ? 57  LYS A CA  1 
ATOM   108  C C   . LYS A 1 15  ? 2.692   -1.473  18.801  1.00 6.82  ? 57  LYS A C   1 
ATOM   109  O O   . LYS A 1 15  ? 2.994   -1.482  19.996  1.00 6.90  ? 57  LYS A O   1 
ATOM   110  C CB  . LYS A 1 15  ? 2.885   0.682   17.527  1.00 6.41  ? 57  LYS A CB  1 
ATOM   111  C CG  . LYS A 1 15  ? 3.907   1.372   18.452  1.00 6.52  ? 57  LYS A CG  1 
ATOM   112  C CD  . LYS A 1 15  ? 3.426   2.712   19.014  1.00 7.12  ? 57  LYS A CD  1 
ATOM   113  C CE  . LYS A 1 15  ? 3.465   3.785   17.943  1.00 7.09  ? 57  LYS A CE  1 
ATOM   114  N NZ  . LYS A 1 15  ? 2.717   4.992   18.384  1.00 7.59  ? 57  LYS A NZ  1 
ATOM   115  N N   . ARG A 1 16  ? 3.052   -2.438  17.938  1.00 7.74  ? 58  ARG A N   1 
ATOM   116  C CA  . ARG A 1 16  ? 3.918   -3.533  18.387  1.00 8.88  ? 58  ARG A CA  1 
ATOM   117  C C   . ARG A 1 16  ? 4.749   -4.021  17.195  1.00 9.27  ? 58  ARG A C   1 
ATOM   118  O O   . ARG A 1 16  ? 4.529   -3.614  16.066  1.00 12.04 ? 58  ARG A O   1 
ATOM   119  C CB  . ARG A 1 16  ? 3.071   -4.624  19.093  1.00 11.64 ? 58  ARG A CB  1 
ATOM   120  C CG  . ARG A 1 16  ? 2.190   -5.418  18.150  1.00 11.19 ? 58  ARG A CG  1 
ATOM   121  C CD  . ARG A 1 16  ? 1.439   -6.490  18.925  1.00 10.60 ? 58  ARG A CD  1 
ATOM   122  N NE  . ARG A 1 16  ? 0.571   -7.037  17.947  1.00 11.87 ? 58  ARG A NE  1 
ATOM   123  C CZ  . ARG A 1 16  ? -0.120  -8.147  18.078  1.00 12.53 ? 58  ARG A CZ  1 
ATOM   124  N NH1 . ARG A 1 16  ? -0.031  -8.850  19.190  1.00 14.12 ? 58  ARG A NH1 1 
ATOM   125  N NH2 . ARG A 1 16  ? -0.920  -8.567  17.107  1.00 14.19 ? 58  ARG A NH2 1 
ATOM   126  N N   . GLN A 1 17  ? 5.730   -4.879  17.479  1.00 10.70 ? 59  GLN A N   1 
ATOM   127  C CA  . GLN A 1 17  ? 6.459   -5.593  16.442  1.00 11.77 ? 59  GLN A CA  1 
ATOM   128  C C   . GLN A 1 17  ? 6.123   -7.073  16.586  1.00 12.04 ? 59  GLN A C   1 
ATOM   129  O O   . GLN A 1 17  ? 6.064   -7.620  17.684  1.00 14.59 ? 59  GLN A O   1 
ATOM   130  C CB  . GLN A 1 17  ? 7.964   -5.401  16.642  1.00 14.18 ? 59  GLN A CB  1 
ATOM   131  C CG  . GLN A 1 17  ? 8.764   -5.937  15.456  1.00 16.99 ? 59  GLN A CG  1 
ATOM   132  C CD  . GLN A 1 17  ? 8.493   -5.172  14.174  1.00 20.62 ? 59  GLN A CD  1 
ATOM   133  O OE1 . GLN A 1 17  ? 7.498   -5.408  13.452  1.00 23.13 ? 59  GLN A OE1 1 
ATOM   134  N NE2 . GLN A 1 17  ? 9.359   -4.207  13.896  1.00 24.10 ? 59  GLN A NE2 1 
ATOM   135  N N   . THR A 1 18  ? 5.834   -7.745  15.456  1.00 10.18 ? 60  THR A N   1 
ATOM   136  C CA  . THR A 1 18  ? 5.613   -9.182  15.464  1.00 10.58 ? 60  THR A CA  1 
ATOM   137  C C   . THR A 1 18  ? 6.390   -9.749  14.279  1.00 9.99  ? 60  THR A C   1 
ATOM   138  O O   . THR A 1 18  ? 6.801   -9.059  13.367  1.00 9.25  ? 60  THR A O   1 
ATOM   139  C CB  . THR A 1 18  ? 4.124   -9.545  15.316  1.00 11.64 ? 60  THR A CB  1 
ATOM   140  O OG1 . THR A 1 18  ? 3.709   -9.206  13.979  1.00 12.04 ? 60  THR A OG1 1 
ATOM   141  C CG2 . THR A 1 18  ? 3.211   -8.864  16.311  1.00 13.27 ? 60  THR A CG2 1 
ATOM   142  N N   . ASN A 1 19  ? 6.565   -11.071 14.288  1.00 10.92 ? 61  ASN A N   1 
ATOM   143  C CA  . ASN A 1 19  ? 7.252   -11.726 13.179  1.00 10.76 ? 61  ASN A CA  1 
ATOM   144  C C   . ASN A 1 19  ? 6.449   -11.559 11.884  1.00 9.65  ? 61  ASN A C   1 
ATOM   145  O O   . ASN A 1 19  ? 7.061   -11.521 10.822  1.00 8.76  ? 61  ASN A O   1 
ATOM   146  C CB  . ASN A 1 19  ? 7.543   -13.189 13.516  1.00 12.92 ? 61  ASN A CB  1 
ATOM   147  C CG  . ASN A 1 19  ? 6.297   -14.021 13.620  1.00 14.97 ? 61  ASN A CG  1 
ATOM   148  O OD1 . ASN A 1 19  ? 5.348   -13.666 14.333  1.00 18.56 ? 61  ASN A OD1 1 
ATOM   149  N ND2 . ASN A 1 19  ? 6.319   -15.184 12.966  1.00 18.41 ? 61  ASN A ND2 1 
ATOM   150  N N   . GLN A 1 20  ? 5.123   -11.527 11.961  1.00 9.32  ? 62  GLN A N   1 
ATOM   151  C CA  . GLN A 1 20  ? 4.335   -11.311 10.745  1.00 9.32  ? 62  GLN A CA  1 
ATOM   152  C C   . GLN A 1 20  ? 4.525   -9.908  10.173  1.00 8.07  ? 62  GLN A C   1 
ATOM   153  O O   . GLN A 1 20  ? 4.649   -9.756  8.963   1.00 7.68  ? 62  GLN A O   1 
ATOM   154  C CB  . GLN A 1 20  ? 2.853   -11.590 10.997  1.00 10.94 ? 62  GLN A CB  1 
ATOM   155  C CG  . GLN A 1 20  ? 2.581   -13.068 11.304  1.00 14.85 ? 62  GLN A CG  1 
ATOM   156  C CD  . GLN A 1 20  ? 1.098   -13.344 11.384  1.00 18.63 ? 62  GLN A CD  1 
ATOM   157  O OE1 . GLN A 1 20  ? 0.283   -12.459 11.653  1.00 23.09 ? 62  GLN A OE1 1 
ATOM   158  N NE2 . GLN A 1 20  ? 0.733   -14.586 11.150  1.00 15.23 ? 62  GLN A NE2 1 
ATOM   159  N N   . LEU A 1 21  ? 4.576   -8.883  11.034  1.00 7.88  ? 63  LEU A N   1 
ATOM   160  C CA  . LEU A 1 21  ? 4.879   -7.548  10.544  1.00 7.83  ? 63  LEU A CA  1 
ATOM   161  C C   . LEU A 1 21  ? 6.284   -7.443  9.963   1.00 7.43  ? 63  LEU A C   1 
ATOM   162  O O   . LEU A 1 21  ? 6.500   -6.776  8.967   1.00 7.52  ? 63  LEU A O   1 
ATOM   163  C CB  . LEU A 1 21  ? 4.669   -6.509  11.660  1.00 7.86  ? 63  LEU A CB  1 
ATOM   164  C CG  . LEU A 1 21  ? 3.196   -6.190  11.944  1.00 7.94  ? 63  LEU A CG  1 
ATOM   165  C CD1 . LEU A 1 21  ? 3.003   -5.531  13.323  1.00 10.00 ? 63  LEU A CD1 1 
ATOM   166  C CD2 . LEU A 1 21  ? 2.570   -5.318  10.834  1.00 9.17  ? 63  LEU A CD2 1 
ATOM   167  N N   . GLN A 1 22  ? 7.247   -8.153  10.583  1.00 7.82  ? 64  GLN A N   1 
ATOM   168  C CA  . GLN A 1 22  ? 8.608   -8.107  10.037  1.00 8.44  ? 64  GLN A CA  1 
ATOM   169  C C   . GLN A 1 22  ? 8.670   -8.793  8.660   1.00 7.27  ? 64  GLN A C   1 
ATOM   170  O O   . GLN A 1 22  ? 9.376   -8.338  7.754   1.00 8.06  ? 64  GLN A O   1 
ATOM   171  C CB  . GLN A 1 22  ? 9.608   -8.753  11.005  1.00 9.56  ? 64  GLN A CB  1 
ATOM   172  C CG  . GLN A 1 22  ? 9.691   -8.010  12.341  1.00 13.26 ? 64  GLN A CG  1 
ATOM   173  C CD  . GLN A 1 22  ? 10.981  -8.155  13.111  1.00 20.69 ? 64  GLN A CD  1 
ATOM   174  O OE1 . GLN A 1 22  ? 12.007  -7.668  12.682  1.00 22.70 ? 64  GLN A OE1 1 
ATOM   175  N NE2 . GLN A 1 22  ? 10.902  -8.785  14.264  1.00 24.30 ? 64  GLN A NE2 1 
ATOM   176  N N   . TYR A 1 23  ? 7.914   -9.887  8.497   1.00 7.24  ? 65  TYR A N   1 
ATOM   177  C CA  . TYR A 1 23  ? 7.811   -10.534 7.195   1.00 7.37  ? 65  TYR A CA  1 
ATOM   178  C C   . TYR A 1 23  ? 7.134   -9.613  6.169   1.00 7.02  ? 65  TYR A C   1 
ATOM   179  O O   . TYR A 1 23  ? 7.530   -9.599  4.983   1.00 7.35  ? 65  TYR A O   1 
ATOM   180  C CB  . TYR A 1 23  ? 7.020   -11.818 7.381   1.00 8.18  ? 65  TYR A CB  1 
ATOM   181  C CG  . TYR A 1 23  ? 6.740   -12.560 6.083   1.00 8.24  ? 65  TYR A CG  1 
ATOM   182  C CD1 . TYR A 1 23  ? 7.610   -13.547 5.606   1.00 9.20  ? 65  TYR A CD1 1 
ATOM   183  C CD2 . TYR A 1 23  ? 5.570   -12.320 5.362   1.00 9.70  ? 65  TYR A CD2 1 
ATOM   184  C CE1 . TYR A 1 23  ? 7.291   -14.253 4.431   1.00 10.08 ? 65  TYR A CE1 1 
ATOM   185  C CE2 . TYR A 1 23  ? 5.255   -12.993 4.187   1.00 9.70  ? 65  TYR A CE2 1 
ATOM   186  C CZ  . TYR A 1 23  ? 6.140   -13.953 3.726   1.00 10.03 ? 65  TYR A CZ  1 
ATOM   187  O OH  . TYR A 1 23  ? 5.863   -14.671 2.560   1.00 11.42 ? 65  TYR A OH  1 
ATOM   188  N N   . LEU A 1 24  ? 6.095   -8.871  6.607   1.00 6.57  ? 66  LEU A N   1 
ATOM   189  C CA  . LEU A 1 24  ? 5.449   -7.926  5.686   1.00 7.03  ? 66  LEU A CA  1 
ATOM   190  C C   . LEU A 1 24  ? 6.448   -6.869  5.198   1.00 7.11  ? 66  LEU A C   1 
ATOM   191  O O   . LEU A 1 24  ? 6.346   -6.422  4.042   1.00 8.11  ? 66  LEU A O   1 
ATOM   192  C CB  . LEU A 1 24  ? 4.236   -7.277  6.371   1.00 8.04  ? 66  LEU A CB  1 
ATOM   193  C CG  . LEU A 1 24  ? 2.986   -8.176  6.324   1.00 8.20  ? 66  LEU A CG  1 
ATOM   194  C CD1 . LEU A 1 24  ? 1.991   -7.835  7.435   1.00 9.76  ? 66  LEU A CD1 1 
ATOM   195  C CD2 . LEU A 1 24  ? 2.318   -8.068  4.959   1.00 11.47 ? 66  LEU A CD2 1 
ATOM   196  N N   . LEU A 1 25  ? 7.396   -6.433  6.039   1.00 6.84  ? 67  LEU A N   1 
ATOM   197  C CA  . LEU A 1 25  ? 8.388   -5.456  5.591   1.00 7.23  ? 67  LEU A CA  1 
ATOM   198  C C   . LEU A 1 25  ? 9.488   -6.107  4.739   1.00 7.19  ? 67  LEU A C   1 
ATOM   199  O O   . LEU A 1 25  ? 9.794   -5.621  3.661   1.00 8.72  ? 67  LEU A O   1 
ATOM   200  C CB  . LEU A 1 25  ? 8.997   -4.784  6.814   1.00 8.21  ? 67  LEU A CB  1 
ATOM   201  C CG  . LEU A 1 25  ? 10.085  -3.752  6.506   1.00 9.84  ? 67  LEU A CG  1 
ATOM   202  C CD1 . LEU A 1 25  ? 9.596   -2.637  5.577   1.00 9.82  ? 67  LEU A CD1 1 
ATOM   203  C CD2 . LEU A 1 25  ? 10.625  -3.205  7.839   1.00 12.54 ? 67  LEU A CD2 1 
ATOM   204  N N   . ARG A 1 26  ? 10.113  -7.183  5.262   1.00 7.18  ? 68  ARG A N   1 
ATOM   205  C CA  . ARG A 1 26  ? 11.340  -7.703  4.647   1.00 7.40  ? 68  ARG A CA  1 
ATOM   206  C C   . ARG A 1 26  ? 11.072  -8.602  3.448   1.00 7.86  ? 68  ARG A C   1 
ATOM   207  O O   . ARG A 1 26  ? 12.019  -8.844  2.668   1.00 8.28  ? 68  ARG A O   1 
ATOM   208  C CB  . ARG A 1 26  ? 12.152  -8.479  5.689   1.00 8.84  ? 68  ARG A CB  1 
ATOM   209  C CG  . ARG A 1 26  ? 12.720  -7.566  6.782   1.00 10.83 ? 68  ARG A CG  1 
ATOM   210  C CD  . ARG A 1 26  ? 13.631  -8.455  7.620   1.00 18.52 ? 68  ARG A CD  1 
ATOM   211  N NE  . ARG A 1 26  ? 14.348  -7.752  8.695   1.00 22.13 ? 68  ARG A NE  1 
ATOM   212  C CZ  . ARG A 1 26  ? 14.340  -8.110  9.979   1.00 22.23 ? 68  ARG A CZ  1 
ATOM   213  N NH1 . ARG A 1 26  ? 13.617  -9.141  10.378  1.00 27.36 ? 68  ARG A NH1 1 
ATOM   214  N NH2 . ARG A 1 26  ? 15.013  -7.382  10.854  1.00 26.52 ? 68  ARG A NH2 1 
ATOM   215  N N   . VAL A 1 27  ? 9.855   -9.145  3.326   1.00 7.16  ? 69  VAL A N   1 
ATOM   216  C CA  . VAL A 1 27  ? 9.528   -10.080 2.242   1.00 7.65  ? 69  VAL A CA  1 
ATOM   217  C C   . VAL A 1 27  ? 8.436   -9.501  1.345   1.00 7.84  ? 69  VAL A C   1 
ATOM   218  O O   . VAL A 1 27  ? 8.636   -9.392  0.130   1.00 8.59  ? 69  VAL A O   1 
ATOM   219  C CB  . VAL A 1 27  ? 9.148   -11.488 2.744   1.00 6.99  ? 69  VAL A CB  1 
ATOM   220  C CG1 . VAL A 1 27  ? 8.793   -12.401 1.569   1.00 8.93  ? 69  VAL A CG1 1 
ATOM   221  C CG2 . VAL A 1 27  ? 10.335  -12.042 3.546   1.00 8.16  ? 69  VAL A CG2 1 
ATOM   222  N N   . VAL A 1 28  ? 7.254   -9.160  1.914   1.00 8.17  ? 70  VAL A N   1 
ATOM   223  C CA  . VAL A 1 28  ? 6.117   -8.777  1.050   1.00 8.20  ? 70  VAL A CA  1 
ATOM   224  C C   . VAL A 1 28  ? 6.364   -7.388  0.436   1.00 7.87  ? 70  VAL A C   1 
ATOM   225  O O   . VAL A 1 28  ? 6.423   -7.244  -0.815  1.00 8.57  ? 70  VAL A O   1 
ATOM   226  C CB  . VAL A 1 28  ? 4.808   -8.788  1.862   1.00 8.19  ? 70  VAL A CB  1 
ATOM   227  C CG1 . VAL A 1 28  ? 3.616   -8.369  0.983   1.00 9.56  ? 70  VAL A CG1 1 
ATOM   228  C CG2 . VAL A 1 28  ? 4.555   -10.176 2.445   1.00 9.85  ? 70  VAL A CG2 1 
ATOM   229  N N   . LEU A 1 29  ? 6.535   -6.366  1.281   1.00 7.51  ? 71  LEU A N   1 
ATOM   230  C CA  . LEU A 1 29  ? 6.775   -5.038  0.758   1.00 8.32  ? 71  LEU A CA  1 
ATOM   231  C C   . LEU A 1 29  ? 8.052   -5.051  -0.087  1.00 9.24  ? 71  LEU A C   1 
ATOM   232  O O   . LEU A 1 29  ? 8.062   -4.454  -1.173  1.00 8.93  ? 71  LEU A O   1 
ATOM   233  C CB  . LEU A 1 29  ? 6.879   -4.038  1.925   1.00 9.20  ? 71  LEU A CB  1 
ATOM   234  C CG  . LEU A 1 29  ? 7.101   -2.552  1.547   1.00 10.43 ? 71  LEU A CG  1 
ATOM   235  C CD1 . LEU A 1 29  ? 8.529   -2.083  1.271   1.00 12.76 ? 71  LEU A CD1 1 
ATOM   236  C CD2 . LEU A 1 29  ? 6.142   -1.978  0.550   1.00 13.11 ? 71  LEU A CD2 1 
ATOM   237  N N   . LYS A 1 30  ? 9.124   -5.717  0.401   1.00 8.84  ? 72  LYS A N   1 
ATOM   238  C CA  . LYS A 1 30  ? 10.407  -5.692  -0.301  1.00 9.74  ? 72  LYS A CA  1 
ATOM   239  C C   . LYS A 1 30  ? 10.250  -6.277  -1.708  1.00 9.61  ? 72  LYS A C   1 
ATOM   240  O O   . LYS A 1 30  ? 10.855  -5.745  -2.674  1.00 11.00 ? 72  LYS A O   1 
ATOM   241  C CB  A LYS A 1 30  ? 11.440  -6.443  0.543   0.50 10.78 ? 72  LYS A CB  1 
ATOM   242  C CB  B LYS A 1 30  ? 11.458  -6.441  0.517   0.50 9.99  ? 72  LYS A CB  1 
ATOM   243  C CG  A LYS A 1 30  ? 12.897  -6.280  0.105   0.50 11.87 ? 72  LYS A CG  1 
ATOM   244  C CG  B LYS A 1 30  ? 12.875  -6.380  -0.064  0.50 10.02 ? 72  LYS A CG  1 
ATOM   245  C CD  A LYS A 1 30  ? 13.912  -6.783  1.147   0.50 12.50 ? 72  LYS A CD  1 
ATOM   246  C CD  B LYS A 1 30  ? 13.966  -6.835  0.916   0.50 10.41 ? 72  LYS A CD  1 
ATOM   247  C CE  A LYS A 1 30  ? 13.860  -6.093  2.493   0.50 14.78 ? 72  LYS A CE  1 
ATOM   248  C CE  B LYS A 1 30  ? 14.133  -5.983  2.157   0.50 11.03 ? 72  LYS A CE  1 
ATOM   249  N NZ  A LYS A 1 30  ? 14.457  -4.736  2.440   0.50 15.56 ? 72  LYS A NZ  1 
ATOM   250  N NZ  B LYS A 1 30  ? 14.641  -4.617  1.860   0.50 10.64 ? 72  LYS A NZ  1 
ATOM   251  N N   . THR A 1 31  ? 9.515   -7.358  -1.889  1.00 8.78  ? 73  THR A N   1 
ATOM   252  C CA  . THR A 1 31  ? 9.322   -7.964  -3.201  1.00 9.20  ? 73  THR A CA  1 
ATOM   253  C C   . THR A 1 31  ? 8.579   -6.996  -4.110  1.00 8.68  ? 73  THR A C   1 
ATOM   254  O O   . THR A 1 31  ? 8.972   -6.793  -5.262  1.00 11.00 ? 73  THR A O   1 
ATOM   255  C CB  . THR A 1 31  ? 8.506   -9.256  -3.054  1.00 10.29 ? 73  THR A CB  1 
ATOM   256  O OG1 . THR A 1 31  ? 9.335   -10.210 -2.363  1.00 12.93 ? 73  THR A OG1 1 
ATOM   257  C CG2 . THR A 1 31  ? 8.059   -9.877  -4.372  1.00 13.18 ? 73  THR A CG2 1 
ATOM   258  N N   . LEU A 1 32  ? 7.488   -6.366  -3.635  1.00 7.69  ? 74  LEU A N   1 
ATOM   259  C CA  . LEU A 1 32  ? 6.738   -5.465  -4.504  1.00 7.49  ? 74  LEU A CA  1 
ATOM   260  C C   . LEU A 1 32  ? 7.513   -4.204  -4.808  1.00 7.60  ? 74  LEU A C   1 
ATOM   261  O O   . LEU A 1 32  ? 7.398   -3.678  -5.921  1.00 8.54  ? 74  LEU A O   1 
ATOM   262  C CB  . LEU A 1 32  ? 5.370   -5.155  -3.865  1.00 8.80  ? 74  LEU A CB  1 
ATOM   263  C CG  . LEU A 1 32  ? 4.242   -6.156  -4.145  1.00 12.24 ? 74  LEU A CG  1 
ATOM   264  C CD1 . LEU A 1 32  ? 4.508   -7.533  -3.576  1.00 14.39 ? 74  LEU A CD1 1 
ATOM   265  C CD2 . LEU A 1 32  ? 2.874   -5.616  -3.720  1.00 11.70 ? 74  LEU A CD2 1 
ATOM   266  N N   . TRP A 1 33  ? 8.231   -3.679  -3.818  1.00 7.35  ? 75  TRP A N   1 
ATOM   267  C CA  . TRP A 1 33  ? 8.920   -2.406  -3.911  1.00 8.45  ? 75  TRP A CA  1 
ATOM   268  C C   . TRP A 1 33  ? 9.976   -2.447  -5.011  1.00 8.70  ? 75  TRP A C   1 
ATOM   269  O O   . TRP A 1 33  ? 10.263  -1.405  -5.603  1.00 9.67  ? 75  TRP A O   1 
ATOM   270  C CB  . TRP A 1 33  ? 9.594   -2.099  -2.557  1.00 8.12  ? 75  TRP A CB  1 
ATOM   271  C CG  . TRP A 1 33  ? 10.194  -0.730  -2.443  1.00 7.96  ? 75  TRP A CG  1 
ATOM   272  C CD1 . TRP A 1 33  ? 11.498  -0.346  -2.632  1.00 9.40  ? 75  TRP A CD1 1 
ATOM   273  C CD2 . TRP A 1 33  ? 9.500   0.505   -2.157  1.00 7.94  ? 75  TRP A CD2 1 
ATOM   274  N NE1 . TRP A 1 33  ? 11.666  1.016   -2.502  1.00 9.97  ? 75  TRP A NE1 1 
ATOM   275  C CE2 . TRP A 1 33  ? 10.441  1.558   -2.184  1.00 8.75  ? 75  TRP A CE2 1 
ATOM   276  C CE3 . TRP A 1 33  ? 8.155   0.806   -1.817  1.00 8.07  ? 75  TRP A CE3 1 
ATOM   277  C CZ2 . TRP A 1 33  ? 10.089  2.873   -1.921  1.00 9.15  ? 75  TRP A CZ2 1 
ATOM   278  C CZ3 . TRP A 1 33  ? 7.818   2.126   -1.562  1.00 8.38  ? 75  TRP A CZ3 1 
ATOM   279  C CH2 . TRP A 1 33  ? 8.770   3.138   -1.595  1.00 8.59  ? 75  TRP A CH2 1 
ATOM   280  N N   . LYS A 1 34  ? 10.587  -3.621  -5.217  1.00 8.73  ? 76  LYS A N   1 
ATOM   281  C CA  . LYS A 1 34  ? 11.678  -3.795  -6.178  1.00 9.70  ? 76  LYS A CA  1 
ATOM   282  C C   . LYS A 1 34  ? 11.191  -4.240  -7.547  1.00 10.13 ? 76  LYS A C   1 
ATOM   283  O O   . LYS A 1 34  ? 12.003  -4.339  -8.485  1.00 12.51 ? 76  LYS A O   1 
ATOM   284  C CB  . LYS A 1 34  ? 12.798  -4.656  -5.552  1.00 12.15 ? 76  LYS A CB  1 
ATOM   285  C CG  . LYS A 1 34  ? 13.434  -4.025  -4.305  1.00 12.04 ? 76  LYS A CG  1 
ATOM   286  C CD  . LYS A 1 34  ? 14.498  -4.921  -3.706  1.00 13.82 ? 76  LYS A CD  1 
ATOM   287  C CE  . LYS A 1 34  ? 15.188  -4.441  -2.441  1.00 15.06 ? 76  LYS A CE  1 
ATOM   288  N NZ  . LYS A 1 34  ? 16.296  -5.355  -2.014  1.00 17.82 ? 76  LYS A NZ  1 
ATOM   289  N N   . HIS A 1 35  ? 9.901   -4.500  -7.703  1.00 9.28  ? 77  HIS A N   1 
ATOM   290  C CA  . HIS A 1 35  ? 9.339   -4.975  -8.962  1.00 9.01  ? 77  HIS A CA  1 
ATOM   291  C C   . HIS A 1 35  ? 9.404   -3.847  -10.004 1.00 8.49  ? 77  HIS A C   1 
ATOM   292  O O   . HIS A 1 35  ? 9.317   -2.661  -9.680  1.00 7.99  ? 77  HIS A O   1 
ATOM   293  C CB  . HIS A 1 35  ? 7.894   -5.410  -8.724  1.00 9.88  ? 77  HIS A CB  1 
ATOM   294  C CG  . HIS A 1 35  ? 7.270   -6.126  -9.871  1.00 10.56 ? 77  HIS A CG  1 
ATOM   295  N ND1 . HIS A 1 35  ? 6.696   -5.476  -10.961 1.00 9.68  ? 77  HIS A ND1 1 
ATOM   296  C CD2 . HIS A 1 35  ? 7.114   -7.467  -10.097 1.00 12.25 ? 77  HIS A CD2 1 
ATOM   297  C CE1 . HIS A 1 35  ? 6.183   -6.351  -11.807 1.00 10.83 ? 77  HIS A CE1 1 
ATOM   298  N NE2 . HIS A 1 35  ? 6.434   -7.608  -11.294 1.00 12.76 ? 77  HIS A NE2 1 
ATOM   299  N N   . GLN A 1 36  ? 9.537   -4.212  -11.293 1.00 7.95  ? 78  GLN A N   1 
ATOM   300  C CA  . GLN A 1 36  ? 9.608   -3.217  -12.362 1.00 7.35  ? 78  GLN A CA  1 
ATOM   301  C C   . GLN A 1 36  ? 8.425   -2.248  -12.349 1.00 7.49  ? 78  GLN A C   1 
ATOM   302  O O   . GLN A 1 36  ? 8.623   -1.097  -12.749 1.00 7.94  ? 78  GLN A O   1 
ATOM   303  C CB  . GLN A 1 36  ? 9.732   -3.840  -13.761 1.00 9.23  ? 78  GLN A CB  1 
ATOM   304  C CG  . GLN A 1 36  ? 8.584   -4.746  -14.175 1.00 12.63 ? 78  GLN A CG  1 
ATOM   305  C CD  . GLN A 1 36  ? 8.555   -5.051  -15.653 1.00 17.27 ? 78  GLN A CD  1 
ATOM   306  O OE1 . GLN A 1 36  ? 8.674   -4.161  -16.514 1.00 19.64 ? 78  GLN A OE1 1 
ATOM   307  N NE2 . GLN A 1 36  ? 8.323   -6.331  -15.932 1.00 20.13 ? 78  GLN A NE2 1 
ATOM   308  N N   . PHE A 1 37  ? 7.248   -2.706  -11.931 1.00 7.22  ? 79  PHE A N   1 
ATOM   309  C CA  . PHE A 1 37  ? 6.061   -1.847  -11.964 1.00 7.50  ? 79  PHE A CA  1 
ATOM   310  C C   . PHE A 1 37  ? 5.776   -1.219  -10.602 1.00 7.76  ? 79  PHE A C   1 
ATOM   311  O O   . PHE A 1 37  ? 4.684   -0.631  -10.413 1.00 7.83  ? 79  PHE A O   1 
ATOM   312  C CB  . PHE A 1 37  ? 4.827   -2.678  -12.346 1.00 9.02  ? 79  PHE A CB  1 
ATOM   313  C CG  . PHE A 1 37  ? 4.824   -3.215  -13.754 1.00 10.24 ? 79  PHE A CG  1 
ATOM   314  C CD1 . PHE A 1 37  ? 5.498   -2.569  -14.803 1.00 10.81 ? 79  PHE A CD1 1 
ATOM   315  C CD2 . PHE A 1 37  ? 4.144   -4.398  -14.026 1.00 10.63 ? 79  PHE A CD2 1 
ATOM   316  C CE1 . PHE A 1 37  ? 5.451   -3.071  -16.116 1.00 12.63 ? 79  PHE A CE1 1 
ATOM   317  C CE2 . PHE A 1 37  ? 4.103   -4.903  -15.324 1.00 13.42 ? 79  PHE A CE2 1 
ATOM   318  C CZ  . PHE A 1 37  ? 4.776   -4.266  -16.354 1.00 14.11 ? 79  PHE A CZ  1 
ATOM   319  N N   . ALA A 1 38  ? 6.751   -1.175  -9.680  1.00 6.85  ? 80  ALA A N   1 
ATOM   320  C CA  . ALA A 1 38  ? 6.448   -0.644  -8.352  1.00 7.09  ? 80  ALA A CA  1 
ATOM   321  C C   . ALA A 1 38  ? 6.166   0.863   -8.381  1.00 6.43  ? 80  ALA A C   1 
ATOM   322  O O   . ALA A 1 38  ? 5.474   1.384   -7.504  1.00 6.44  ? 80  ALA A O   1 
ATOM   323  C CB  . ALA A 1 38  ? 7.662   -0.845  -7.456  1.00 7.91  ? 80  ALA A CB  1 
ATOM   324  N N   . TRP A 1 39  ? 6.806   1.610   -9.295  1.00 6.17  ? 81  TRP A N   1 
ATOM   325  C CA  . TRP A 1 39  ? 7.015   3.034   -9.086  1.00 6.29  ? 81  TRP A CA  1 
ATOM   326  C C   . TRP A 1 39  ? 5.754   3.886   -9.083  1.00 6.37  ? 81  TRP A C   1 
ATOM   327  O O   . TRP A 1 39  ? 5.719   4.838   -8.286  1.00 6.96  ? 81  TRP A O   1 
ATOM   328  C CB  . TRP A 1 39  ? 8.123   3.589   -10.021 1.00 6.92  ? 81  TRP A CB  1 
ATOM   329  C CG  . TRP A 1 39  ? 7.814   3.455   -11.491 1.00 6.58  ? 81  TRP A CG  1 
ATOM   330  C CD1 . TRP A 1 39  ? 8.101   2.408   -12.334 1.00 6.92  ? 81  TRP A CD1 1 
ATOM   331  C CD2 . TRP A 1 39  ? 7.060   4.404   -12.237 1.00 6.51  ? 81  TRP A CD2 1 
ATOM   332  N NE1 . TRP A 1 39  ? 7.551   2.651   -13.563 1.00 6.83  ? 81  TRP A NE1 1 
ATOM   333  C CE2 . TRP A 1 39  ? 6.905   3.872   -13.550 1.00 6.45  ? 81  TRP A CE2 1 
ATOM   334  C CE3 . TRP A 1 39  ? 6.511   5.669   -11.945 1.00 6.66  ? 81  TRP A CE3 1 
ATOM   335  C CZ2 . TRP A 1 39  ? 6.217   4.551   -14.560 1.00 7.36  ? 81  TRP A CZ2 1 
ATOM   336  C CZ3 . TRP A 1 39  ? 5.817   6.323   -12.929 1.00 7.72  ? 81  TRP A CZ3 1 
ATOM   337  C CH2 . TRP A 1 39  ? 5.729   5.794   -14.224 1.00 8.22  ? 81  TRP A CH2 1 
ATOM   338  N N   . PRO A 1 40  ? 4.657   3.602   -9.827  1.00 5.75  ? 82  PRO A N   1 
ATOM   339  C CA  . PRO A 1 40  ? 3.445   4.419   -9.674  1.00 5.66  ? 82  PRO A CA  1 
ATOM   340  C C   . PRO A 1 40  ? 2.818   4.251   -8.291  1.00 6.09  ? 82  PRO A C   1 
ATOM   341  O O   . PRO A 1 40  ? 1.928   5.050   -7.978  1.00 7.02  ? 82  PRO A O   1 
ATOM   342  C CB  . PRO A 1 40  ? 2.517   3.901   -10.781 1.00 6.25  ? 82  PRO A CB  1 
ATOM   343  C CG  . PRO A 1 40  ? 3.442   3.269   -11.798 1.00 6.95  ? 82  PRO A CG  1 
ATOM   344  C CD  . PRO A 1 40  ? 4.506   2.606   -10.945 1.00 6.43  ? 82  PRO A CD  1 
ATOM   345  N N   . PHE A 1 41  ? 3.258   3.251   -7.517  1.00 6.20  ? 83  PHE A N   1 
ATOM   346  C CA  . PHE A 1 41  ? 2.642   2.903   -6.244  1.00 5.99  ? 83  PHE A CA  1 
ATOM   347  C C   . PHE A 1 41  ? 3.609   3.209   -5.102  1.00 6.05  ? 83  PHE A C   1 
ATOM   348  O O   . PHE A 1 41  ? 3.295   2.862   -3.957  1.00 6.56  ? 83  PHE A O   1 
ATOM   349  C CB  . PHE A 1 41  ? 2.293   1.399   -6.243  1.00 6.68  ? 83  PHE A CB  1 
ATOM   350  C CG  . PHE A 1 41  ? 1.354   1.015   -7.363  1.00 6.59  ? 83  PHE A CG  1 
ATOM   351  C CD1 . PHE A 1 41  ? -0.025  1.129   -7.223  1.00 7.87  ? 83  PHE A CD1 1 
ATOM   352  C CD2 . PHE A 1 41  ? 1.864   0.561   -8.583  1.00 8.09  ? 83  PHE A CD2 1 
ATOM   353  C CE1 . PHE A 1 41  ? -0.866  0.790   -8.278  1.00 9.15  ? 83  PHE A CE1 1 
ATOM   354  C CE2 . PHE A 1 41  ? 1.022   0.224   -9.645  1.00 8.76  ? 83  PHE A CE2 1 
ATOM   355  C CZ  . PHE A 1 41  ? -0.331  0.376   -9.485  1.00 9.21  ? 83  PHE A CZ  1 
ATOM   356  N N   . GLN A 1 42  ? 4.769   3.842   -5.355  1.00 5.87  ? 84  GLN A N   1 
ATOM   357  C CA  . GLN A 1 42  ? 5.773   4.048   -4.328  1.00 6.28  ? 84  GLN A CA  1 
ATOM   358  C C   . GLN A 1 42  ? 5.548   5.362   -3.565  1.00 6.30  ? 84  GLN A C   1 
ATOM   359  O O   . GLN A 1 42  ? 6.315   5.649   -2.643  1.00 7.23  ? 84  GLN A O   1 
ATOM   360  C CB  . GLN A 1 42  ? 7.184   4.068   -4.927  1.00 7.17  ? 84  GLN A CB  1 
ATOM   361  C CG  . GLN A 1 42  ? 7.712   2.670   -5.232  1.00 7.41  ? 84  GLN A CG  1 
ATOM   362  C CD  . GLN A 1 42  ? 9.064   2.683   -5.875  1.00 7.95  ? 84  GLN A CD  1 
ATOM   363  O OE1 . GLN A 1 42  ? 9.390   3.590   -6.665  1.00 10.29 ? 84  GLN A OE1 1 
ATOM   364  N NE2 . GLN A 1 42  ? 9.896   1.693   -5.567  1.00 8.98  ? 84  GLN A NE2 1 
ATOM   365  N N   . GLN A 1 43  ? 4.511   6.143   -3.873  1.00 6.25  ? 85  GLN A N   1 
ATOM   366  C CA  . GLN A 1 43  ? 4.234   7.410   -3.199  1.00 6.74  ? 85  GLN A CA  1 
ATOM   367  C C   . GLN A 1 43  ? 2.742   7.667   -3.379  1.00 6.11  ? 85  GLN A C   1 
ATOM   368  O O   . GLN A 1 43  ? 2.122   7.089   -4.274  1.00 6.17  ? 85  GLN A O   1 
ATOM   369  C CB  . GLN A 1 43  ? 5.084   8.547   -3.815  1.00 7.19  ? 85  GLN A CB  1 
ATOM   370  C CG  . GLN A 1 43  ? 4.789   8.812   -5.292  1.00 7.04  ? 85  GLN A CG  1 
ATOM   371  C CD  . GLN A 1 43  ? 5.327   7.763   -6.234  1.00 7.04  ? 85  GLN A CD  1 
ATOM   372  O OE1 . GLN A 1 43  ? 6.524   7.402   -6.186  1.00 7.73  ? 85  GLN A OE1 1 
ATOM   373  N NE2 . GLN A 1 43  ? 4.463   7.276   -7.129  1.00 7.18  ? 85  GLN A NE2 1 
ATOM   374  N N   . PRO A 1 44  ? 2.128   8.552   -2.575  1.00 6.30  ? 86  PRO A N   1 
ATOM   375  C CA  . PRO A 1 44  ? 0.714   8.881   -2.747  1.00 6.27  ? 86  PRO A CA  1 
ATOM   376  C C   . PRO A 1 44  ? 0.417   9.317   -4.172  1.00 6.70  ? 86  PRO A C   1 
ATOM   377  O O   . PRO A 1 44  ? 1.242   9.998   -4.806  1.00 6.73  ? 86  PRO A O   1 
ATOM   378  C CB  . PRO A 1 44  ? 0.522   10.059  -1.786  1.00 7.35  ? 86  PRO A CB  1 
ATOM   379  C CG  . PRO A 1 44  ? 1.521   9.728   -0.660  1.00 7.50  ? 86  PRO A CG  1 
ATOM   380  C CD  . PRO A 1 44  ? 2.744   9.148   -1.363  1.00 7.71  ? 86  PRO A CD  1 
ATOM   381  N N   . VAL A 1 45  ? -0.767  9.005   -4.664  1.00 7.07  ? 87  VAL A N   1 
ATOM   382  C CA  . VAL A 1 45  ? -1.167  9.540   -5.973  1.00 7.43  ? 87  VAL A CA  1 
ATOM   383  C C   . VAL A 1 45  ? -1.086  11.069  -5.952  1.00 6.99  ? 87  VAL A C   1 
ATOM   384  O O   . VAL A 1 45  ? -1.747  11.739  -5.153  1.00 7.48  ? 87  VAL A O   1 
ATOM   385  C CB  . VAL A 1 45  ? -2.579  9.055   -6.358  1.00 7.95  ? 87  VAL A CB  1 
ATOM   386  C CG1 . VAL A 1 45  ? -3.169  9.829   -7.538  1.00 9.46  ? 87  VAL A CG1 1 
ATOM   387  C CG2 . VAL A 1 45  ? -2.615  7.552   -6.601  1.00 9.13  ? 87  VAL A CG2 1 
ATOM   388  N N   . ASP A 1 46  ? -0.270  11.614  -6.856  1.00 7.71  ? 88  ASP A N   1 
ATOM   389  C CA  . ASP A 1 46  ? -0.046  13.055  -6.959  1.00 8.56  ? 88  ASP A CA  1 
ATOM   390  C C   . ASP A 1 46  ? -1.018  13.616  -7.985  1.00 8.50  ? 88  ASP A C   1 
ATOM   391  O O   . ASP A 1 46  ? -0.732  13.674  -9.181  1.00 8.46  ? 88  ASP A O   1 
ATOM   392  C CB  . ASP A 1 46  ? 1.417   13.353  -7.240  1.00 9.52  ? 88  ASP A CB  1 
ATOM   393  C CG  . ASP A 1 46  ? 1.765   14.832  -7.228  1.00 9.92  ? 88  ASP A CG  1 
ATOM   394  O OD1 . ASP A 1 46  ? 0.832   15.661  -7.299  1.00 10.85 ? 88  ASP A OD1 1 
ATOM   395  O OD2 . ASP A 1 46  ? 2.988   15.128  -7.165  1.00 11.60 ? 88  ASP A OD2 1 
ATOM   396  N N   . ALA A 1 47  ? -2.235  13.936  -7.517  1.00 8.84  ? 89  ALA A N   1 
ATOM   397  C CA  . ALA A 1 47  ? -3.313  14.320  -8.431  1.00 8.73  ? 89  ALA A CA  1 
ATOM   398  C C   . ALA A 1 47  ? -3.004  15.662  -9.099  1.00 8.84  ? 89  ALA A C   1 
ATOM   399  O O   . ALA A 1 47  ? -3.513  15.902  -10.209 1.00 9.87  ? 89  ALA A O   1 
ATOM   400  C CB  . ALA A 1 47  ? -4.645  14.325  -7.698  1.00 9.47  ? 89  ALA A CB  1 
ATOM   401  N N   . VAL A 1 48  ? -2.232  16.495  -8.433  1.00 8.60  ? 90  VAL A N   1 
ATOM   402  C CA  . VAL A 1 48  ? -1.809  17.771  -9.025  1.00 9.60  ? 90  VAL A CA  1 
ATOM   403  C C   . VAL A 1 48  ? -0.875  17.526  -10.213 1.00 9.76  ? 90  VAL A C   1 
ATOM   404  O O   . VAL A 1 48  ? -1.099  17.996  -11.330 1.00 10.16 ? 90  VAL A O   1 
ATOM   405  C CB  . VAL A 1 48  ? -1.178  18.689  -7.979  1.00 9.99  ? 90  VAL A CB  1 
ATOM   406  C CG1 . VAL A 1 48  ? -0.553  19.932  -8.610  1.00 11.65 ? 90  VAL A CG1 1 
ATOM   407  C CG2 . VAL A 1 48  ? -2.179  19.108  -6.903  1.00 10.80 ? 90  VAL A CG2 1 
ATOM   408  N N   . LYS A 1 49  ? 0.168   16.724  -9.991  1.00 9.08  ? 91  LYS A N   1 
ATOM   409  C CA  . LYS A 1 49  ? 1.120   16.447  -11.046 1.00 8.90  ? 91  LYS A CA  1 
ATOM   410  C C   . LYS A 1 49  ? 0.438   15.758  -12.216 1.00 8.98  ? 91  LYS A C   1 
ATOM   411  O O   . LYS A 1 49  ? 0.775   16.008  -13.386 1.00 10.13 ? 91  LYS A O   1 
ATOM   412  C CB  . LYS A 1 49  ? 2.277   15.600  -10.483 1.00 9.26  ? 91  LYS A CB  1 
ATOM   413  C CG  . LYS A 1 49  ? 3.322   15.167  -11.510 1.00 9.42  ? 91  LYS A CG  1 
ATOM   414  C CD  . LYS A 1 49  ? 4.399   14.285  -10.864 1.00 8.90  ? 91  LYS A CD  1 
ATOM   415  C CE  . LYS A 1 49  ? 5.488   13.944  -11.859 1.00 8.24  ? 91  LYS A CE  1 
ATOM   416  N NZ  . LYS A 1 49  ? 6.566   13.132  -11.231 1.00 8.22  ? 91  LYS A NZ  1 
ATOM   417  N N   . LEU A 1 50  ? -0.446  14.829  -11.923 1.00 8.70  ? 92  LEU A N   1 
ATOM   418  C CA  . LEU A 1 50  ? -1.102  14.012  -12.934 1.00 9.80  ? 92  LEU A CA  1 
ATOM   419  C C   . LEU A 1 50  ? -2.342  14.663  -13.554 1.00 10.06 ? 92  LEU A C   1 
ATOM   420  O O   . LEU A 1 50  ? -2.937  14.085  -14.475 1.00 12.00 ? 92  LEU A O   1 
ATOM   421  C CB  . LEU A 1 50  ? -1.454  12.646  -12.305 1.00 9.54  ? 92  LEU A CB  1 
ATOM   422  C CG  . LEU A 1 50  ? -0.255  11.835  -11.804 1.00 8.90  ? 92  LEU A CG  1 
ATOM   423  C CD1 . LEU A 1 50  ? -0.701  10.561  -11.058 1.00 10.49 ? 92  LEU A CD1 1 
ATOM   424  C CD2 . LEU A 1 50  ? 0.714   11.530  -12.971 1.00 11.54 ? 92  LEU A CD2 1 
ATOM   425  N N   . ASN A 1 51  ? -2.738  15.830  -13.061 1.00 10.99 ? 93  ASN A N   1 
ATOM   426  C CA  . ASN A 1 51  ? -3.923  16.523  -13.567 1.00 11.92 ? 93  ASN A CA  1 
ATOM   427  C C   . ASN A 1 51  ? -5.180  15.658  -13.411 1.00 11.78 ? 93  ASN A C   1 
ATOM   428  O O   . ASN A 1 51  ? -5.901  15.408  -14.373 1.00 13.81 ? 93  ASN A O   1 
ATOM   429  C CB  . ASN A 1 51  ? -3.783  17.011  -15.027 1.00 16.18 ? 93  ASN A CB  1 
ATOM   430  C CG  . ASN A 1 51  ? -4.820  18.068  -15.375 1.00 19.83 ? 93  ASN A CG  1 
ATOM   431  O OD1 . ASN A 1 51  ? -5.421  18.681  -14.491 1.00 22.97 ? 93  ASN A OD1 1 
ATOM   432  N ND2 . ASN A 1 51  ? -5.037  18.293  -16.665 1.00 22.74 ? 93  ASN A ND2 1 
ATOM   433  N N   . LEU A 1 52  ? -5.454  15.175  -12.182 1.00 10.78 ? 94  LEU A N   1 
ATOM   434  C CA  . LEU A 1 52  ? -6.625  14.337  -11.867 1.00 10.09 ? 94  LEU A CA  1 
ATOM   435  C C   . LEU A 1 52  ? -7.452  15.024  -10.792 1.00 11.63 ? 94  LEU A C   1 
ATOM   436  O O   . LEU A 1 52  ? -7.460  14.634  -9.624  1.00 10.29 ? 94  LEU A O   1 
ATOM   437  C CB  . LEU A 1 52  ? -6.165  12.976  -11.344 1.00 10.35 ? 94  LEU A CB  1 
ATOM   438  C CG  . LEU A 1 52  ? -5.237  12.180  -12.260 1.00 13.02 ? 94  LEU A CG  1 
ATOM   439  C CD1 . LEU A 1 52  ? -4.780  10.897  -11.587 1.00 14.52 ? 94  LEU A CD1 1 
ATOM   440  C CD2 . LEU A 1 52  ? -5.853  11.909  -13.629 1.00 14.79 ? 94  LEU A CD2 1 
ATOM   441  N N   . PRO A 1 53  ? -8.145  16.137  -11.136 1.00 12.12 ? 95  PRO A N   1 
ATOM   442  C CA  . PRO A 1 53  ? -8.861  16.900  -10.117 1.00 12.44 ? 95  PRO A CA  1 
ATOM   443  C C   . PRO A 1 53  ? -10.021 16.140  -9.473  1.00 10.68 ? 95  PRO A C   1 
ATOM   444  O O   . PRO A 1 53  ? -10.494 16.513  -8.415  1.00 12.61 ? 95  PRO A O   1 
ATOM   445  C CB  . PRO A 1 53  ? -9.325  18.175  -10.848 1.00 16.92 ? 95  PRO A CB  1 
ATOM   446  C CG  . PRO A 1 53  ? -9.262  17.824  -12.292 1.00 17.61 ? 95  PRO A CG  1 
ATOM   447  C CD  . PRO A 1 53  ? -8.202  16.744  -12.481 1.00 15.94 ? 95  PRO A CD  1 
ATOM   448  N N   . ASP A 1 54  ? -10.486 15.042  -10.059 1.00 9.41  ? 96  ASP A N   1 
ATOM   449  C CA  . ASP A 1 54  ? -11.544 14.229  -9.477  1.00 8.75  ? 96  ASP A CA  1 
ATOM   450  C C   . ASP A 1 54  ? -11.035 13.118  -8.541  1.00 7.26  ? 96  ASP A C   1 
ATOM   451  O O   . ASP A 1 54  ? -11.854 12.519  -7.826  1.00 8.25  ? 96  ASP A O   1 
ATOM   452  C CB  . ASP A 1 54  ? -12.482 13.643  -10.529 1.00 9.84  ? 96  ASP A CB  1 
ATOM   453  C CG  . ASP A 1 54  ? -11.798 12.706  -11.495 1.00 11.41 ? 96  ASP A CG  1 
ATOM   454  O OD1 . ASP A 1 54  ? -10.547 12.704  -11.546 1.00 13.00 ? 96  ASP A OD1 1 
ATOM   455  O OD2 . ASP A 1 54  ? -12.557 12.029  -12.250 1.00 15.02 ? 96  ASP A OD2 1 
ATOM   456  N N   . TYR A 1 55  ? -9.719  12.803  -8.521  1.00 7.33  ? 97  TYR A N   1 
ATOM   457  C CA  . TYR A 1 55  ? -9.237  11.604  -7.821  1.00 6.84  ? 97  TYR A CA  1 
ATOM   458  C C   . TYR A 1 55  ? -9.662  11.672  -6.353  1.00 7.12  ? 97  TYR A C   1 
ATOM   459  O O   . TYR A 1 55  ? -10.246 10.718  -5.832  1.00 7.43  ? 97  TYR A O   1 
ATOM   460  C CB  . TYR A 1 55  ? -7.721  11.424  -8.006  1.00 7.15  ? 97  TYR A CB  1 
ATOM   461  C CG  . TYR A 1 55  ? -7.209  10.131  -7.418  1.00 6.36  ? 97  TYR A CG  1 
ATOM   462  C CD1 . TYR A 1 55  ? -6.831  10.029  -6.070  1.00 6.54  ? 97  TYR A CD1 1 
ATOM   463  C CD2 . TYR A 1 55  ? -7.193  8.983   -8.189  1.00 6.89  ? 97  TYR A CD2 1 
ATOM   464  C CE1 . TYR A 1 55  ? -6.428  8.847   -5.489  1.00 6.60  ? 97  TYR A CE1 1 
ATOM   465  C CE2 . TYR A 1 55  ? -6.745  7.788   -7.638  1.00 6.65  ? 97  TYR A CE2 1 
ATOM   466  C CZ  . TYR A 1 55  ? -6.423  7.705   -6.278  1.00 6.57  ? 97  TYR A CZ  1 
ATOM   467  O OH  . TYR A 1 55  ? -6.036  6.514   -5.692  1.00 7.13  ? 97  TYR A OH  1 
ATOM   468  N N   . TYR A 1 56  ? -9.392  12.785  -5.685  1.00 6.38  ? 98  TYR A N   1 
ATOM   469  C CA  . TYR A 1 56  ? -9.670  12.918  -4.267  1.00 7.17  ? 98  TYR A CA  1 
ATOM   470  C C   . TYR A 1 56  ? -11.089 13.445  -3.973  1.00 6.76  ? 98  TYR A C   1 
ATOM   471  O O   . TYR A 1 56  ? -11.405 13.755  -2.823  1.00 8.27  ? 98  TYR A O   1 
ATOM   472  C CB  . TYR A 1 56  ? -8.548  13.755  -3.652  1.00 6.80  ? 98  TYR A CB  1 
ATOM   473  C CG  . TYR A 1 56  ? -7.235  13.007  -3.585  1.00 6.66  ? 98  TYR A CG  1 
ATOM   474  C CD1 . TYR A 1 56  ? -7.094  11.861  -2.800  1.00 6.59  ? 98  TYR A CD1 1 
ATOM   475  C CD2 . TYR A 1 56  ? -6.131  13.436  -4.331  1.00 6.18  ? 98  TYR A CD2 1 
ATOM   476  C CE1 . TYR A 1 56  ? -5.877  11.198  -2.745  1.00 6.09  ? 98  TYR A CE1 1 
ATOM   477  C CE2 . TYR A 1 56  ? -4.902  12.768  -4.287  1.00 6.44  ? 98  TYR A CE2 1 
ATOM   478  C CZ  . TYR A 1 56  ? -4.785  11.661  -3.465  1.00 6.12  ? 98  TYR A CZ  1 
ATOM   479  O OH  . TYR A 1 56  ? -3.590  10.971  -3.361  1.00 6.95  ? 98  TYR A OH  1 
ATOM   480  N N   . LYS A 1 57  ? -11.937 13.464  -5.013  1.00 7.33  ? 99  LYS A N   1 
ATOM   481  C CA  . LYS A 1 57  ? -13.388 13.563  -4.849  1.00 7.57  ? 99  LYS A CA  1 
ATOM   482  C C   . LYS A 1 57  ? -14.047 12.178  -4.832  1.00 8.72  ? 99  LYS A C   1 
ATOM   483  O O   . LYS A 1 57  ? -15.206 12.036  -4.396  1.00 8.73  ? 99  LYS A O   1 
ATOM   484  C CB  . LYS A 1 57  ? -14.067 14.374  -5.950  1.00 8.67  ? 99  LYS A CB  1 
ATOM   485  C CG  . LYS A 1 57  ? -13.509 15.776  -6.089  1.00 8.32  ? 99  LYS A CG  1 
ATOM   486  C CD  . LYS A 1 57  ? -14.324 16.546  -7.125  1.00 9.87  ? 99  LYS A CD  1 
ATOM   487  C CE  . LYS A 1 57  ? -13.740 17.913  -7.418  1.00 10.90 ? 99  LYS A CE  1 
ATOM   488  N NZ  . LYS A 1 57  ? -14.663 18.624  -8.355  1.00 11.73 ? 99  LYS A NZ  1 
ATOM   489  N N   . ILE A 1 58  ? -13.317 11.140  -5.290  1.00 7.79  ? 100 ILE A N   1 
ATOM   490  C CA  . ILE A 1 58  ? -13.861 9.792   -5.489  1.00 7.98  ? 100 ILE A CA  1 
ATOM   491  C C   . ILE A 1 58  ? -13.256 8.829   -4.465  1.00 7.30  ? 100 ILE A C   1 
ATOM   492  O O   . ILE A 1 58  ? -13.959 7.986   -3.922  1.00 9.32  ? 100 ILE A O   1 
ATOM   493  C CB  . ILE A 1 58  ? -13.529 9.316   -6.935  1.00 8.85  ? 100 ILE A CB  1 
ATOM   494  C CG1 . ILE A 1 58  ? -14.386 10.133  -7.912  1.00 10.02 ? 100 ILE A CG1 1 
ATOM   495  C CG2 . ILE A 1 58  ? -13.770 7.811   -7.096  1.00 9.78  ? 100 ILE A CG2 1 
ATOM   496  C CD1 . ILE A 1 58  ? -13.884 10.089  -9.351  1.00 12.38 ? 100 ILE A CD1 1 
ATOM   497  N N   . ILE A 1 59  ? -11.925 8.837   -4.300  1.00 7.71  ? 101 ILE A N   1 
ATOM   498  C CA  . ILE A 1 59  ? -11.207 7.870   -3.462  1.00 7.63  ? 101 ILE A CA  1 
ATOM   499  C C   . ILE A 1 59  ? -11.163 8.371   -2.018  1.00 8.03  ? 101 ILE A C   1 
ATOM   500  O O   . ILE A 1 59  ? -10.508 9.393   -1.725  1.00 10.03 ? 101 ILE A O   1 
ATOM   501  C CB  . ILE A 1 59  ? -9.806  7.595   -4.034  1.00 7.78  ? 101 ILE A CB  1 
ATOM   502  C CG1 . ILE A 1 59  ? -9.893  6.937   -5.425  1.00 7.98  ? 101 ILE A CG1 1 
ATOM   503  C CG2 . ILE A 1 59  ? -8.912  6.830   -3.053  1.00 8.12  ? 101 ILE A CG2 1 
ATOM   504  C CD1 . ILE A 1 59  ? -10.600 5.564   -5.479  1.00 8.22  ? 101 ILE A CD1 1 
ATOM   505  N N   . LYS A 1 60  ? -11.852 7.665   -1.150  1.00 8.53  ? 102 LYS A N   1 
ATOM   506  C CA  . LYS A 1 60  ? -11.979 8.119   0.245   1.00 9.89  ? 102 LYS A CA  1 
ATOM   507  C C   . LYS A 1 60  ? -10.768 7.744   1.083   1.00 9.09  ? 102 LYS A C   1 
ATOM   508  O O   . LYS A 1 60  ? -10.467 8.451   2.048   1.00 10.04 ? 102 LYS A O   1 
ATOM   509  C CB  . LYS A 1 60  ? -13.250 7.520   0.851   1.00 10.74 ? 102 LYS A CB  1 
ATOM   510  C CG  . LYS A 1 60  ? -13.557 7.940   2.294   1.00 14.07 ? 102 LYS A CG  1 
ATOM   511  C CD  . LYS A 1 60  ? -14.726 7.086   2.803   1.00 19.02 ? 102 LYS A CD  1 
ATOM   512  C CE  . LYS A 1 60  ? -15.122 7.338   4.237   1.00 22.90 ? 102 LYS A CE  1 
ATOM   513  N NZ  . LYS A 1 60  ? -16.562 7.693   4.184   1.00 24.39 ? 102 LYS A NZ  1 
ATOM   514  N N   . THR A 1 61  ? -10.094 6.606   0.817   1.00 8.18  ? 103 THR A N   1 
ATOM   515  C CA  . THR A 1 61  ? -9.055  6.054   1.654   1.00 8.22  ? 103 THR A CA  1 
ATOM   516  C C   . THR A 1 61  ? -7.854  5.796   0.769   1.00 7.23  ? 103 THR A C   1 
ATOM   517  O O   . THR A 1 61  ? -7.554  4.645   0.408   1.00 7.17  ? 103 THR A O   1 
ATOM   518  C CB  . THR A 1 61  ? -9.511  4.773   2.366   1.00 10.10 ? 103 THR A CB  1 
ATOM   519  O OG1 . THR A 1 61  ? -10.791 4.982   2.982   1.00 13.08 ? 103 THR A OG1 1 
ATOM   520  C CG2 . THR A 1 61  ? -8.497  4.323   3.390   1.00 12.27 ? 103 THR A CG2 1 
ATOM   521  N N   . PRO A 1 62  ? -7.146  6.851   0.346   1.00 6.81  ? 104 PRO A N   1 
ATOM   522  C CA  . PRO A 1 62  ? -5.959  6.630   -0.486  1.00 6.82  ? 104 PRO A CA  1 
ATOM   523  C C   . PRO A 1 62  ? -4.915  5.829   0.270   1.00 6.09  ? 104 PRO A C   1 
ATOM   524  O O   . PRO A 1 62  ? -4.769  5.932   1.500   1.00 6.95  ? 104 PRO A O   1 
ATOM   525  C CB  . PRO A 1 62  ? -5.473  8.045   -0.846  1.00 8.37  ? 104 PRO A CB  1 
ATOM   526  C CG  . PRO A 1 62  ? -6.153  8.947   0.159   1.00 9.13  ? 104 PRO A CG  1 
ATOM   527  C CD  . PRO A 1 62  ? -7.417  8.270   0.657   1.00 7.61  ? 104 PRO A CD  1 
ATOM   528  N N   . MET A 1 63  ? -4.125  5.061   -0.473  1.00 6.05  ? 105 MET A N   1 
ATOM   529  C CA  . MET A 1 63  ? -3.036  4.300   0.140   1.00 5.73  ? 105 MET A CA  1 
ATOM   530  C C   . MET A 1 63  ? -1.995  4.021   -0.919  1.00 5.90  ? 105 MET A C   1 
ATOM   531  O O   . MET A 1 63  ? -2.328  3.853   -2.095  1.00 6.72  ? 105 MET A O   1 
ATOM   532  C CB  . MET A 1 63  ? -3.573  3.024   0.804   1.00 6.20  ? 105 MET A CB  1 
ATOM   533  C CG  . MET A 1 63  ? -2.546  2.256   1.654   1.00 6.37  ? 105 MET A CG  1 
ATOM   534  S SD  . MET A 1 63  ? -1.612  3.238   2.854   1.00 6.98  ? 105 MET A SD  1 
ATOM   535  C CE  . MET A 1 63  ? -2.919  3.965   3.811   1.00 7.16  ? 105 MET A CE  1 
ATOM   536  N N   . ASP A 1 64  ? -0.734  3.876   -0.483  1.00 6.13  ? 106 ASP A N   1 
ATOM   537  C CA  . ASP A 1 64  ? 0.355   3.631   -1.418  1.00 6.18  ? 106 ASP A CA  1 
ATOM   538  C C   . ASP A 1 64  ? 1.455   2.905   -0.636  1.00 5.89  ? 106 ASP A C   1 
ATOM   539  O O   . ASP A 1 64  ? 1.503   2.897   0.598   1.00 6.04  ? 106 ASP A O   1 
ATOM   540  C CB  . ASP A 1 64  ? 0.914   4.953   -1.974  1.00 6.66  ? 106 ASP A CB  1 
ATOM   541  C CG  . ASP A 1 64  ? 1.505   5.798   -0.850  1.00 6.92  ? 106 ASP A CG  1 
ATOM   542  O OD1 . ASP A 1 64  ? 0.722   6.440   -0.078  1.00 6.70  ? 106 ASP A OD1 1 
ATOM   543  O OD2 . ASP A 1 64  ? 2.736   5.725   -0.634  1.00 7.23  ? 106 ASP A OD2 1 
ATOM   544  N N   . MET A 1 65  ? 2.404   2.319   -1.380  1.00 5.61  ? 107 MET A N   1 
ATOM   545  C CA  . MET A 1 65  ? 3.472   1.554   -0.729  1.00 5.96  ? 107 MET A CA  1 
ATOM   546  C C   . MET A 1 65  ? 4.498   2.410   0.003   1.00 6.58  ? 107 MET A C   1 
ATOM   547  O O   . MET A 1 65  ? 5.179   1.896   0.885   1.00 6.36  ? 107 MET A O   1 
ATOM   548  C CB  . MET A 1 65  ? 4.237   0.636   -1.687  1.00 6.22  ? 107 MET A CB  1 
ATOM   549  C CG  . MET A 1 65  ? 3.357   -0.431  -2.350  1.00 6.97  ? 107 MET A CG  1 
ATOM   550  S SD  . MET A 1 65  ? 4.276   -1.781  -3.090  1.00 8.40  ? 107 MET A SD  1 
ATOM   551  C CE  . MET A 1 65  ? 5.141   -0.956  -4.441  1.00 9.83  ? 107 MET A CE  1 
ATOM   552  N N   . GLY A 1 66  ? 4.679   3.682   -0.364  1.00 6.22  ? 108 GLY A N   1 
ATOM   553  C CA  . GLY A 1 66  ? 5.597   4.521   0.409   1.00 7.27  ? 108 GLY A CA  1 
ATOM   554  C C   . GLY A 1 66  ? 5.098   4.717   1.839   1.00 6.12  ? 108 GLY A C   1 
ATOM   555  O O   . GLY A 1 66  ? 5.853   4.640   2.822   1.00 6.72  ? 108 GLY A O   1 
ATOM   556  N N   . THR A 1 67  ? 3.791   4.953   1.951   1.00 5.62  ? 109 THR A N   1 
ATOM   557  C CA  . THR A 1 67  ? 3.111   5.047   3.232   1.00 5.70  ? 109 THR A CA  1 
ATOM   558  C C   . THR A 1 67  ? 3.228   3.734   3.994   1.00 5.41  ? 109 THR A C   1 
ATOM   559  O O   . THR A 1 67  ? 3.587   3.737   5.189   1.00 6.19  ? 109 THR A O   1 
ATOM   560  C CB  . THR A 1 67  ? 1.640   5.429   3.043   1.00 6.14  ? 109 THR A CB  1 
ATOM   561  O OG1 . THR A 1 67  ? 1.576   6.724   2.440   1.00 7.07  ? 109 THR A OG1 1 
ATOM   562  C CG2 . THR A 1 67  ? 0.884   5.469   4.349   1.00 6.85  ? 109 THR A CG2 1 
ATOM   563  N N   . ILE A 1 68  ? 2.924   2.606   3.332   1.00 5.64  ? 110 ILE A N   1 
ATOM   564  C CA  . ILE A 1 68  ? 3.029   1.337   4.014   1.00 6.17  ? 110 ILE A CA  1 
ATOM   565  C C   . ILE A 1 68  ? 4.467   1.080   4.491   1.00 5.98  ? 110 ILE A C   1 
ATOM   566  O O   . ILE A 1 68  ? 4.657   0.592   5.618   1.00 6.17  ? 110 ILE A O   1 
ATOM   567  C CB  . ILE A 1 68  ? 2.555   0.206   3.082   1.00 6.06  ? 110 ILE A CB  1 
ATOM   568  C CG1 . ILE A 1 68  ? 1.063   0.369   2.775   1.00 7.43  ? 110 ILE A CG1 1 
ATOM   569  C CG2 . ILE A 1 68  ? 2.884   -1.140  3.716   1.00 7.77  ? 110 ILE A CG2 1 
ATOM   570  C CD1 . ILE A 1 68  ? 0.551   -0.519  1.629   1.00 7.66  ? 110 ILE A CD1 1 
ATOM   571  N N   . LYS A 1 69  ? 5.477   1.366   3.657   1.00 6.26  ? 111 LYS A N   1 
ATOM   572  C CA  . LYS A 1 69  ? 6.860   1.138   4.045   1.00 6.97  ? 111 LYS A CA  1 
ATOM   573  C C   . LYS A 1 69  ? 7.189   1.899   5.331   1.00 7.03  ? 111 LYS A C   1 
ATOM   574  O O   . LYS A 1 69  ? 7.830   1.356   6.243   1.00 7.40  ? 111 LYS A O   1 
ATOM   575  C CB  . LYS A 1 69  ? 7.738   1.594   2.866   1.00 8.27  ? 111 LYS A CB  1 
ATOM   576  C CG  . LYS A 1 69  ? 9.232   1.317   3.082   1.00 9.66  ? 111 LYS A CG  1 
ATOM   577  C CD  . LYS A 1 69  ? 9.973   1.605   1.756   1.00 12.69 ? 111 LYS A CD  1 
ATOM   578  C CE  . LYS A 1 69  ? 11.455  1.278   1.758   1.00 17.19 ? 111 LYS A CE  1 
ATOM   579  N NZ  . LYS A 1 69  ? 12.103  2.356   2.516   1.00 20.45 ? 111 LYS A NZ  1 
ATOM   580  N N   . LYS A 1 70  ? 6.820   3.189   5.361   1.00 7.37  ? 112 LYS A N   1 
ATOM   581  C CA  . LYS A 1 70  ? 7.086   3.986   6.563   1.00 8.50  ? 112 LYS A CA  1 
ATOM   582  C C   . LYS A 1 70  ? 6.303   3.480   7.767   1.00 7.40  ? 112 LYS A C   1 
ATOM   583  O O   . LYS A 1 70  ? 6.865   3.487   8.873   1.00 8.24  ? 112 LYS A O   1 
ATOM   584  C CB  . LYS A 1 70  ? 6.713   5.442   6.273   1.00 9.97  ? 112 LYS A CB  1 
ATOM   585  C CG  . LYS A 1 70  ? 7.615   6.199   5.331   1.00 16.48 ? 112 LYS A CG  1 
ATOM   586  C CD  . LYS A 1 70  ? 9.049   6.244   5.796   1.00 19.52 ? 112 LYS A CD  1 
ATOM   587  C CE  . LYS A 1 70  ? 9.429   7.586   6.378   1.00 21.64 ? 112 LYS A CE  1 
ATOM   588  N NZ  . LYS A 1 70  ? 10.861  7.596   6.777   1.00 21.97 ? 112 LYS A NZ  1 
ATOM   589  N N   . ARG A 1 71  ? 5.047   3.082   7.566   1.00 6.71  ? 113 ARG A N   1 
ATOM   590  C CA  . ARG A 1 71  ? 4.254   2.500   8.652   1.00 6.83  ? 113 ARG A CA  1 
ATOM   591  C C   . ARG A 1 71  ? 4.951   1.271   9.234   1.00 6.83  ? 113 ARG A C   1 
ATOM   592  O O   . ARG A 1 71  ? 4.958   1.067   10.468  1.00 7.99  ? 113 ARG A O   1 
ATOM   593  C CB  . ARG A 1 71  ? 2.818   2.203   8.216   1.00 6.49  ? 113 ARG A CB  1 
ATOM   594  C CG  . ARG A 1 71  ? 1.953   3.459   8.047   1.00 6.23  ? 113 ARG A CG  1 
ATOM   595  C CD  . ARG A 1 71  ? 0.561   3.130   7.568   1.00 6.87  ? 113 ARG A CD  1 
ATOM   596  N NE  . ARG A 1 71  ? -0.255  4.360   7.608   1.00 6.36  ? 113 ARG A NE  1 
ATOM   597  C CZ  . ARG A 1 71  ? -1.593  4.361   7.574   1.00 6.85  ? 113 ARG A CZ  1 
ATOM   598  N NH1 . ARG A 1 71  ? -2.282  3.254   7.340   1.00 7.48  ? 113 ARG A NH1 1 
ATOM   599  N NH2 . ARG A 1 71  ? -2.237  5.500   7.765   1.00 7.66  ? 113 ARG A NH2 1 
ATOM   600  N N   . LEU A 1 72  ? 5.491   0.413   8.371   1.00 6.18  ? 114 LEU A N   1 
ATOM   601  C CA  . LEU A 1 72  ? 6.193   -0.756  8.892   1.00 6.62  ? 114 LEU A CA  1 
ATOM   602  C C   . LEU A 1 72  ? 7.522   -0.382  9.568   1.00 7.30  ? 114 LEU A C   1 
ATOM   603  O O   . LEU A 1 72  ? 7.812   -0.828  10.690  1.00 8.42  ? 114 LEU A O   1 
ATOM   604  C CB  . LEU A 1 72  ? 6.448   -1.726  7.734   1.00 6.36  ? 114 LEU A CB  1 
ATOM   605  C CG  . LEU A 1 72  ? 5.223   -2.488  7.224   1.00 6.04  ? 114 LEU A CG  1 
ATOM   606  C CD1 . LEU A 1 72  ? 5.456   -3.061  5.837   1.00 6.73  ? 114 LEU A CD1 1 
ATOM   607  C CD2 . LEU A 1 72  ? 4.738   -3.556  8.195   1.00 6.63  ? 114 LEU A CD2 1 
ATOM   608  N N   . GLU A 1 73  ? 8.344   0.447   8.919   1.00 6.67  ? 115 GLU A N   1 
ATOM   609  C CA  . GLU A 1 73  ? 9.673   0.782   9.444   1.00 7.75  ? 115 GLU A CA  1 
ATOM   610  C C   . GLU A 1 73  ? 9.588   1.569   10.735  1.00 7.99  ? 115 GLU A C   1 
ATOM   611  O O   . GLU A 1 73  ? 10.514  1.530   11.573  1.00 9.73  ? 115 GLU A O   1 
ATOM   612  C CB  . GLU A 1 73  ? 10.413  1.625   8.411   1.00 9.03  ? 115 GLU A CB  1 
ATOM   613  C CG  . GLU A 1 73  ? 10.835  0.818   7.181   1.00 10.77 ? 115 GLU A CG  1 
ATOM   614  C CD  . GLU A 1 73  ? 11.423  1.646   6.062   1.00 11.31 ? 115 GLU A CD  1 
ATOM   615  O OE1 . GLU A 1 73  ? 11.205  2.836   6.009   1.00 13.44 ? 115 GLU A OE1 1 
ATOM   616  O OE2 . GLU A 1 73  ? 12.034  1.007   5.173   1.00 15.19 ? 115 GLU A OE2 1 
ATOM   617  N N   . ASN A 1 74  ? 8.519   2.349   10.932  1.00 6.90  ? 116 ASN A N   1 
ATOM   618  C CA  . ASN A 1 74  ? 8.379   3.184   12.132  1.00 7.96  ? 116 ASN A CA  1 
ATOM   619  C C   . ASN A 1 74  ? 7.320   2.650   13.072  1.00 7.01  ? 116 ASN A C   1 
ATOM   620  O O   . ASN A 1 74  ? 6.871   3.345   14.001  1.00 6.96  ? 116 ASN A O   1 
ATOM   621  C CB  . ASN A 1 74  ? 8.119   4.635   11.762  1.00 9.77  ? 116 ASN A CB  1 
ATOM   622  C CG  . ASN A 1 74  ? 9.338   5.270   11.118  1.00 10.92 ? 116 ASN A CG  1 
ATOM   623  O OD1 . ASN A 1 74  ? 10.475  4.718   11.116  1.00 14.32 ? 116 ASN A OD1 1 
ATOM   624  N ND2 . ASN A 1 74  ? 9.115   6.432   10.608  1.00 11.90 ? 116 ASN A ND2 1 
ATOM   625  N N   . ASN A 1 75  ? 6.923   1.376   12.922  1.00 6.80  ? 117 ASN A N   1 
ATOM   626  C CA  . ASN A 1 75  ? 6.018   0.728   13.872  1.00 7.10  ? 117 ASN A CA  1 
ATOM   627  C C   . ASN A 1 75  ? 4.724   1.506   14.093  1.00 6.63  ? 117 ASN A C   1 
ATOM   628  O O   . ASN A 1 75  ? 4.321   1.765   15.249  1.00 8.13  ? 117 ASN A O   1 
ATOM   629  C CB  . ASN A 1 75  ? 6.695   0.431   15.221  1.00 8.09  ? 117 ASN A CB  1 
ATOM   630  C CG  . ASN A 1 75  ? 7.856   -0.504  15.025  1.00 8.65  ? 117 ASN A CG  1 
ATOM   631  O OD1 . ASN A 1 75  ? 7.663   -1.675  14.614  1.00 14.78 ? 117 ASN A OD1 1 
ATOM   632  N ND2 . ASN A 1 75  ? 9.036   -0.080  15.319  1.00 8.50  ? 117 ASN A ND2 1 
ATOM   633  N N   . TYR A 1 76  ? 3.985   1.827   13.038  1.00 6.36  ? 118 TYR A N   1 
ATOM   634  C CA  . TYR A 1 76  ? 2.669   2.431   13.161  1.00 6.35  ? 118 TYR A CA  1 
ATOM   635  C C   . TYR A 1 76  ? 1.596   1.385   13.492  1.00 5.86  ? 118 TYR A C   1 
ATOM   636  O O   . TYR A 1 76  ? 0.577   1.708   14.121  1.00 6.29  ? 118 TYR A O   1 
ATOM   637  C CB  . TYR A 1 76  ? 2.346   3.101   11.820  1.00 6.57  ? 118 TYR A CB  1 
ATOM   638  C CG  . TYR A 1 76  ? 0.970   3.700   11.755  1.00 6.58  ? 118 TYR A CG  1 
ATOM   639  C CD1 . TYR A 1 76  ? 0.724   4.972   12.271  1.00 7.33  ? 118 TYR A CD1 1 
ATOM   640  C CD2 . TYR A 1 76  ? -0.100  3.037   11.160  1.00 7.07  ? 118 TYR A CD2 1 
ATOM   641  C CE1 . TYR A 1 76  ? -0.535  5.559   12.199  1.00 7.42  ? 118 TYR A CE1 1 
ATOM   642  C CE2 . TYR A 1 76  ? -1.372  3.602   11.074  1.00 7.86  ? 118 TYR A CE2 1 
ATOM   643  C CZ  . TYR A 1 76  ? -1.578  4.867   11.599  1.00 7.63  ? 118 TYR A CZ  1 
ATOM   644  O OH  . TYR A 1 76  ? -2.857  5.420   11.530  1.00 9.30  ? 118 TYR A OH  1 
ATOM   645  N N   . TYR A 1 77  ? 1.773   0.148   13.018  1.00 6.26  ? 119 TYR A N   1 
ATOM   646  C CA  . TYR A 1 77  ? 0.727   -0.867  13.129  1.00 6.00  ? 119 TYR A CA  1 
ATOM   647  C C   . TYR A 1 77  ? 0.725   -1.586  14.458  1.00 6.62  ? 119 TYR A C   1 
ATOM   648  O O   . TYR A 1 77  ? 1.769   -1.738  15.104  1.00 6.99  ? 119 TYR A O   1 
ATOM   649  C CB  . TYR A 1 77  ? 0.881   -1.937  12.026  1.00 6.13  ? 119 TYR A CB  1 
ATOM   650  C CG  . TYR A 1 77  ? 0.785   -1.404  10.616  1.00 6.03  ? 119 TYR A CG  1 
ATOM   651  C CD1 . TYR A 1 77  ? -0.387  -0.858  10.129  1.00 6.80  ? 119 TYR A CD1 1 
ATOM   652  C CD2 . TYR A 1 77  ? 1.869   -1.478  9.733   1.00 6.42  ? 119 TYR A CD2 1 
ATOM   653  C CE1 . TYR A 1 77  ? -0.506  -0.452  8.802   1.00 6.59  ? 119 TYR A CE1 1 
ATOM   654  C CE2 . TYR A 1 77  ? 1.783   -1.108  8.411   1.00 6.74  ? 119 TYR A CE2 1 
ATOM   655  C CZ  . TYR A 1 77  ? 0.571   -0.600  7.944   1.00 6.43  ? 119 TYR A CZ  1 
ATOM   656  O OH  . TYR A 1 77  ? 0.504   -0.251  6.609   1.00 7.54  ? 119 TYR A OH  1 
ATOM   657  N N   . TRP A 1 78  ? -0.458  -2.035  14.849  1.00 6.84  ? 120 TRP A N   1 
ATOM   658  C CA  . TRP A 1 78  ? -0.620  -3.025  15.934  1.00 7.35  ? 120 TRP A CA  1 
ATOM   659  C C   . TRP A 1 78  ? -0.582  -4.420  15.356  1.00 7.38  ? 120 TRP A C   1 
ATOM   660  O O   . TRP A 1 78  ? 0.037   -5.319  15.924  1.00 7.88  ? 120 TRP A O   1 
ATOM   661  C CB  . TRP A 1 78  ? -1.941  -2.809  16.737  1.00 7.52  ? 120 TRP A CB  1 
ATOM   662  C CG  . TRP A 1 78  ? -2.048  -3.751  17.919  1.00 7.13  ? 120 TRP A CG  1 
ATOM   663  C CD1 . TRP A 1 78  ? -2.684  -4.967  17.987  1.00 8.28  ? 120 TRP A CD1 1 
ATOM   664  C CD2 . TRP A 1 78  ? -1.316  -3.595  19.152  1.00 7.57  ? 120 TRP A CD2 1 
ATOM   665  N NE1 . TRP A 1 78  ? -2.446  -5.528  19.215  1.00 9.16  ? 120 TRP A NE1 1 
ATOM   666  C CE2 . TRP A 1 78  ? -1.616  -4.710  19.950  1.00 8.18  ? 120 TRP A CE2 1 
ATOM   667  C CE3 . TRP A 1 78  ? -0.489  -2.597  19.680  1.00 7.29  ? 120 TRP A CE3 1 
ATOM   668  C CZ2 . TRP A 1 78  ? -1.036  -4.869  21.219  1.00 8.75  ? 120 TRP A CZ2 1 
ATOM   669  C CZ3 . TRP A 1 78  ? 0.028   -2.734  20.949  1.00 8.63  ? 120 TRP A CZ3 1 
ATOM   670  C CH2 . TRP A 1 78  ? -0.225  -3.872  21.699  1.00 8.58  ? 120 TRP A CH2 1 
ATOM   671  N N   . ASN A 1 79  ? -1.242  -4.664  14.219  1.00 7.61  ? 121 ASN A N   1 
ATOM   672  C CA  . ASN A 1 79  ? -1.286  -6.043  13.720  1.00 8.05  ? 121 ASN A CA  1 
ATOM   673  C C   . ASN A 1 79  ? -1.095  -6.118  12.212  1.00 8.24  ? 121 ASN A C   1 
ATOM   674  O O   . ASN A 1 79  ? -1.149  -5.125  11.470  1.00 8.39  ? 121 ASN A O   1 
ATOM   675  C CB  . ASN A 1 79  ? -2.561  -6.749  14.170  1.00 8.85  ? 121 ASN A CB  1 
ATOM   676  C CG  . ASN A 1 79  ? -3.807  -6.156  13.571  1.00 8.37  ? 121 ASN A CG  1 
ATOM   677  O OD1 . ASN A 1 79  ? -3.895  -5.932  12.346  1.00 8.89  ? 121 ASN A OD1 1 
ATOM   678  N ND2 . ASN A 1 79  ? -4.825  -5.889  14.360  1.00 9.90  ? 121 ASN A ND2 1 
ATOM   679  N N   . ALA A 1 80  ? -0.803  -7.329  11.756  1.00 7.48  ? 122 ALA A N   1 
ATOM   680  C CA  . ALA A 1 80  ? -0.553  -7.614  10.350  1.00 7.41  ? 122 ALA A CA  1 
ATOM   681  C C   . ALA A 1 80  ? -1.805  -7.335  9.513   1.00 8.26  ? 122 ALA A C   1 
ATOM   682  O O   . ALA A 1 80  ? -1.668  -7.000  8.340   1.00 9.07  ? 122 ALA A O   1 
ATOM   683  C CB  . ALA A 1 80  ? -0.125  -9.078  10.178  1.00 8.95  ? 122 ALA A CB  1 
ATOM   684  N N   . GLN A 1 81  ? -3.015  -7.555  10.040  1.00 7.44  ? 123 GLN A N   1 
ATOM   685  C CA  . GLN A 1 81  ? -4.234  -7.329  9.270   1.00 8.48  ? 123 GLN A CA  1 
ATOM   686  C C   . GLN A 1 81  ? -4.357  -5.869  8.831   1.00 7.18  ? 123 GLN A C   1 
ATOM   687  O O   . GLN A 1 81  ? -4.862  -5.613  7.734   1.00 7.18  ? 123 GLN A O   1 
ATOM   688  C CB  . GLN A 1 81  ? -5.499  -7.800  10.019  1.00 9.57  ? 123 GLN A CB  1 
ATOM   689  C CG  . GLN A 1 81  ? -5.530  -9.272  10.463  1.00 14.83 ? 123 GLN A CG  1 
ATOM   690  C CD  . GLN A 1 81  ? -4.901  -9.447  11.842  1.00 15.30 ? 123 GLN A CD  1 
ATOM   691  O OE1 . GLN A 1 81  ? -5.470  -9.047  12.903  1.00 15.45 ? 123 GLN A OE1 1 
ATOM   692  N NE2 . GLN A 1 81  ? -3.764  -10.122 11.859  1.00 17.73 ? 123 GLN A NE2 1 
ATOM   693  N N   . GLU A 1 82  ? -3.955  -4.927  9.694   1.00 6.52  ? 124 GLU A N   1 
ATOM   694  C CA  . GLU A 1 82  ? -4.002  -3.519  9.291   1.00 6.38  ? 124 GLU A CA  1 
ATOM   695  C C   . GLU A 1 82  ? -3.140  -3.269  8.058   1.00 6.29  ? 124 GLU A C   1 
ATOM   696  O O   . GLU A 1 82  ? -3.474  -2.494  7.167   1.00 7.16  ? 124 GLU A O   1 
ATOM   697  C CB  . GLU A 1 82  ? -3.462  -2.617  10.400  1.00 6.54  ? 124 GLU A CB  1 
ATOM   698  C CG  . GLU A 1 82  ? -4.333  -2.563  11.633  1.00 8.42  ? 124 GLU A CG  1 
ATOM   699  C CD  . GLU A 1 82  ? -3.579  -1.727  12.669  1.00 8.74  ? 124 GLU A CD  1 
ATOM   700  O OE1 . GLU A 1 82  ? -2.732  -2.256  13.370  1.00 10.62 ? 124 GLU A OE1 1 
ATOM   701  O OE2 . GLU A 1 82  ? -3.790  -0.480  12.708  1.00 11.77 ? 124 GLU A OE2 1 
ATOM   702  N N   . CYS A 1 83  ? -1.955  -3.865  8.037   1.00 6.03  ? 125 CYS A N   1 
ATOM   703  C CA  . CYS A 1 83  ? -1.029  -3.666  6.934   1.00 6.02  ? 125 CYS A CA  1 
ATOM   704  C C   . CYS A 1 83  ? -1.568  -4.325  5.658   1.00 5.66  ? 125 CYS A C   1 
ATOM   705  O O   . CYS A 1 83  ? -1.558  -3.737  4.575   1.00 6.14  ? 125 CYS A O   1 
ATOM   706  C CB  . CYS A 1 83  ? 0.338   -4.226  7.332   1.00 6.94  ? 125 CYS A CB  1 
ATOM   707  S SG  . CYS A 1 83  ? 1.547   -4.129  5.982   1.00 8.53  ? 125 CYS A SG  1 
ATOM   708  N N   . ILE A 1 84  ? -2.024  -5.578  5.773   1.00 6.52  ? 126 ILE A N   1 
ATOM   709  C CA  . ILE A 1 84  ? -2.656  -6.275  4.653   1.00 6.53  ? 126 ILE A CA  1 
ATOM   710  C C   . ILE A 1 84  ? -3.825  -5.468  4.106   1.00 6.42  ? 126 ILE A C   1 
ATOM   711  O O   . ILE A 1 84  ? -3.987  -5.381  2.879   1.00 6.71  ? 126 ILE A O   1 
ATOM   712  C CB  . ILE A 1 84  ? -3.031  -7.707  5.078   1.00 7.02  ? 126 ILE A CB  1 
ATOM   713  C CG1 . ILE A 1 84  ? -1.748  -8.513  5.342   1.00 8.79  ? 126 ILE A CG1 1 
ATOM   714  C CG2 . ILE A 1 84  ? -3.983  -8.375  4.073   1.00 9.62  ? 126 ILE A CG2 1 
ATOM   715  C CD1 . ILE A 1 84  ? -1.958  -9.855  6.058   1.00 10.04 ? 126 ILE A CD1 1 
ATOM   716  N N   . GLN A 1 85  ? -4.665  -4.919  4.978   1.00 6.54  ? 127 GLN A N   1 
ATOM   717  C CA  . GLN A 1 85  ? -5.766  -4.072  4.525   1.00 7.42  ? 127 GLN A CA  1 
ATOM   718  C C   . GLN A 1 85  ? -5.265  -2.851  3.750   1.00 6.36  ? 127 GLN A C   1 
ATOM   719  O O   . GLN A 1 85  ? -5.885  -2.504  2.750   1.00 6.83  ? 127 GLN A O   1 
ATOM   720  C CB  A GLN A 1 85  ? -6.646  -3.602  5.687   0.50 7.94  ? 127 GLN A CB  1 
ATOM   721  C CB  B GLN A 1 85  ? -6.627  -3.679  5.733   0.50 9.24  ? 127 GLN A CB  1 
ATOM   722  C CG  A GLN A 1 85  ? -7.772  -2.686  5.190   0.50 9.50  ? 127 GLN A CG  1 
ATOM   723  C CG  B GLN A 1 85  ? -7.807  -2.772  5.382   0.50 12.62 ? 127 GLN A CG  1 
ATOM   724  C CD  A GLN A 1 85  ? -8.717  -3.458  4.300   0.50 11.08 ? 127 GLN A CD  1 
ATOM   725  C CD  B GLN A 1 85  ? -8.606  -2.410  6.607   0.50 16.43 ? 127 GLN A CD  1 
ATOM   726  O OE1 A GLN A 1 85  ? -9.316  -4.429  4.776   0.50 13.82 ? 127 GLN A OE1 1 
ATOM   727  O OE1 B GLN A 1 85  ? -8.982  -3.272  7.401   0.50 20.39 ? 127 GLN A OE1 1 
ATOM   728  N NE2 A GLN A 1 85  ? -8.860  -3.074  3.029   0.50 10.41 ? 127 GLN A NE2 1 
ATOM   729  N NE2 B GLN A 1 85  ? -8.826  -1.122  6.795   0.50 19.68 ? 127 GLN A NE2 1 
ATOM   730  N N   . ASP A 1 86  ? -4.175  -2.218  4.178   1.00 6.24  ? 128 ASP A N   1 
ATOM   731  C CA  . ASP A 1 86  ? -3.587  -1.127  3.412   1.00 5.93  ? 128 ASP A CA  1 
ATOM   732  C C   . ASP A 1 86  ? -3.196  -1.557  1.999   1.00 5.70  ? 128 ASP A C   1 
ATOM   733  O O   . ASP A 1 86  ? -3.532  -0.829  1.026   1.00 5.74  ? 128 ASP A O   1 
ATOM   734  C CB  . ASP A 1 86  ? -2.405  -0.492  4.154   1.00 6.22  ? 128 ASP A CB  1 
ATOM   735  C CG  . ASP A 1 86  ? -2.811  0.415   5.315   1.00 6.98  ? 128 ASP A CG  1 
ATOM   736  O OD1 . ASP A 1 86  ? -3.971  0.809   5.417   1.00 8.42  ? 128 ASP A OD1 1 
ATOM   737  O OD2 . ASP A 1 86  ? -1.906  0.752   6.138   1.00 7.87  ? 128 ASP A OD2 1 
ATOM   738  N N   . PHE A 1 87  ? -2.521  -2.689  1.838   1.00 6.06  ? 129 PHE A N   1 
ATOM   739  C CA  . PHE A 1 87  ? -2.240  -3.174  0.508   1.00 6.13  ? 129 PHE A CA  1 
ATOM   740  C C   . PHE A 1 87  ? -3.527  -3.410  -0.299  1.00 5.99  ? 129 PHE A C   1 
ATOM   741  O O   . PHE A 1 87  ? -3.632  -3.008  -1.491  1.00 6.31  ? 129 PHE A O   1 
ATOM   742  C CB  . PHE A 1 87  ? -1.448  -4.490  0.557   1.00 6.73  ? 129 PHE A CB  1 
ATOM   743  C CG  . PHE A 1 87  ? 0.047   -4.315  0.779   1.00 6.93  ? 129 PHE A CG  1 
ATOM   744  C CD1 . PHE A 1 87  ? 0.869   -4.018  -0.300  1.00 8.79  ? 129 PHE A CD1 1 
ATOM   745  C CD2 . PHE A 1 87  ? 0.623   -4.579  2.021   1.00 6.97  ? 129 PHE A CD2 1 
ATOM   746  C CE1 . PHE A 1 87  ? 2.252   -3.918  -0.087  1.00 8.66  ? 129 PHE A CE1 1 
ATOM   747  C CE2 . PHE A 1 87  ? 2.009   -4.540  2.213   1.00 8.10  ? 129 PHE A CE2 1 
ATOM   748  C CZ  . PHE A 1 87  ? 2.816   -4.195  1.129   1.00 8.15  ? 129 PHE A CZ  1 
ATOM   749  N N   . ASN A 1 88  ? -4.505  -4.054  0.321   1.00 6.00  ? 130 ASN A N   1 
ATOM   750  C CA  . ASN A 1 88  ? -5.741  -4.342  -0.399  1.00 6.82  ? 130 ASN A CA  1 
ATOM   751  C C   . ASN A 1 88  ? -6.438  -3.077  -0.852  1.00 5.85  ? 130 ASN A C   1 
ATOM   752  O O   . ASN A 1 88  ? -6.984  -3.036  -1.978  1.00 6.70  ? 130 ASN A O   1 
ATOM   753  C CB  . ASN A 1 88  ? -6.645  -5.224  0.467   1.00 9.18  ? 130 ASN A CB  1 
ATOM   754  C CG  . ASN A 1 88  ? -6.134  -6.659  0.642   1.00 11.49 ? 130 ASN A CG  1 
ATOM   755  O OD1 . ASN A 1 88  ? -5.453  -7.165  -0.222  1.00 15.74 ? 130 ASN A OD1 1 
ATOM   756  N ND2 . ASN A 1 88  ? -6.559  -7.278  1.706   1.00 16.33 ? 130 ASN A ND2 1 
ATOM   757  N N   . THR A 1 89  ? -6.468  -2.076  0.016   1.00 5.94  ? 131 THR A N   1 
ATOM   758  C CA  . THR A 1 89  ? -7.085  -0.790  -0.338  1.00 6.38  ? 131 THR A CA  1 
ATOM   759  C C   . THR A 1 89  ? -6.332  -0.137  -1.505  1.00 5.74  ? 131 THR A C   1 
ATOM   760  O O   . THR A 1 89  ? -6.950  0.435   -2.431  1.00 6.04  ? 131 THR A O   1 
ATOM   761  C CB  . THR A 1 89  ? -7.039  0.129   0.894   1.00 6.92  ? 131 THR A CB  1 
ATOM   762  O OG1 . THR A 1 89  ? -7.906  -0.418  1.885   1.00 9.02  ? 131 THR A OG1 1 
ATOM   763  C CG2 . THR A 1 89  ? -7.395  1.572   0.616   1.00 7.63  ? 131 THR A CG2 1 
ATOM   764  N N   . MET A 1 90  ? -4.995  -0.162  -1.451  1.00 5.72  ? 132 MET A N   1 
ATOM   765  C CA  . MET A 1 90  ? -4.217  0.381   -2.559  1.00 5.66  ? 132 MET A CA  1 
ATOM   766  C C   . MET A 1 90  ? -4.659  -0.235  -3.898  1.00 5.68  ? 132 MET A C   1 
ATOM   767  O O   . MET A 1 90  ? -4.835  0.471   -4.918  1.00 6.42  ? 132 MET A O   1 
ATOM   768  C CB  . MET A 1 90  ? -2.737  0.097   -2.298  1.00 6.26  ? 132 MET A CB  1 
ATOM   769  C CG  . MET A 1 90  ? -1.819  0.570   -3.419  1.00 6.65  ? 132 MET A CG  1 
ATOM   770  S SD  . MET A 1 90  ? -0.075  0.220   -3.140  1.00 7.29  ? 132 MET A SD  1 
ATOM   771  C CE  . MET A 1 90  ? -0.029  -1.515  -3.638  1.00 9.82  ? 132 MET A CE  1 
ATOM   772  N N   . PHE A 1 91  ? -4.798  -1.563  -3.944  1.00 6.08  ? 133 PHE A N   1 
ATOM   773  C CA  . PHE A 1 91  ? -5.217  -2.210  -5.193  1.00 6.16  ? 133 PHE A CA  1 
ATOM   774  C C   . PHE A 1 91  ? -6.651  -1.849  -5.578  1.00 6.50  ? 133 PHE A C   1 
ATOM   775  O O   . PHE A 1 91  ? -6.884  -1.492  -6.754  1.00 7.03  ? 133 PHE A O   1 
ATOM   776  C CB  . PHE A 1 91  ? -5.070  -3.746  -5.100  1.00 6.91  ? 133 PHE A CB  1 
ATOM   777  C CG  . PHE A 1 91  ? -3.648  -4.210  -4.936  1.00 8.09  ? 133 PHE A CG  1 
ATOM   778  C CD1 . PHE A 1 91  ? -2.706  -3.822  -5.878  1.00 10.05 ? 133 PHE A CD1 1 
ATOM   779  C CD2 . PHE A 1 91  ? -3.209  -4.978  -3.851  1.00 8.94  ? 133 PHE A CD2 1 
ATOM   780  C CE1 . PHE A 1 91  ? -1.356  -4.192  -5.804  1.00 11.42 ? 133 PHE A CE1 1 
ATOM   781  C CE2 . PHE A 1 91  ? -1.847  -5.338  -3.778  1.00 9.91  ? 133 PHE A CE2 1 
ATOM   782  C CZ  . PHE A 1 91  ? -0.938  -4.933  -4.730  1.00 10.43 ? 133 PHE A CZ  1 
ATOM   783  N N   . THR A 1 92  ? -7.619  -1.930  -4.656  1.00 6.32  ? 134 THR A N   1 
ATOM   784  C CA  . THR A 1 92  ? -8.987  -1.665  -5.068  1.00 7.09  ? 134 THR A CA  1 
ATOM   785  C C   . THR A 1 92  ? -9.177  -0.200  -5.467  1.00 6.08  ? 134 THR A C   1 
ATOM   786  O O   . THR A 1 92  ? -9.969  0.088   -6.366  1.00 6.49  ? 134 THR A O   1 
ATOM   787  C CB  . THR A 1 92  ? -10.088 -2.129  -4.104  1.00 9.53  ? 134 THR A CB  1 
ATOM   788  O OG1 . THR A 1 92  ? -9.761  -1.681  -2.802  1.00 10.54 ? 134 THR A OG1 1 
ATOM   789  C CG2 . THR A 1 92  ? -10.321 -3.630  -4.110  1.00 11.75 ? 134 THR A CG2 1 
ATOM   790  N N   . ASN A 1 93  ? -8.471  0.730   -4.842  1.00 5.64  ? 135 ASN A N   1 
ATOM   791  C CA  . ASN A 1 93  ? -8.545  2.134   -5.269  1.00 5.86  ? 135 ASN A CA  1 
ATOM   792  C C   . ASN A 1 93  ? -8.174  2.254   -6.742  1.00 5.95  ? 135 ASN A C   1 
ATOM   793  O O   . ASN A 1 93  ? -8.837  2.964   -7.512  1.00 6.04  ? 135 ASN A O   1 
ATOM   794  C CB  . ASN A 1 93  ? -7.562  2.996   -4.471  1.00 6.08  ? 135 ASN A CB  1 
ATOM   795  C CG  . ASN A 1 93  ? -7.997  3.260   -3.052  1.00 5.92  ? 135 ASN A CG  1 
ATOM   796  O OD1 . ASN A 1 93  ? -9.151  3.017   -2.663  1.00 6.69  ? 135 ASN A OD1 1 
ATOM   797  N ND2 . ASN A 1 93  ? -7.086  3.808   -2.279  1.00 6.52  ? 135 ASN A ND2 1 
ATOM   798  N N   . CYS A 1 94  ? -7.122  1.554   -7.148  1.00 5.79  ? 136 CYS A N   1 
ATOM   799  C CA  . CYS A 1 94  ? -6.673  1.605   -8.529  1.00 6.13  ? 136 CYS A CA  1 
ATOM   800  C C   . CYS A 1 94  ? -7.764  1.075   -9.466  1.00 5.94  ? 136 CYS A C   1 
ATOM   801  O O   . CYS A 1 94  ? -8.069  1.667   -10.517 1.00 6.64  ? 136 CYS A O   1 
ATOM   802  C CB  . CYS A 1 94  ? -5.358  0.828   -8.667  1.00 6.43  ? 136 CYS A CB  1 
ATOM   803  S SG  . CYS A 1 94  ? -4.598  0.891   -10.308 1.00 8.33  ? 136 CYS A SG  1 
ATOM   804  N N   . TYR A 1 95  ? -8.400  -0.059  -9.091  1.00 6.01  ? 137 TYR A N   1 
ATOM   805  C CA  . TYR A 1 95  ? -9.461  -0.653  -9.889  1.00 6.34  ? 137 TYR A CA  1 
ATOM   806  C C   . TYR A 1 95  ? -10.737 0.195   -9.880  1.00 6.76  ? 137 TYR A C   1 
ATOM   807  O O   . TYR A 1 95  ? -11.473 0.155   -10.880 1.00 7.64  ? 137 TYR A O   1 
ATOM   808  C CB  . TYR A 1 95  ? -9.730  -2.080  -9.425  1.00 6.98  ? 137 TYR A CB  1 
ATOM   809  C CG  . TYR A 1 95  ? -8.522  -2.990  -9.382  1.00 6.94  ? 137 TYR A CG  1 
ATOM   810  C CD1 . TYR A 1 95  ? -7.507  -2.928  -10.340 1.00 8.39  ? 137 TYR A CD1 1 
ATOM   811  C CD2 . TYR A 1 95  ? -8.363  -3.907  -8.360  1.00 7.55  ? 137 TYR A CD2 1 
ATOM   812  C CE1 . TYR A 1 95  ? -6.385  -3.766  -10.282 1.00 9.92  ? 137 TYR A CE1 1 
ATOM   813  C CE2 . TYR A 1 95  ? -7.252  -4.750  -8.274  1.00 8.62  ? 137 TYR A CE2 1 
ATOM   814  C CZ  . TYR A 1 95  ? -6.252  -4.665  -9.228  1.00 9.14  ? 137 TYR A CZ  1 
ATOM   815  O OH  . TYR A 1 95  ? -5.151  -5.500  -9.164  1.00 11.43 ? 137 TYR A OH  1 
ATOM   816  N N   . ILE A 1 96  ? -11.019 0.953   -8.818  1.00 6.52  ? 138 ILE A N   1 
ATOM   817  C CA  . ILE A 1 96  ? -12.198 1.819   -8.815  1.00 6.98  ? 138 ILE A CA  1 
ATOM   818  C C   . ILE A 1 96  ? -11.970 2.984   -9.754  1.00 6.95  ? 138 ILE A C   1 
ATOM   819  O O   . ILE A 1 96  ? -12.874 3.366   -10.500 1.00 8.73  ? 138 ILE A O   1 
ATOM   820  C CB  . ILE A 1 96  ? -12.438 2.325   -7.371  1.00 6.92  ? 138 ILE A CB  1 
ATOM   821  C CG1 . ILE A 1 96  ? -12.961 1.184   -6.497  1.00 7.53  ? 138 ILE A CG1 1 
ATOM   822  C CG2 . ILE A 1 96  ? -13.395 3.529   -7.354  1.00 8.52  ? 138 ILE A CG2 1 
ATOM   823  C CD1 . ILE A 1 96  ? -12.915 1.499   -5.000  1.00 7.82  ? 138 ILE A CD1 1 
ATOM   824  N N   . TYR A 1 97  ? -10.814 3.648   -9.667  1.00 7.25  ? 139 TYR A N   1 
ATOM   825  C CA  . TYR A 1 97  ? -10.643 4.912   -10.363 1.00 7.24  ? 139 TYR A CA  1 
ATOM   826  C C   . TYR A 1 97  ? -10.397 4.755   -11.862 1.00 8.07  ? 139 TYR A C   1 
ATOM   827  O O   . TYR A 1 97  ? -10.851 5.610   -12.647 1.00 8.56  ? 139 TYR A O   1 
ATOM   828  C CB  . TYR A 1 97  ? -9.497  5.720   -9.714  1.00 7.36  ? 139 TYR A CB  1 
ATOM   829  C CG  . TYR A 1 97  ? -9.321  7.076   -10.355 1.00 7.81  ? 139 TYR A CG  1 
ATOM   830  C CD1 . TYR A 1 97  ? -10.185 8.124   -10.060 1.00 7.81  ? 139 TYR A CD1 1 
ATOM   831  C CD2 . TYR A 1 97  ? -8.370  7.280   -11.349 1.00 7.88  ? 139 TYR A CD2 1 
ATOM   832  C CE1 . TYR A 1 97  ? -10.076 9.348   -10.718 1.00 8.37  ? 139 TYR A CE1 1 
ATOM   833  C CE2 . TYR A 1 97  ? -8.228  8.505   -12.012 1.00 8.47  ? 139 TYR A CE2 1 
ATOM   834  C CZ  . TYR A 1 97  ? -9.114  9.521   -11.700 1.00 8.72  ? 139 TYR A CZ  1 
ATOM   835  O OH  . TYR A 1 97  ? -9.000  10.716  -12.363 1.00 10.23 ? 139 TYR A OH  1 
ATOM   836  N N   . ASN A 1 98  ? -9.625  3.754   -12.238 1.00 7.82  ? 140 ASN A N   1 
ATOM   837  C CA  . ASN A 1 98  ? -9.101  3.659   -13.591 1.00 9.64  ? 140 ASN A CA  1 
ATOM   838  C C   . ASN A 1 98  ? -9.993  2.810   -14.485 1.00 10.51 ? 140 ASN A C   1 
ATOM   839  O O   . ASN A 1 98  ? -10.845 2.048   -14.054 1.00 12.81 ? 140 ASN A O   1 
ATOM   840  C CB  . ASN A 1 98  ? -7.700  3.077   -13.552 1.00 8.41  ? 140 ASN A CB  1 
ATOM   841  C CG  . ASN A 1 98  ? -6.798  4.081   -12.870 1.00 8.90  ? 140 ASN A CG  1 
ATOM   842  O OD1 . ASN A 1 98  ? -6.427  5.128   -13.435 1.00 9.74  ? 140 ASN A OD1 1 
ATOM   843  N ND2 . ASN A 1 98  ? -6.410  3.795   -11.639 1.00 7.82  ? 140 ASN A ND2 1 
ATOM   844  N N   . LYS A 1 99  ? -9.843  2.982   -15.812 1.00 13.06 ? 141 LYS A N   1 
ATOM   845  C CA  . LYS A 1 99  ? -10.596 2.167   -16.783 1.00 13.41 ? 141 LYS A CA  1 
ATOM   846  C C   . LYS A 1 99  ? -9.953  0.786   -16.859 1.00 13.40 ? 141 LYS A C   1 
ATOM   847  O O   . LYS A 1 99  ? -8.716  0.676   -16.719 1.00 13.69 ? 141 LYS A O   1 
ATOM   848  C CB  . LYS A 1 99  ? -10.544 2.804   -18.179 1.00 16.14 ? 141 LYS A CB  1 
ATOM   849  C CG  . LYS A 1 99  ? -11.151 4.201   -18.308 1.00 22.00 ? 141 LYS A CG  1 
ATOM   850  C CD  . LYS A 1 99  ? -11.890 4.379   -19.642 1.00 28.06 ? 141 LYS A CD  1 
ATOM   851  C CE  . LYS A 1 99  ? -11.705 5.739   -20.299 1.00 32.55 ? 141 LYS A CE  1 
ATOM   852  N NZ  . LYS A 1 99  ? -12.005 5.699   -21.755 1.00 38.30 ? 141 LYS A NZ  1 
ATOM   853  N N   . PRO A 1 100 ? -10.697 -0.338  -17.095 1.00 13.59 ? 142 PRO A N   1 
ATOM   854  C CA  . PRO A 1 100 ? -10.085 -1.661  -17.138 1.00 17.12 ? 142 PRO A CA  1 
ATOM   855  C C   . PRO A 1 100 ? -9.153  -1.660  -18.364 1.00 20.04 ? 142 PRO A C   1 
ATOM   856  O O   . PRO A 1 100 ? -9.337  -0.936  -19.324 1.00 22.03 ? 142 PRO A O   1 
ATOM   857  C CB  . PRO A 1 100 ? -11.297 -2.632  -17.171 1.00 20.38 ? 142 PRO A CB  1 
ATOM   858  C CG  . PRO A 1 100 ? -12.432 -1.802  -17.690 1.00 17.63 ? 142 PRO A CG  1 
ATOM   859  C CD  . PRO A 1 100 ? -12.174 -0.368  -17.254 1.00 15.79 ? 142 PRO A CD  1 
ATOM   860  N N   . GLY A 1 101 ? -8.068  -2.405  -18.367 1.00 27.27 ? 143 GLY A N   1 
ATOM   861  C CA  . GLY A 1 101 ? -7.344  -2.200  -19.617 1.00 23.80 ? 143 GLY A CA  1 
ATOM   862  C C   . GLY A 1 101 ? -6.385  -0.996  -19.670 1.00 20.84 ? 143 GLY A C   1 
ATOM   863  O O   . GLY A 1 101 ? -5.533  -0.996  -20.551 1.00 21.71 ? 143 GLY A O   1 
ATOM   864  N N   . ASP A 1 102 ? -6.521  0.045   -18.813 1.00 15.32 ? 144 ASP A N   1 
ATOM   865  C CA  . ASP A 1 102 ? -5.462  1.048   -18.696 1.00 13.37 ? 144 ASP A CA  1 
ATOM   866  C C   . ASP A 1 102 ? -4.195  0.348   -18.212 1.00 11.57 ? 144 ASP A C   1 
ATOM   867  O O   . ASP A 1 102 ? -4.235  -0.621  -17.428 1.00 11.28 ? 144 ASP A O   1 
ATOM   868  C CB  . ASP A 1 102 ? -5.850  2.064   -17.625 1.00 14.47 ? 144 ASP A CB  1 
ATOM   869  C CG  . ASP A 1 102 ? -6.853  3.134   -18.014 1.00 19.19 ? 144 ASP A CG  1 
ATOM   870  O OD1 . ASP A 1 102 ? -7.070  3.324   -19.232 1.00 21.04 ? 144 ASP A OD1 1 
ATOM   871  O OD2 . ASP A 1 102 ? -7.382  3.814   -17.101 1.00 21.62 ? 144 ASP A OD2 1 
ATOM   872  N N   . ASP A 1 103 ? -3.036  0.868   -18.643 1.00 11.24 ? 145 ASP A N   1 
ATOM   873  C CA  . ASP A 1 103 ? -1.788  0.245   -18.228 1.00 11.32 ? 145 ASP A CA  1 
ATOM   874  C C   . ASP A 1 103 ? -1.604  0.240   -16.699 1.00 9.79  ? 145 ASP A C   1 
ATOM   875  O O   . ASP A 1 103 ? -1.019  -0.729  -16.172 1.00 10.15 ? 145 ASP A O   1 
ATOM   876  C CB  . ASP A 1 103 ? -0.578  0.927   -18.881 1.00 12.79 ? 145 ASP A CB  1 
ATOM   877  C CG  . ASP A 1 103 ? -0.440  0.662   -20.371 1.00 15.29 ? 145 ASP A CG  1 
ATOM   878  O OD1 . ASP A 1 103 ? -1.050  -0.315  -20.884 1.00 16.30 ? 145 ASP A OD1 1 
ATOM   879  O OD2 . ASP A 1 103 ? 0.350   1.406   -20.996 1.00 15.62 ? 145 ASP A OD2 1 
ATOM   880  N N   . ILE A 1 104 ? -2.048  1.271   -15.977 1.00 8.63  ? 146 ILE A N   1 
ATOM   881  C CA  . ILE A 1 104 ? -1.858  1.284   -14.526 1.00 8.71  ? 146 ILE A CA  1 
ATOM   882  C C   . ILE A 1 104 ? -2.578  0.086   -13.888 1.00 8.87  ? 146 ILE A C   1 
ATOM   883  O O   . ILE A 1 104 ? -2.096  -0.457  -12.863 1.00 9.19  ? 146 ILE A O   1 
ATOM   884  C CB  . ILE A 1 104 ? -2.291  2.633   -13.912 1.00 9.77  ? 146 ILE A CB  1 
ATOM   885  C CG1 . ILE A 1 104 ? -1.923  2.782   -12.420 1.00 9.50  ? 146 ILE A CG1 1 
ATOM   886  C CG2 . ILE A 1 104 ? -3.762  2.947   -14.113 1.00 11.44 ? 146 ILE A CG2 1 
ATOM   887  C CD1 . ILE A 1 104 ? -0.405  2.846   -12.173 1.00 10.44 ? 146 ILE A CD1 1 
ATOM   888  N N   . VAL A 1 105 ? -3.727  -0.329  -14.450 1.00 8.09  ? 147 VAL A N   1 
ATOM   889  C CA  . VAL A 1 105 ? -4.463  -1.472  -13.934 1.00 9.10  ? 147 VAL A CA  1 
ATOM   890  C C   . VAL A 1 105 ? -3.697  -2.759  -14.180 1.00 9.34  ? 147 VAL A C   1 
ATOM   891  O O   . VAL A 1 105 ? -3.661  -3.637  -13.301 1.00 10.40 ? 147 VAL A O   1 
ATOM   892  C CB  . VAL A 1 105 ? -5.891  -1.513  -14.542 1.00 9.83  ? 147 VAL A CB  1 
ATOM   893  C CG1 . VAL A 1 105 ? -6.652  -2.801  -14.219 1.00 11.12 ? 147 VAL A CG1 1 
ATOM   894  C CG2 . VAL A 1 105 ? -6.704  -0.332  -14.045 1.00 10.57 ? 147 VAL A CG2 1 
ATOM   895  N N   . LEU A 1 106 ? -3.091  -2.910  -15.363 1.00 9.42  ? 148 LEU A N   1 
ATOM   896  C CA  . LEU A 1 106 ? -2.271  -4.081  -15.613 1.00 10.31 ? 148 LEU A CA  1 
ATOM   897  C C   . LEU A 1 106 ? -1.069  -4.148  -14.669 1.00 10.29 ? 148 LEU A C   1 
ATOM   898  O O   . LEU A 1 106 ? -0.672  -5.222  -14.230 1.00 10.25 ? 148 LEU A O   1 
ATOM   899  C CB  . LEU A 1 106 ? -1.796  -4.118  -17.081 1.00 13.38 ? 148 LEU A CB  1 
ATOM   900  C CG  . LEU A 1 106 ? -2.905  -4.284  -18.124 1.00 16.23 ? 148 LEU A CG  1 
ATOM   901  C CD1 . LEU A 1 106 ? -2.390  -3.950  -19.536 1.00 19.15 ? 148 LEU A CD1 1 
ATOM   902  C CD2 . LEU A 1 106 ? -3.454  -5.699  -18.082 1.00 21.26 ? 148 LEU A CD2 1 
ATOM   903  N N   . MET A 1 107 ? -0.473  -2.982  -14.388 1.00 8.58  ? 149 MET A N   1 
ATOM   904  C CA  . MET A 1 107 ? 0.598   -2.950  -13.404 1.00 8.29  ? 149 MET A CA  1 
ATOM   905  C C   . MET A 1 107 ? 0.135   -3.370  -12.006 1.00 8.32  ? 149 MET A C   1 
ATOM   906  O O   . MET A 1 107 ? 0.802   -4.191  -11.349 1.00 8.53  ? 149 MET A O   1 
ATOM   907  C CB  . MET A 1 107 ? 1.227   -1.570  -13.348 1.00 8.51  ? 149 MET A CB  1 
ATOM   908  C CG  . MET A 1 107 ? 1.944   -1.141  -14.649 1.00 9.14  ? 149 MET A CG  1 
ATOM   909  S SD  . MET A 1 107 ? 2.742   0.441   -14.394 1.00 14.25 ? 149 MET A SD  1 
ATOM   910  C CE  . MET A 1 107 ? 3.535   0.795   -15.958 1.00 12.90 ? 149 MET A CE  1 
ATOM   911  N N   . ALA A 1 108 ? -1.000  -2.840  -11.551 1.00 8.74  ? 150 ALA A N   1 
ATOM   912  C CA  . ALA A 1 108 ? -1.583  -3.198  -10.270 1.00 8.78  ? 150 ALA A CA  1 
ATOM   913  C C   . ALA A 1 108 ? -1.832  -4.703  -10.219 1.00 8.60  ? 150 ALA A C   1 
ATOM   914  O O   . ALA A 1 108 ? -1.560  -5.354  -9.202  1.00 8.80  ? 150 ALA A O   1 
ATOM   915  C CB  . ALA A 1 108 ? -2.840  -2.394  -10.001 1.00 9.48  ? 150 ALA A CB  1 
ATOM   916  N N   . GLU A 1 109 ? -2.388  -5.253  -11.292 1.00 9.00  ? 151 GLU A N   1 
ATOM   917  C CA  . GLU A 1 109 ? -2.720  -6.683  -11.255 1.00 10.76 ? 151 GLU A CA  1 
ATOM   918  C C   . GLU A 1 109 ? -1.474  -7.573  -11.164 1.00 9.69  ? 151 GLU A C   1 
ATOM   919  O O   . GLU A 1 109 ? -1.461  -8.614  -10.469 1.00 9.89  ? 151 GLU A O   1 
ATOM   920  C CB  . GLU A 1 109 ? -3.445  -7.072  -12.540 1.00 13.32 ? 151 GLU A CB  1 
ATOM   921  C CG  . GLU A 1 109 ? -4.881  -6.601  -12.649 1.00 15.66 ? 151 GLU A CG  1 
ATOM   922  C CD  . GLU A 1 109 ? -5.530  -7.141  -13.918 1.00 24.48 ? 151 GLU A CD  1 
ATOM   923  O OE1 . GLU A 1 109 ? -4.884  -7.087  -14.998 1.00 29.08 ? 151 GLU A OE1 1 
ATOM   924  O OE2 . GLU A 1 109 ? -6.677  -7.632  -13.835 1.00 30.62 ? 151 GLU A OE2 1 
ATOM   925  N N   . ALA A 1 110 ? -0.363  -7.167  -11.792 1.00 9.15  ? 152 ALA A N   1 
ATOM   926  C CA  . ALA A 1 110 ? 0.878   -7.931  -11.672 1.00 9.84  ? 152 ALA A CA  1 
ATOM   927  C C   . ALA A 1 110 ? 1.440   -7.860  -10.248 1.00 9.33  ? 152 ALA A C   1 
ATOM   928  O O   . ALA A 1 110 ? 1.909   -8.845  -9.673  1.00 9.54  ? 152 ALA A O   1 
ATOM   929  C CB  . ALA A 1 110 ? 1.893   -7.392  -12.651 1.00 10.34 ? 152 ALA A CB  1 
ATOM   930  N N   . LEU A 1 111 ? 1.407   -6.684  -9.606  1.00 8.58  ? 153 LEU A N   1 
ATOM   931  C CA  . LEU A 1 111 ? 1.859   -6.585  -8.237  1.00 8.50  ? 153 LEU A CA  1 
ATOM   932  C C   . LEU A 1 111 ? 0.943   -7.400  -7.318  1.00 8.36  ? 153 LEU A C   1 
ATOM   933  O O   . LEU A 1 111 ? 1.428   -8.045  -6.379  1.00 9.18  ? 153 LEU A O   1 
ATOM   934  C CB  . LEU A 1 111 ? 1.884   -5.107  -7.812  1.00 9.24  ? 153 LEU A CB  1 
ATOM   935  C CG  . LEU A 1 111 ? 2.866   -4.222  -8.585  1.00 10.13 ? 153 LEU A CG  1 
ATOM   936  C CD1 . LEU A 1 111 ? 2.680   -2.780  -8.160  1.00 12.18 ? 153 LEU A CD1 1 
ATOM   937  C CD2 . LEU A 1 111 ? 4.325   -4.626  -8.328  1.00 10.98 ? 153 LEU A CD2 1 
ATOM   938  N N   . GLU A 1 112 ? -0.379  -7.307  -7.523  1.00 8.10  ? 154 GLU A N   1 
ATOM   939  C CA  . GLU A 1 112 ? -1.323  -8.030  -6.675  1.00 8.46  ? 154 GLU A CA  1 
ATOM   940  C C   . GLU A 1 112 ? -1.114  -9.546  -6.751  1.00 8.75  ? 154 GLU A C   1 
ATOM   941  O O   . GLU A 1 112 ? -1.217  -10.223 -5.724  1.00 9.01  ? 154 GLU A O   1 
ATOM   942  C CB  . GLU A 1 112 ? -2.750  -7.638  -7.032  1.00 9.80  ? 154 GLU A CB  1 
ATOM   943  C CG  . GLU A 1 112 ? -3.719  -8.240  -6.016  1.00 10.35 ? 154 GLU A CG  1 
ATOM   944  C CD  . GLU A 1 112 ? -5.198  -8.048  -6.260  1.00 11.51 ? 154 GLU A CD  1 
ATOM   945  O OE1 . GLU A 1 112 ? -5.563  -7.463  -7.280  1.00 13.47 ? 154 GLU A OE1 1 
ATOM   946  O OE2 . GLU A 1 112 ? -5.982  -8.543  -5.400  1.00 12.84 ? 154 GLU A OE2 1 
ATOM   947  N N   . LYS A 1 113 ? -0.783  -10.085 -7.928  1.00 9.44  ? 155 LYS A N   1 
ATOM   948  C CA  . LYS A 1 113 ? -0.596  -11.527 -8.033  1.00 10.45 ? 155 LYS A CA  1 
ATOM   949  C C   . LYS A 1 113 ? 0.594   -11.923 -7.154  1.00 10.93 ? 155 LYS A C   1 
ATOM   950  O O   . LYS A 1 113 ? 0.526   -12.936 -6.442  1.00 11.24 ? 155 LYS A O   1 
ATOM   951  C CB  . LYS A 1 113 ? -0.324  -11.870 -9.503  1.00 13.79 ? 155 LYS A CB  1 
ATOM   952  C CG  . LYS A 1 113 ? -0.152  -13.337 -9.816  1.00 17.03 ? 155 LYS A CG  1 
ATOM   953  C CD  . LYS A 1 113 ? 0.058   -13.492 -11.302 1.00 20.19 ? 155 LYS A CD  1 
ATOM   954  C CE  . LYS A 1 113 ? 0.278   -14.915 -11.756 1.00 24.68 ? 155 LYS A CE  1 
ATOM   955  N NZ  . LYS A 1 113 ? 0.390   -14.974 -13.240 1.00 29.48 ? 155 LYS A NZ  1 
ATOM   956  N N   . LEU A 1 114 ? 1.672   -11.129 -7.136  1.00 10.23 ? 156 LEU A N   1 
ATOM   957  C CA  . LEU A 1 114 ? 2.829   -11.398 -6.292  1.00 10.87 ? 156 LEU A CA  1 
ATOM   958  C C   . LEU A 1 114 ? 2.501   -11.216 -4.811  1.00 10.56 ? 156 LEU A C   1 
ATOM   959  O O   . LEU A 1 114 ? 2.923   -12.033 -3.983  1.00 12.29 ? 156 LEU A O   1 
ATOM   960  C CB  . LEU A 1 114 ? 3.993   -10.483 -6.670  1.00 14.01 ? 156 LEU A CB  1 
ATOM   961  C CG  . LEU A 1 114 ? 4.727   -10.909 -7.927  1.00 17.29 ? 156 LEU A CG  1 
ATOM   962  C CD1 . LEU A 1 114 ? 5.656   -9.800  -8.362  1.00 20.67 ? 156 LEU A CD1 1 
ATOM   963  C CD2 . LEU A 1 114 ? 5.534   -12.170 -7.639  1.00 21.25 ? 156 LEU A CD2 1 
ATOM   964  N N   . PHE A 1 115 ? 1.720   -10.168 -4.476  1.00 9.34  ? 157 PHE A N   1 
ATOM   965  C CA  . PHE A 1 115 ? 1.289   -9.943  -3.108  1.00 8.93  ? 157 PHE A CA  1 
ATOM   966  C C   . PHE A 1 115 ? 0.546   -11.173 -2.590  1.00 9.23  ? 157 PHE A C   1 
ATOM   967  O O   . PHE A 1 115 ? 0.808   -11.639 -1.493  1.00 10.03 ? 157 PHE A O   1 
ATOM   968  C CB  . PHE A 1 115 ? 0.399   -8.697  -3.106  1.00 9.40  ? 157 PHE A CB  1 
ATOM   969  C CG  . PHE A 1 115 ? -0.234  -8.419  -1.785  1.00 9.27  ? 157 PHE A CG  1 
ATOM   970  C CD1 . PHE A 1 115 ? 0.504   -7.947  -0.731  1.00 9.44  ? 157 PHE A CD1 1 
ATOM   971  C CD2 . PHE A 1 115 ? -1.589  -8.659  -1.579  1.00 12.81 ? 157 PHE A CD2 1 
ATOM   972  C CE1 . PHE A 1 115 ? -0.059  -7.721  0.513   1.00 11.59 ? 157 PHE A CE1 1 
ATOM   973  C CE2 . PHE A 1 115 ? -2.166  -8.342  -0.337  1.00 15.01 ? 157 PHE A CE2 1 
ATOM   974  C CZ  . PHE A 1 115 ? -1.384  -7.921  0.707   1.00 13.50 ? 157 PHE A CZ  1 
ATOM   975  N N   . LEU A 1 116 ? -0.412  -11.691 -3.370  1.00 10.27 ? 158 LEU A N   1 
ATOM   976  C CA  . LEU A 1 116 ? -1.195  -12.861 -2.939  1.00 13.03 ? 158 LEU A CA  1 
ATOM   977  C C   . LEU A 1 116 ? -0.267  -14.063 -2.690  1.00 12.96 ? 158 LEU A C   1 
ATOM   978  O O   . LEU A 1 116 ? -0.366  -14.718 -1.638  1.00 15.46 ? 158 LEU A O   1 
ATOM   979  C CB  . LEU A 1 116 ? -2.311  -13.181 -3.959  1.00 14.67 ? 158 LEU A CB  1 
ATOM   980  C CG  . LEU A 1 116 ? -3.353  -12.089 -4.221  1.00 21.33 ? 158 LEU A CG  1 
ATOM   981  C CD1 . LEU A 1 116 ? -4.301  -12.416 -5.358  1.00 24.30 ? 158 LEU A CD1 1 
ATOM   982  C CD2 . LEU A 1 116 ? -4.107  -11.626 -2.974  1.00 25.86 ? 158 LEU A CD2 1 
ATOM   983  N N   . GLN A 1 117 ? 0.686   -14.306 -3.573  1.00 13.81 ? 159 GLN A N   1 
ATOM   984  C CA  . GLN A 1 117 ? 1.636   -15.410 -3.374  1.00 15.04 ? 159 GLN A CA  1 
ATOM   985  C C   . GLN A 1 117 ? 2.366   -15.231 -2.035  1.00 14.52 ? 159 GLN A C   1 
ATOM   986  O O   . GLN A 1 117 ? 2.540   -16.172 -1.250  1.00 16.55 ? 159 GLN A O   1 
ATOM   987  C CB  . GLN A 1 117 ? 2.686   -15.379 -4.490  1.00 17.12 ? 159 GLN A CB  1 
ATOM   988  C CG  . GLN A 1 117 ? 2.244   -15.854 -5.875  1.00 23.48 ? 159 GLN A CG  1 
ATOM   989  C CD  . GLN A 1 117 ? 3.291   -15.511 -6.914  1.00 27.71 ? 159 GLN A CD  1 
ATOM   990  O OE1 . GLN A 1 117 ? 4.494   -15.751 -6.735  1.00 36.07 ? 159 GLN A OE1 1 
ATOM   991  N NE2 . GLN A 1 117 ? 2.856   -14.931 -8.024  1.00 30.99 ? 159 GLN A NE2 1 
ATOM   992  N N   . LYS A 1 118 ? 2.895   -14.026 -1.805  1.00 12.44 ? 160 LYS A N   1 
ATOM   993  C CA  . LYS A 1 118 ? 3.703   -13.780 -0.606  1.00 12.29 ? 160 LYS A CA  1 
ATOM   994  C C   . LYS A 1 118 ? 2.890   -13.815 0.673   1.00 11.49 ? 160 LYS A C   1 
ATOM   995  O O   . LYS A 1 118 ? 3.371   -14.297 1.714   1.00 11.86 ? 160 LYS A O   1 
ATOM   996  C CB  . LYS A 1 118 ? 4.504   -12.478 -0.727  1.00 14.04 ? 160 LYS A CB  1 
ATOM   997  C CG  . LYS A 1 118 ? 5.587   -12.465 -1.787  1.00 16.27 ? 160 LYS A CG  1 
ATOM   998  C CD  . LYS A 1 118 ? 6.804   -13.378 -1.542  1.00 19.50 ? 160 LYS A CD  1 
ATOM   999  C CE  . LYS A 1 118 ? 6.828   -14.634 -2.399  1.00 18.65 ? 160 LYS A CE  1 
ATOM   1000 N NZ  . LYS A 1 118 ? 7.954   -15.551 -2.020  1.00 17.35 ? 160 LYS A NZ  1 
ATOM   1001 N N   . ILE A 1 119 ? 1.650   -13.356 0.642   1.00 12.30 ? 161 ILE A N   1 
ATOM   1002 C CA  . ILE A 1 119 ? 0.834   -13.371 1.838   1.00 13.94 ? 161 ILE A CA  1 
ATOM   1003 C C   . ILE A 1 119 ? 0.376   -14.785 2.205   1.00 13.00 ? 161 ILE A C   1 
ATOM   1004 O O   . ILE A 1 119 ? 0.200   -15.097 3.376   1.00 13.26 ? 161 ILE A O   1 
ATOM   1005 C CB  . ILE A 1 119 ? -0.274  -12.317 1.694   1.00 17.52 ? 161 ILE A CB  1 
ATOM   1006 C CG1 . ILE A 1 119 ? -0.507  -11.657 3.038   1.00 19.10 ? 161 ILE A CG1 1 
ATOM   1007 C CG2 . ILE A 1 119 ? -1.472  -12.798 0.976   1.00 16.90 ? 161 ILE A CG2 1 
ATOM   1008 C CD1 . ILE A 1 119 ? 0.556   -10.646 3.200   1.00 17.21 ? 161 ILE A CD1 1 
ATOM   1009 N N   . ASN A 1 120 ? 0.189   -15.664 1.208   1.00 13.61 ? 162 ASN A N   1 
ATOM   1010 C CA  . ASN A 1 120 ? -0.181  -17.044 1.553   1.00 12.56 ? 162 ASN A CA  1 
ATOM   1011 C C   . ASN A 1 120 ? 0.944   -17.720 2.326   1.00 12.58 ? 162 ASN A C   1 
ATOM   1012 O O   . ASN A 1 120 ? 0.699   -18.676 3.086   1.00 11.13 ? 162 ASN A O   1 
ATOM   1013 C CB  . ASN A 1 120 ? -0.505  -17.911 0.328   1.00 14.66 ? 162 ASN A CB  1 
ATOM   1014 C CG  . ASN A 1 120 ? -1.791  -17.497 -0.347  1.00 17.90 ? 162 ASN A CG  1 
ATOM   1015 O OD1 . ASN A 1 120 ? -2.684  -16.935 0.300   1.00 19.28 ? 162 ASN A OD1 1 
ATOM   1016 N ND2 . ASN A 1 120 ? -1.905  -17.795 -1.625  1.00 19.78 ? 162 ASN A ND2 1 
ATOM   1017 N N   . GLU A 1 121 ? 2.180   -17.238 2.140   1.00 12.47 ? 163 GLU A N   1 
ATOM   1018 C CA  . GLU A 1 121 ? 3.350   -17.708 2.856   1.00 13.06 ? 163 GLU A CA  1 
ATOM   1019 C C   . GLU A 1 121 ? 3.615   -17.023 4.193   1.00 12.36 ? 163 GLU A C   1 
ATOM   1020 O O   . GLU A 1 121 ? 4.663   -17.222 4.798   1.00 14.65 ? 163 GLU A O   1 
ATOM   1021 C CB  . GLU A 1 121 ? 4.561   -17.640 1.908   1.00 15.95 ? 163 GLU A CB  1 
ATOM   1022 C CG  . GLU A 1 121 ? 4.376   -18.530 0.659   1.00 20.23 ? 163 GLU A CG  1 
ATOM   1023 C CD  . GLU A 1 121 ? 5.241   -18.223 -0.555  1.00 26.83 ? 163 GLU A CD  1 
ATOM   1024 O OE1 . GLU A 1 121 ? 5.723   -17.070 -0.680  1.00 27.40 ? 163 GLU A OE1 1 
ATOM   1025 O OE2 . GLU A 1 121 ? 5.450   -19.152 -1.389  1.00 29.49 ? 163 GLU A OE2 1 
ATOM   1026 N N   . LEU A 1 122 ? 2.688   -16.180 4.677   1.00 11.57 ? 164 LEU A N   1 
ATOM   1027 C CA  . LEU A 1 122 ? 2.869   -15.514 5.945   1.00 13.28 ? 164 LEU A CA  1 
ATOM   1028 C C   . LEU A 1 122 ? 3.171   -16.537 7.040   1.00 13.88 ? 164 LEU A C   1 
ATOM   1029 O O   . LEU A 1 122 ? 2.509   -17.581 7.091   1.00 16.23 ? 164 LEU A O   1 
ATOM   1030 C CB  . LEU A 1 122 ? 1.574   -14.752 6.267   1.00 14.22 ? 164 LEU A CB  1 
ATOM   1031 C CG  . LEU A 1 122 ? 1.603   -13.746 7.422   1.00 14.49 ? 164 LEU A CG  1 
ATOM   1032 C CD1 . LEU A 1 122 ? 2.535   -12.577 7.134   1.00 17.48 ? 164 LEU A CD1 1 
ATOM   1033 C CD2 . LEU A 1 122 ? 0.181   -13.274 7.776   1.00 15.86 ? 164 LEU A CD2 1 
ATOM   1034 N N   . PRO A 1 123 ? 4.178   -16.334 7.907   1.00 13.95 ? 165 PRO A N   1 
ATOM   1035 C CA  . PRO A 1 123 ? 4.495   -17.314 8.942   1.00 15.70 ? 165 PRO A CA  1 
ATOM   1036 C C   . PRO A 1 123 ? 3.466   -17.271 10.056  1.00 18.56 ? 165 PRO A C   1 
ATOM   1037 O O   . PRO A 1 123 ? 2.862   -16.232 10.335  1.00 16.93 ? 165 PRO A O   1 
ATOM   1038 C CB  . PRO A 1 123 ? 5.822   -16.800 9.548   1.00 17.18 ? 165 PRO A CB  1 
ATOM   1039 C CG  . PRO A 1 123 ? 5.853   -15.307 9.204   1.00 18.20 ? 165 PRO A CG  1 
ATOM   1040 C CD  . PRO A 1 123 ? 5.161   -15.221 7.862   1.00 16.56 ? 165 PRO A CD  1 
ATOM   1041 N N   . THR A 1 124 ? 3.295   -18.411 10.723  1.00 18.93 ? 166 THR A N   1 
ATOM   1042 C CA  . THR A 1 124 ? 2.515   -18.448 11.944  1.00 21.75 ? 166 THR A CA  1 
ATOM   1043 C C   . THR A 1 124 ? 3.146   -17.451 12.920  1.00 24.46 ? 166 THR A C   1 
ATOM   1044 O O   . THR A 1 124 ? 4.368   -17.308 12.924  1.00 24.83 ? 166 THR A O   1 
ATOM   1045 C CB  . THR A 1 124 ? 2.493   -19.881 12.499  1.00 20.13 ? 166 THR A CB  1 
ATOM   1046 O OG1 . THR A 1 124 ? 1.688   -20.631 11.591  1.00 22.41 ? 166 THR A OG1 1 
ATOM   1047 C CG2 . THR A 1 124 ? 1.954   -19.917 13.918  1.00 21.82 ? 166 THR A CG2 1 
ATOM   1048 N N   . GLU A 1 125 ? 2.309   -16.704 13.673  1.00 28.70 ? 167 GLU A N   1 
ATOM   1049 C CA  . GLU A 1 125 ? 2.791   -15.761 14.681  1.00 32.64 ? 167 GLU A CA  1 
ATOM   1050 C C   . GLU A 1 125 ? 3.531   -16.530 15.779  1.00 34.81 ? 167 GLU A C   1 
ATOM   1051 O O   . GLU A 1 125 ? 3.012   -17.531 16.284  1.00 32.51 ? 167 GLU A O   1 
ATOM   1052 C CB  . GLU A 1 125 ? 1.634   -14.914 15.213  1.00 36.98 ? 167 GLU A CB  1 
ATOM   1053 C CG  . GLU A 1 125 ? 2.049   -13.723 16.060  1.00 44.08 ? 167 GLU A CG  1 
ATOM   1054 C CD  . GLU A 1 125 ? 0.871   -12.945 16.632  1.00 47.65 ? 167 GLU A CD  1 
ATOM   1055 O OE1 . GLU A 1 125 ? 1.080   -11.828 17.163  1.00 47.42 ? 167 GLU A OE1 1 
ATOM   1056 O OE2 . GLU A 1 125 ? -0.262  -13.464 16.554  1.00 55.42 ? 167 GLU A OE2 1 
ATOM   1057 N N   . GLU A 1 126 ? 4.736   -16.050 16.133  1.00 38.81 ? 168 GLU A N   1 
ATOM   1058 C CA  . GLU A 1 126 ? 5.803   -16.888 16.668  1.00 50.51 ? 168 GLU A CA  1 
ATOM   1059 C C   . GLU A 1 126 ? 5.577   -17.166 18.155  1.00 57.00 ? 168 GLU A C   1 
ATOM   1060 O O   . GLU A 1 126 ? 5.597   -16.248 18.975  1.00 67.60 ? 168 GLU A O   1 
ATOM   1061 C CB  . GLU A 1 126 ? 7.192   -16.273 16.439  1.00 52.72 ? 168 GLU A CB  1 
ATOM   1062 C CG  . GLU A 1 126 ? 8.118   -17.124 15.572  1.00 58.86 ? 168 GLU A CG  1 
ATOM   1063 C CD  . GLU A 1 126 ? 9.478   -16.523 15.216  1.00 62.30 ? 168 GLU A CD  1 
ATOM   1064 O OE1 . GLU A 1 126 ? 10.290  -16.295 16.142  1.00 66.81 ? 168 GLU A OE1 1 
ATOM   1065 O OE2 . GLU A 1 126 ? 9.732   -16.279 14.011  1.00 52.26 ? 168 GLU A OE2 1 
ATOM   1066 O OXT . GLU A 1 126 ? 5.388   -18.320 18.552  1.00 64.85 ? 168 GLU A OXT 1 
HETATM 1067 C C4  . 7OW B 2 .   ? -0.887  6.558   -10.778 1.00 7.16  ? 201 7OW A C4  1 
HETATM 1068 C C14 . 7OW B 2 .   ? 3.746   11.415  -14.861 1.00 8.53  ? 201 7OW A C14 1 
HETATM 1069 C C5  . 7OW B 2 .   ? 0.418   7.159   -11.173 1.00 6.70  ? 201 7OW A C5  1 
HETATM 1070 C C6  . 7OW B 2 .   ? 1.360   7.518   -10.183 1.00 6.54  ? 201 7OW A C6  1 
HETATM 1071 C C11 . 7OW B 2 .   ? 5.825   10.195  -14.293 1.00 8.33  ? 201 7OW A C11 1 
HETATM 1072 C C7  . 7OW B 2 .   ? 2.537   8.156   -10.498 1.00 6.76  ? 201 7OW A C7  1 
HETATM 1073 C C8  . 7OW B 2 .   ? 2.775   8.468   -11.837 1.00 6.90  ? 201 7OW A C8  1 
HETATM 1074 C C9  . 7OW B 2 .   ? 3.551   9.250   -13.706 1.00 6.99  ? 201 7OW A C9  1 
HETATM 1075 C C10 . 7OW B 2 .   ? 4.368   10.002  -14.714 1.00 7.84  ? 201 7OW A C10 1 
HETATM 1076 C C12 . 7OW B 2 .   ? 6.581   11.122  -15.225 1.00 8.62  ? 201 7OW A C12 1 
HETATM 1077 C C13 . 7OW B 2 .   ? 4.637   12.259  -15.762 1.00 8.81  ? 201 7OW A C13 1 
HETATM 1078 N N1  . 7OW B 2 .   ? 3.830   9.194   -12.428 1.00 6.68  ? 201 7OW A N1  1 
HETATM 1079 N N2  . 7OW B 2 .   ? 2.406   8.541   -14.020 1.00 6.83  ? 201 7OW A N2  1 
HETATM 1080 C C3  . 7OW B 2 .   ? -2.048  7.039   -11.370 1.00 7.31  ? 201 7OW A C3  1 
HETATM 1081 N N3  . 7OW B 2 .   ? -2.207  5.108   -9.370  1.00 7.30  ? 201 7OW A N3  1 
HETATM 1082 C C1  . 7OW B 2 .   ? -4.551  7.075   -11.587 1.00 8.46  ? 201 7OW A C1  1 
HETATM 1083 C C2  . 7OW B 2 .   ? -3.285  6.544   -10.987 1.00 6.22  ? 201 7OW A C2  1 
HETATM 1084 O O1  . 7OW B 2 .   ? 5.947   12.398  -15.229 1.00 8.83  ? 201 7OW A O1  1 
HETATM 1085 C C15 . 7OW B 2 .   ? 1.754   8.396   -15.329 1.00 7.67  ? 201 7OW A C15 1 
HETATM 1086 C C16 . 7OW B 2 .   ? 2.211   7.151   -16.033 1.00 9.74  ? 201 7OW A C16 1 
HETATM 1087 O O2  . 7OW B 2 .   ? 1.712   6.024   -15.294 1.00 11.25 ? 201 7OW A O2  1 
HETATM 1088 C C17 . 7OW B 2 .   ? 1.922   4.797   -15.888 1.00 13.72 ? 201 7OW A C17 1 
HETATM 1089 F F1  . 7OW B 2 .   ? 3.167   4.540   -16.210 1.00 16.33 ? 201 7OW A F1  1 
HETATM 1090 F F2  . 7OW B 2 .   ? 1.451   3.896   -15.033 1.00 15.28 ? 201 7OW A F2  1 
HETATM 1091 F F3  . 7OW B 2 .   ? 1.274   4.664   -17.016 1.00 16.55 ? 201 7OW A F3  1 
HETATM 1092 C C18 . 7OW B 2 .   ? 1.861   8.095   -12.820 1.00 6.95  ? 201 7OW A C18 1 
HETATM 1093 C C19 . 7OW B 2 .   ? 0.688   7.421   -12.527 1.00 7.01  ? 201 7OW A C19 1 
HETATM 1094 C C20 . 7OW B 2 .   ? -0.998  5.623   -9.765  1.00 6.59  ? 201 7OW A C20 1 
HETATM 1095 C C21 . 7OW B 2 .   ? -2.284  4.091   -8.307  1.00 7.75  ? 201 7OW A C21 1 
HETATM 1096 C C22 . 7OW B 2 .   ? -3.371  5.514   -10.010 1.00 7.16  ? 201 7OW A C22 1 
HETATM 1097 O O3  . 7OW B 2 .   ? -4.477  5.043   -9.701  1.00 8.13  ? 201 7OW A O3  1 
HETATM 1098 O O   . HOH C 3 .   ? -18.270 8.600   4.956   1.00 43.55 ? 301 HOH A O   1 
HETATM 1099 O O   . HOH C 3 .   ? 6.891   -18.108 -3.071  1.00 26.13 ? 302 HOH A O   1 
HETATM 1100 O O   . HOH C 3 .   ? -6.287  5.906   -15.797 1.00 33.29 ? 303 HOH A O   1 
HETATM 1101 O O   . HOH C 3 .   ? -12.618 9.815   -13.399 1.00 28.59 ? 304 HOH A O   1 
HETATM 1102 O O   . HOH C 3 .   ? 0.986   0.644   -23.367 1.00 27.74 ? 305 HOH A O   1 
HETATM 1103 O O   . HOH C 3 .   ? -7.720  -6.940  3.975   1.00 28.41 ? 306 HOH A O   1 
HETATM 1104 O O   . HOH C 3 .   ? -3.092  -8.812  -15.655 1.00 30.58 ? 307 HOH A O   1 
HETATM 1105 O O   . HOH C 3 .   ? -5.597  4.472   -7.253  1.00 6.03  ? 308 HOH A O   1 
HETATM 1106 O O   . HOH C 3 .   ? 7.628   -16.158 0.867   1.00 15.89 ? 309 HOH A O   1 
HETATM 1107 O O   . HOH C 3 .   ? 13.022  -1.412  4.838   1.00 27.59 ? 310 HOH A O   1 
HETATM 1108 O O   . HOH C 3 .   ? 10.391  -12.128 -3.835  1.00 31.82 ? 311 HOH A O   1 
HETATM 1109 O O   . HOH C 3 .   ? 2.979   -18.652 -2.220  1.00 23.95 ? 312 HOH A O   1 
HETATM 1110 O O   . HOH C 3 .   ? -10.607 0.665   -1.866  1.00 12.78 ? 313 HOH A O   1 
HETATM 1111 O O   . HOH C 3 .   ? 9.072   -9.737  15.970  1.00 33.24 ? 314 HOH A O   1 
HETATM 1112 O O   . HOH C 3 .   ? 10.708  -3.562  -18.153 1.00 14.76 ? 315 HOH A O   1 
HETATM 1113 O O   . HOH C 3 .   ? 5.360   10.015  6.645   1.00 34.33 ? 316 HOH A O   1 
HETATM 1114 O O   . HOH C 3 .   ? 5.403   10.476  -10.654 1.00 8.94  ? 317 HOH A O   1 
HETATM 1115 O O   . HOH C 3 .   ? -0.404  11.583  13.202  1.00 11.41 ? 318 HOH A O   1 
HETATM 1116 O O   . HOH C 3 .   ? -0.218  13.201  7.132   1.00 19.07 ? 319 HOH A O   1 
HETATM 1117 O O   . HOH C 3 .   ? -0.717  -7.602  -15.526 1.00 20.85 ? 320 HOH A O   1 
HETATM 1118 O O   . HOH C 3 .   ? -3.692  -14.596 -0.646  1.00 34.30 ? 321 HOH A O   1 
HETATM 1119 O O   . HOH C 3 .   ? 7.312   7.590   -1.022  1.00 16.78 ? 322 HOH A O   1 
HETATM 1120 O O   . HOH C 3 .   ? -3.129  0.445   17.123  1.00 8.45  ? 323 HOH A O   1 
HETATM 1121 O O   . HOH C 3 .   ? 2.291   14.737  -15.266 1.00 27.96 ? 324 HOH A O   1 
HETATM 1122 O O   . HOH C 3 .   ? 5.250   13.605  -7.368  1.00 15.93 ? 325 HOH A O   1 
HETATM 1123 O O   . HOH C 3 .   ? 2.175   8.908   3.977   1.00 11.39 ? 326 HOH A O   1 
HETATM 1124 O O   . HOH C 3 .   ? -4.053  11.036  1.777   1.00 9.99  ? 327 HOH A O   1 
HETATM 1125 O O   . HOH C 3 .   ? 8.887   -15.759 11.458  1.00 22.39 ? 328 HOH A O   1 
HETATM 1126 O O   . HOH C 3 .   ? 0.857   3.875   15.778  1.00 7.54  ? 329 HOH A O   1 
HETATM 1127 O O   . HOH C 3 .   ? -10.499 -3.189  -0.632  1.00 26.25 ? 330 HOH A O   1 
HETATM 1128 O O   . HOH C 3 .   ? 3.048   -10.816 -11.206 1.00 16.58 ? 331 HOH A O   1 
HETATM 1129 O O   . HOH C 3 .   ? -0.004  -18.741 -3.366  1.00 27.50 ? 332 HOH A O   1 
HETATM 1130 O O   . HOH C 3 .   ? -9.076  10.088  -15.041 1.00 32.07 ? 333 HOH A O   1 
HETATM 1131 O O   . HOH C 3 .   ? 15.317  -7.934  -2.044  1.00 15.75 ? 334 HOH A O   1 
HETATM 1132 O O   . HOH C 3 .   ? -0.894  -15.238 -6.990  1.00 19.53 ? 335 HOH A O   1 
HETATM 1133 O O   . HOH C 3 .   ? 1.391   -20.583 4.957   1.00 15.42 ? 336 HOH A O   1 
HETATM 1134 O O   . HOH C 3 .   ? -6.067  7.185   3.594   1.00 11.44 ? 337 HOH A O   1 
HETATM 1135 O O   . HOH C 3 .   ? -5.292  7.860   14.014  1.00 27.48 ? 338 HOH A O   1 
HETATM 1136 O O   . HOH C 3 .   ? 7.037   8.303   10.190  1.00 15.54 ? 339 HOH A O   1 
HETATM 1137 O O   . HOH C 3 .   ? 0.239   5.673   -5.872  1.00 8.63  ? 340 HOH A O   1 
HETATM 1138 O O   . HOH C 3 .   ? -5.171  -9.690  15.582  1.00 13.73 ? 341 HOH A O   1 
HETATM 1139 O O   . HOH C 3 .   ? 2.797   5.818   15.563  1.00 6.57  ? 342 HOH A O   1 
HETATM 1140 O O   . HOH C 3 .   ? -7.807  -7.546  12.985  1.00 15.36 ? 343 HOH A O   1 
HETATM 1141 O O   . HOH C 3 .   ? 1.924   9.578   -7.469  1.00 12.72 ? 344 HOH A O   1 
HETATM 1142 O O   . HOH C 3 .   ? -12.931 7.445   -12.433 1.00 23.52 ? 345 HOH A O   1 
HETATM 1143 O O   . HOH C 3 .   ? 5.605   -10.123 -12.147 1.00 21.12 ? 346 HOH A O   1 
HETATM 1144 O O   . HOH C 3 .   ? 10.540  -8.204  -7.078  1.00 20.77 ? 347 HOH A O   1 
HETATM 1145 O O   . HOH C 3 .   ? 3.181   11.803  -3.945  1.00 11.61 ? 348 HOH A O   1 
HETATM 1146 O O   . HOH C 3 .   ? -1.835  7.499   -0.406  1.00 7.87  ? 349 HOH A O   1 
HETATM 1147 O O   . HOH C 3 .   ? -10.825 4.487   -0.980  1.00 10.97 ? 350 HOH A O   1 
HETATM 1148 O O   . HOH C 3 .   ? 2.602   -11.258 19.436  1.00 33.18 ? 351 HOH A O   1 
HETATM 1149 O O   . HOH C 3 .   ? -15.161 2.061   -11.439 1.00 31.49 ? 352 HOH A O   1 
HETATM 1150 O O   . HOH C 3 .   ? 12.763  -0.224  -6.022  1.00 20.40 ? 353 HOH A O   1 
HETATM 1151 O O   . HOH C 3 .   ? -5.001  19.744  1.106   1.00 10.54 ? 354 HOH A O   1 
HETATM 1152 O O   . HOH C 3 .   ? 6.979   -17.842 6.248   1.00 33.56 ? 355 HOH A O   1 
HETATM 1153 O O   . HOH C 3 .   ? -4.222  1.159   10.475  1.00 18.02 ? 356 HOH A O   1 
HETATM 1154 O O   . HOH C 3 .   ? 3.484   -13.469 -10.333 1.00 35.16 ? 357 HOH A O   1 
HETATM 1155 O O   . HOH C 3 .   ? 0.261   16.283  0.101   1.00 22.01 ? 358 HOH A O   1 
HETATM 1156 O O   . HOH C 3 .   ? 10.786  4.550   3.823   1.00 21.12 ? 359 HOH A O   1 
HETATM 1157 O O   . HOH C 3 .   ? -4.709  5.289   -3.536  1.00 7.84  ? 360 HOH A O   1 
HETATM 1158 O O   . HOH C 3 .   ? 8.583   5.219   2.480   1.00 18.34 ? 361 HOH A O   1 
HETATM 1159 O O   . HOH C 3 .   ? -14.818 17.116  -10.730 1.00 20.18 ? 362 HOH A O   1 
HETATM 1160 O O   . HOH C 3 .   ? -1.422  3.787   -4.765  1.00 8.84  ? 363 HOH A O   1 
HETATM 1161 O O   . HOH C 3 .   ? -10.377 -0.669  -13.348 1.00 13.77 ? 364 HOH A O   1 
HETATM 1162 O O   . HOH C 3 .   ? -3.992  3.131   -5.363  1.00 8.35  ? 365 HOH A O   1 
HETATM 1163 O O   . HOH C 3 .   ? 4.827   5.288   13.817  1.00 7.85  ? 366 HOH A O   1 
HETATM 1164 O O   . HOH C 3 .   ? 6.713   15.125  -15.389 1.00 10.61 ? 367 HOH A O   1 
HETATM 1165 O O   . HOH C 3 .   ? -4.735  -0.071  8.005   1.00 16.27 ? 368 HOH A O   1 
HETATM 1166 O O   . HOH C 3 .   ? -10.565 0.184   1.053   1.00 20.08 ? 369 HOH A O   1 
HETATM 1167 O O   . HOH C 3 .   ? 8.729   6.141   -7.770  1.00 10.01 ? 370 HOH A O   1 
HETATM 1168 O O   . HOH C 3 .   ? -1.123  -20.409 12.068  1.00 19.59 ? 371 HOH A O   1 
HETATM 1169 O O   . HOH C 3 .   ? -11.898 2.378   2.543   1.00 29.79 ? 372 HOH A O   1 
HETATM 1170 O O   . HOH C 3 .   ? -12.392 16.342  -2.066  1.00 8.32  ? 373 HOH A O   1 
HETATM 1171 O O   . HOH C 3 .   ? 14.104  2.515   -2.736  1.00 30.92 ? 374 HOH A O   1 
HETATM 1172 O O   . HOH C 3 .   ? -8.555  -5.238  -18.360 1.00 31.31 ? 375 HOH A O   1 
HETATM 1173 O O   . HOH C 3 .   ? -1.322  12.940  -0.398  1.00 9.97  ? 376 HOH A O   1 
HETATM 1174 O O   . HOH C 3 .   ? -0.905  3.904   -21.688 1.00 32.35 ? 377 HOH A O   1 
HETATM 1175 O O   . HOH C 3 .   ? 5.112   -19.969 5.539   1.00 34.38 ? 378 HOH A O   1 
HETATM 1176 O O   . HOH C 3 .   ? -2.327  7.138   -3.118  1.00 8.83  ? 379 HOH A O   1 
HETATM 1177 O O   . HOH C 3 .   ? -14.282 5.872   -10.217 1.00 29.06 ? 380 HOH A O   1 
HETATM 1178 O O   . HOH C 3 .   ? -6.506  -0.108  13.627  1.00 23.38 ? 381 HOH A O   1 
HETATM 1179 O O   . HOH C 3 .   ? -10.440 6.848   -15.228 1.00 32.24 ? 382 HOH A O   1 
HETATM 1180 O O   . HOH C 3 .   ? -14.823 5.240   -4.221  1.00 19.47 ? 383 HOH A O   1 
HETATM 1181 O O   . HOH C 3 .   ? -0.796  13.513  -3.062  1.00 11.59 ? 384 HOH A O   1 
HETATM 1182 O O   . HOH C 3 .   ? -16.708 8.737   -3.342  1.00 29.62 ? 385 HOH A O   1 
HETATM 1183 O O   . HOH C 3 .   ? 4.048   -1.768  13.296  1.00 16.05 ? 386 HOH A O   1 
HETATM 1184 O O   . HOH C 3 .   ? -5.149  3.185   6.827   1.00 23.84 ? 387 HOH A O   1 
HETATM 1185 O O   . HOH C 3 .   ? 6.175   -12.057 17.004  1.00 20.98 ? 388 HOH A O   1 
HETATM 1186 O O   . HOH C 3 .   ? -6.673  0.679   4.311   1.00 17.35 ? 389 HOH A O   1 
HETATM 1187 O O   . HOH C 3 .   ? 6.162   -2.921  11.889  1.00 13.49 ? 390 HOH A O   1 
HETATM 1188 O O   . HOH C 3 .   ? -2.309  11.469  -15.633 1.00 23.68 ? 391 HOH A O   1 
HETATM 1189 O O   . HOH C 3 .   ? -0.507  -17.429 13.288  1.00 34.74 ? 392 HOH A O   1 
HETATM 1190 O O   . HOH C 3 .   ? 3.075   17.721  -14.010 1.00 29.49 ? 393 HOH A O   1 
HETATM 1191 O O   . HOH C 3 .   ? -4.428  11.787  5.718   1.00 10.99 ? 394 HOH A O   1 
HETATM 1192 O O   . HOH C 3 .   ? 10.495  -14.610 -3.172  1.00 17.91 ? 395 HOH A O   1 
HETATM 1193 O O   . HOH C 3 .   ? 14.937  -4.028  -8.399  1.00 23.22 ? 396 HOH A O   1 
HETATM 1194 O O   . HOH C 3 .   ? 10.190  -2.215  11.761  1.00 28.07 ? 397 HOH A O   1 
HETATM 1195 O O   . HOH C 3 .   ? -4.040  -9.928  -9.855  1.00 32.44 ? 398 HOH A O   1 
HETATM 1196 O O   . HOH C 3 .   ? -3.858  -8.112  19.515  1.00 9.76  ? 399 HOH A O   1 
HETATM 1197 O O   . HOH C 3 .   ? -5.016  3.592   10.646  1.00 28.88 ? 400 HOH A O   1 
HETATM 1198 O O   . HOH C 3 .   ? 11.657  -3.465  2.830   1.00 23.09 ? 401 HOH A O   1 
HETATM 1199 O O   . HOH C 3 .   ? 10.224  -7.029  -11.934 1.00 19.79 ? 402 HOH A O   1 
HETATM 1200 O O   . HOH C 3 .   ? -2.662  3.900   -17.228 1.00 15.65 ? 403 HOH A O   1 
HETATM 1201 O O   . HOH C 3 .   ? 7.753   -4.475  10.378  1.00 23.94 ? 404 HOH A O   1 
HETATM 1202 O O   . HOH C 3 .   ? -3.129  3.236   -20.444 1.00 22.12 ? 405 HOH A O   1 
HETATM 1203 O O   . HOH C 3 .   ? -13.382 5.235   -1.981  1.00 14.91 ? 406 HOH A O   1 
HETATM 1204 O O   . HOH C 3 .   ? 2.810   5.482   21.334  1.00 11.54 ? 407 HOH A O   1 
HETATM 1205 O O   . HOH C 3 .   ? -2.692  10.417  -0.561  1.00 9.46  ? 408 HOH A O   1 
HETATM 1206 O O   . HOH C 3 .   ? 1.310   17.467  -2.364  1.00 41.08 ? 409 HOH A O   1 
HETATM 1207 O O   . HOH C 3 .   ? -6.692  -7.698  6.546   1.00 22.09 ? 410 HOH A O   1 
HETATM 1208 O O   . HOH C 3 .   ? -7.189  -4.847  12.783  1.00 17.37 ? 411 HOH A O   1 
HETATM 1209 O O   . HOH C 3 .   ? -1.676  -11.271 18.406  1.00 30.32 ? 412 HOH A O   1 
HETATM 1210 O O   . HOH C 3 .   ? -5.032  -18.751 0.943   1.00 22.51 ? 413 HOH A O   1 
HETATM 1211 O O   . HOH C 3 .   ? 2.562   18.194  -7.392  1.00 23.60 ? 414 HOH A O   1 
HETATM 1212 O O   . HOH C 3 .   ? -10.526 -4.713  1.035   1.00 26.60 ? 415 HOH A O   1 
HETATM 1213 O O   . HOH C 3 .   ? 0.073   10.623  23.268  1.00 20.82 ? 416 HOH A O   1 
HETATM 1214 O O   . HOH C 3 .   ? -2.483  -12.064 9.836   1.00 30.23 ? 417 HOH A O   1 
HETATM 1215 O O   . HOH C 3 .   ? -18.116 9.864   2.620   1.00 18.91 ? 418 HOH A O   1 
HETATM 1216 O O   . HOH C 3 .   ? 12.680  -2.729  0.345   1.00 21.43 ? 419 HOH A O   1 
HETATM 1217 O O   . HOH C 3 .   ? -8.422  1.506   -21.381 1.00 29.40 ? 420 HOH A O   1 
HETATM 1218 O O   . HOH C 3 .   ? -5.557  -10.248 1.377   1.00 28.18 ? 421 HOH A O   1 
HETATM 1219 O O   . HOH C 3 .   ? -1.981  -16.164 11.513  1.00 27.81 ? 422 HOH A O   1 
HETATM 1220 O O   . HOH C 3 .   ? -4.998  13.744  -16.949 1.00 32.22 ? 423 HOH A O   1 
HETATM 1221 O O   . HOH C 3 .   ? 13.053  -7.895  -3.565  1.00 15.77 ? 424 HOH A O   1 
HETATM 1222 O O   . HOH C 3 .   ? -7.381  -4.585  9.851   1.00 26.07 ? 425 HOH A O   1 
HETATM 1223 O O   . HOH C 3 .   ? 2.989   15.975  -4.041  1.00 25.92 ? 426 HOH A O   1 
HETATM 1224 O O   . HOH C 3 .   ? 5.186   -8.334  -14.217 1.00 32.11 ? 427 HOH A O   1 
HETATM 1225 O O   . HOH C 3 .   ? 1.456   19.590  -5.363  1.00 22.31 ? 428 HOH A O   1 
HETATM 1226 O O   . HOH C 3 .   ? -0.239  -18.749 16.229  1.00 40.45 ? 429 HOH A O   1 
HETATM 1227 O O   . HOH C 3 .   ? -12.663 17.335  -11.527 1.00 28.61 ? 430 HOH A O   1 
HETATM 1228 O O   . HOH C 3 .   ? -11.362 7.385   -24.740 1.00 23.65 ? 431 HOH A O   1 
HETATM 1229 O O   . HOH C 3 .   ? 14.789  -0.406  -3.660  1.00 22.10 ? 432 HOH A O   1 
HETATM 1230 O O   . HOH C 3 .   ? 1.781   14.048  -3.308  1.00 19.11 ? 433 HOH A O   1 
HETATM 1231 O O   . HOH C 3 .   ? 7.825   10.312  8.311   1.00 28.17 ? 434 HOH A O   1 
HETATM 1232 O O   . HOH C 3 .   ? -0.847  -10.221 -13.870 1.00 32.01 ? 435 HOH A O   1 
HETATM 1233 O O   . HOH C 3 .   ? 2.352   12.242  7.472   1.00 24.91 ? 436 HOH A O   1 
HETATM 1234 O O   . HOH C 3 .   ? -3.738  13.418  15.288  1.00 30.95 ? 437 HOH A O   1 
HETATM 1235 O O   . HOH C 3 .   ? 14.644  -1.008  -0.904  1.00 30.16 ? 438 HOH A O   1 
HETATM 1236 O O   . HOH C 3 .   ? 0.479   12.941  11.188  1.00 18.03 ? 439 HOH A O   1 
HETATM 1237 O O   . HOH C 3 .   ? 4.060   11.109  -8.340  1.00 14.74 ? 440 HOH A O   1 
HETATM 1238 O O   . HOH C 3 .   ? 1.481   13.700  -0.383  1.00 22.10 ? 441 HOH A O   1 
HETATM 1239 O O   . HOH C 3 .   ? -12.791 20.169  -11.801 1.00 30.80 ? 442 HOH A O   1 
HETATM 1240 O O   . HOH C 3 .   ? 1.370   3.257   22.922  1.00 12.88 ? 443 HOH A O   1 
HETATM 1241 O O   . HOH C 3 .   ? -16.919 8.405   -0.842  1.00 22.80 ? 444 HOH A O   1 
HETATM 1242 O O   . HOH C 3 .   ? 4.194   10.658  4.609   1.00 25.09 ? 445 HOH A O   1 
HETATM 1243 O O   . HOH C 3 .   ? 8.650   -19.649 -4.304  1.00 30.61 ? 446 HOH A O   1 
HETATM 1244 O O   . HOH C 3 .   ? 5.705   12.254  -5.008  1.00 18.56 ? 447 HOH A O   1 
HETATM 1245 O O   . HOH C 3 .   ? 0.670   12.399  -16.600 1.00 30.78 ? 448 HOH A O   1 
HETATM 1246 O O   . HOH C 3 .   ? -15.956 14.799  -10.754 1.00 24.02 ? 449 HOH A O   1 
HETATM 1247 O O   . HOH C 3 .   ? -3.580  -15.972 -10.920 1.00 41.37 ? 450 HOH A O   1 
HETATM 1248 O O   . HOH C 3 .   ? -3.492  -14.784 -8.207  1.00 32.50 ? 451 HOH A O   1 
HETATM 1249 O O   . HOH C 3 .   ? 9.354   -12.132 -6.856  1.00 38.38 ? 452 HOH A O   1 
HETATM 1250 O O   . HOH C 3 .   ? -2.552  8.960   -14.387 1.00 23.89 ? 453 HOH A O   1 
HETATM 1251 O O   . HOH C 3 .   ? 3.800   12.454  0.586   1.00 26.01 ? 454 HOH A O   1 
# 
loop_
_pdbx_poly_seq_scheme.asym_id 
_pdbx_poly_seq_scheme.entity_id 
_pdbx_poly_seq_scheme.seq_id 
_pdbx_poly_seq_scheme.mon_id 
_pdbx_poly_seq_scheme.ndb_seq_num 
_pdbx_poly_seq_scheme.pdb_seq_num 
_pdbx_poly_seq_scheme.auth_seq_num 
_pdbx_poly_seq_scheme.pdb_mon_id 
_pdbx_poly_seq_scheme.auth_mon_id 
_pdbx_poly_seq_scheme.pdb_strand_id 
_pdbx_poly_seq_scheme.pdb_ins_code 
_pdbx_poly_seq_scheme.hetero 
A 1 1   SER 1   43  43  SER SER A . n 
A 1 2   ASN 2   44  44  ASN ASN A . n 
A 1 3   PRO 3   45  45  PRO PRO A . n 
A 1 4   PRO 4   46  46  PRO PRO A . n 
A 1 5   PRO 5   47  47  PRO PRO A . n 
A 1 6   PRO 6   48  48  PRO PRO A . n 
A 1 7   GLU 7   49  49  GLU GLU A . n 
A 1 8   THR 8   50  50  THR THR A . n 
A 1 9   SER 9   51  51  SER SER A . n 
A 1 10  ASN 10  52  52  ASN ASN A . n 
A 1 11  PRO 11  53  53  PRO PRO A . n 
A 1 12  ASN 12  54  54  ASN ASN A . n 
A 1 13  LYS 13  55  55  LYS LYS A . n 
A 1 14  PRO 14  56  56  PRO PRO A . n 
A 1 15  LYS 15  57  57  LYS LYS A . n 
A 1 16  ARG 16  58  58  ARG ARG A . n 
A 1 17  GLN 17  59  59  GLN GLN A . n 
A 1 18  THR 18  60  60  THR THR A . n 
A 1 19  ASN 19  61  61  ASN ASN A . n 
A 1 20  GLN 20  62  62  GLN GLN A . n 
A 1 21  LEU 21  63  63  LEU LEU A . n 
A 1 22  GLN 22  64  64  GLN GLN A . n 
A 1 23  TYR 23  65  65  TYR TYR A . n 
A 1 24  LEU 24  66  66  LEU LEU A . n 
A 1 25  LEU 25  67  67  LEU LEU A . n 
A 1 26  ARG 26  68  68  ARG ARG A . n 
A 1 27  VAL 27  69  69  VAL VAL A . n 
A 1 28  VAL 28  70  70  VAL VAL A . n 
A 1 29  LEU 29  71  71  LEU LEU A . n 
A 1 30  LYS 30  72  72  LYS LYS A . n 
A 1 31  THR 31  73  73  THR THR A . n 
A 1 32  LEU 32  74  74  LEU LEU A . n 
A 1 33  TRP 33  75  75  TRP TRP A . n 
A 1 34  LYS 34  76  76  LYS LYS A . n 
A 1 35  HIS 35  77  77  HIS HIS A . n 
A 1 36  GLN 36  78  78  GLN GLN A . n 
A 1 37  PHE 37  79  79  PHE PHE A . n 
A 1 38  ALA 38  80  80  ALA ALA A . n 
A 1 39  TRP 39  81  81  TRP TRP A . n 
A 1 40  PRO 40  82  82  PRO PRO A . n 
A 1 41  PHE 41  83  83  PHE PHE A . n 
A 1 42  GLN 42  84  84  GLN GLN A . n 
A 1 43  GLN 43  85  85  GLN GLN A . n 
A 1 44  PRO 44  86  86  PRO PRO A . n 
A 1 45  VAL 45  87  87  VAL VAL A . n 
A 1 46  ASP 46  88  88  ASP ASP A . n 
A 1 47  ALA 47  89  89  ALA ALA A . n 
A 1 48  VAL 48  90  90  VAL VAL A . n 
A 1 49  LYS 49  91  91  LYS LYS A . n 
A 1 50  LEU 50  92  92  LEU LEU A . n 
A 1 51  ASN 51  93  93  ASN ASN A . n 
A 1 52  LEU 52  94  94  LEU LEU A . n 
A 1 53  PRO 53  95  95  PRO PRO A . n 
A 1 54  ASP 54  96  96  ASP ASP A . n 
A 1 55  TYR 55  97  97  TYR TYR A . n 
A 1 56  TYR 56  98  98  TYR TYR A . n 
A 1 57  LYS 57  99  99  LYS LYS A . n 
A 1 58  ILE 58  100 100 ILE ILE A . n 
A 1 59  ILE 59  101 101 ILE ILE A . n 
A 1 60  LYS 60  102 102 LYS LYS A . n 
A 1 61  THR 61  103 103 THR THR A . n 
A 1 62  PRO 62  104 104 PRO PRO A . n 
A 1 63  MET 63  105 105 MET MET A . n 
A 1 64  ASP 64  106 106 ASP ASP A . n 
A 1 65  MET 65  107 107 MET MET A . n 
A 1 66  GLY 66  108 108 GLY GLY A . n 
A 1 67  THR 67  109 109 THR THR A . n 
A 1 68  ILE 68  110 110 ILE ILE A . n 
A 1 69  LYS 69  111 111 LYS LYS A . n 
A 1 70  LYS 70  112 112 LYS LYS A . n 
A 1 71  ARG 71  113 113 ARG ARG A . n 
A 1 72  LEU 72  114 114 LEU LEU A . n 
A 1 73  GLU 73  115 115 GLU GLU A . n 
A 1 74  ASN 74  116 116 ASN ASN A . n 
A 1 75  ASN 75  117 117 ASN ASN A . n 
A 1 76  TYR 76  118 118 TYR TYR A . n 
A 1 77  TYR 77  119 119 TYR TYR A . n 
A 1 78  TRP 78  120 120 TRP TRP A . n 
A 1 79  ASN 79  121 121 ASN ASN A . n 
A 1 80  ALA 80  122 122 ALA ALA A . n 
A 1 81  GLN 81  123 123 GLN GLN A . n 
A 1 82  GLU 82  124 124 GLU GLU A . n 
A 1 83  CYS 83  125 125 CYS CYS A . n 
A 1 84  ILE 84  126 126 ILE ILE A . n 
A 1 85  GLN 85  127 127 GLN GLN A . n 
A 1 86  ASP 86  128 128 ASP ASP A . n 
A 1 87  PHE 87  129 129 PHE PHE A . n 
A 1 88  ASN 88  130 130 ASN ASN A . n 
A 1 89  THR 89  131 131 THR THR A . n 
A 1 90  MET 90  132 132 MET MET A . n 
A 1 91  PHE 91  133 133 PHE PHE A . n 
A 1 92  THR 92  134 134 THR THR A . n 
A 1 93  ASN 93  135 135 ASN ASN A . n 
A 1 94  CYS 94  136 136 CYS CYS A . n 
A 1 95  TYR 95  137 137 TYR TYR A . n 
A 1 96  ILE 96  138 138 ILE ILE A . n 
A 1 97  TYR 97  139 139 TYR TYR A . n 
A 1 98  ASN 98  140 140 ASN ASN A . n 
A 1 99  LYS 99  141 141 LYS LYS A . n 
A 1 100 PRO 100 142 142 PRO PRO A . n 
A 1 101 GLY 101 143 143 GLY GLY A . n 
A 1 102 ASP 102 144 144 ASP ASP A . n 
A 1 103 ASP 103 145 145 ASP ASP A . n 
A 1 104 ILE 104 146 146 ILE ILE A . n 
A 1 105 VAL 105 147 147 VAL VAL A . n 
A 1 106 LEU 106 148 148 LEU LEU A . n 
A 1 107 MET 107 149 149 MET MET A . n 
A 1 108 ALA 108 150 150 ALA ALA A . n 
A 1 109 GLU 109 151 151 GLU GLU A . n 
A 1 110 ALA 110 152 152 ALA ALA A . n 
A 1 111 LEU 111 153 153 LEU LEU A . n 
A 1 112 GLU 112 154 154 GLU GLU A . n 
A 1 113 LYS 113 155 155 LYS LYS A . n 
A 1 114 LEU 114 156 156 LEU LEU A . n 
A 1 115 PHE 115 157 157 PHE PHE A . n 
A 1 116 LEU 116 158 158 LEU LEU A . n 
A 1 117 GLN 117 159 159 GLN GLN A . n 
A 1 118 LYS 118 160 160 LYS LYS A . n 
A 1 119 ILE 119 161 161 ILE ILE A . n 
A 1 120 ASN 120 162 162 ASN ASN A . n 
A 1 121 GLU 121 163 163 GLU GLU A . n 
A 1 122 LEU 122 164 164 LEU LEU A . n 
A 1 123 PRO 123 165 165 PRO PRO A . n 
A 1 124 THR 124 166 166 THR THR A . n 
A 1 125 GLU 125 167 167 GLU GLU A . n 
A 1 126 GLU 126 168 168 GLU GLU A . n 
# 
_pdbx_contact_author.id                 2 
_pdbx_contact_author.email              leizeng@jlu.edu.cn 
_pdbx_contact_author.name_first         Lei 
_pdbx_contact_author.name_last          Zeng 
_pdbx_contact_author.name_mi            ? 
_pdbx_contact_author.role               'principal investigator/group leader' 
_pdbx_contact_author.identifier_ORCID   0000-0002-4236-6735 
# 
loop_
_pdbx_nonpoly_scheme.asym_id 
_pdbx_nonpoly_scheme.entity_id 
_pdbx_nonpoly_scheme.mon_id 
_pdbx_nonpoly_scheme.ndb_seq_num 
_pdbx_nonpoly_scheme.pdb_seq_num 
_pdbx_nonpoly_scheme.auth_seq_num 
_pdbx_nonpoly_scheme.pdb_mon_id 
_pdbx_nonpoly_scheme.auth_mon_id 
_pdbx_nonpoly_scheme.pdb_strand_id 
_pdbx_nonpoly_scheme.pdb_ins_code 
B 2 7OW 1   201 201 7OW DRG A . 
C 3 HOH 1   301 106 HOH HOH A . 
C 3 HOH 2   302 157 HOH HOH A . 
C 3 HOH 3   303 168 HOH HOH A . 
C 3 HOH 4   304 91  HOH HOH A . 
C 3 HOH 5   305 104 HOH HOH A . 
C 3 HOH 6   306 164 HOH HOH A . 
C 3 HOH 7   307 165 HOH HOH A . 
C 3 HOH 8   308 2   HOH HOH A . 
C 3 HOH 9   309 156 HOH HOH A . 
C 3 HOH 10  310 100 HOH HOH A . 
C 3 HOH 11  311 110 HOH HOH A . 
C 3 HOH 12  312 163 HOH HOH A . 
C 3 HOH 13  313 29  HOH HOH A . 
C 3 HOH 14  314 171 HOH HOH A . 
C 3 HOH 15  315 40  HOH HOH A . 
C 3 HOH 16  316 169 HOH HOH A . 
C 3 HOH 17  317 1   HOH HOH A . 
C 3 HOH 18  318 33  HOH HOH A . 
C 3 HOH 19  319 51  HOH HOH A . 
C 3 HOH 20  320 54  HOH HOH A . 
C 3 HOH 21  321 115 HOH HOH A . 
C 3 HOH 22  322 70  HOH HOH A . 
C 3 HOH 23  323 9   HOH HOH A . 
C 3 HOH 24  324 105 HOH HOH A . 
C 3 HOH 25  325 22  HOH HOH A . 
C 3 HOH 26  326 27  HOH HOH A . 
C 3 HOH 27  327 25  HOH HOH A . 
C 3 HOH 28  328 114 HOH HOH A . 
C 3 HOH 29  329 32  HOH HOH A . 
C 3 HOH 30  330 99  HOH HOH A . 
C 3 HOH 31  331 28  HOH HOH A . 
C 3 HOH 32  332 94  HOH HOH A . 
C 3 HOH 33  333 134 HOH HOH A . 
C 3 HOH 34  334 55  HOH HOH A . 
C 3 HOH 35  335 90  HOH HOH A . 
C 3 HOH 36  336 58  HOH HOH A . 
C 3 HOH 37  337 30  HOH HOH A . 
C 3 HOH 38  338 77  HOH HOH A . 
C 3 HOH 39  339 65  HOH HOH A . 
C 3 HOH 40  340 26  HOH HOH A . 
C 3 HOH 41  341 12  HOH HOH A . 
C 3 HOH 42  342 21  HOH HOH A . 
C 3 HOH 43  343 52  HOH HOH A . 
C 3 HOH 44  344 35  HOH HOH A . 
C 3 HOH 45  345 38  HOH HOH A . 
C 3 HOH 46  346 82  HOH HOH A . 
C 3 HOH 47  347 43  HOH HOH A . 
C 3 HOH 48  348 39  HOH HOH A . 
C 3 HOH 49  349 8   HOH HOH A . 
C 3 HOH 50  350 4   HOH HOH A . 
C 3 HOH 51  351 132 HOH HOH A . 
C 3 HOH 52  352 131 HOH HOH A . 
C 3 HOH 53  353 44  HOH HOH A . 
C 3 HOH 54  354 31  HOH HOH A . 
C 3 HOH 55  355 118 HOH HOH A . 
C 3 HOH 56  356 24  HOH HOH A . 
C 3 HOH 57  357 108 HOH HOH A . 
C 3 HOH 58  358 64  HOH HOH A . 
C 3 HOH 59  359 103 HOH HOH A . 
C 3 HOH 60  360 15  HOH HOH A . 
C 3 HOH 61  361 66  HOH HOH A . 
C 3 HOH 62  362 142 HOH HOH A . 
C 3 HOH 63  363 10  HOH HOH A . 
C 3 HOH 64  364 6   HOH HOH A . 
C 3 HOH 65  365 3   HOH HOH A . 
C 3 HOH 66  366 16  HOH HOH A . 
C 3 HOH 67  367 154 HOH HOH A . 
C 3 HOH 68  368 47  HOH HOH A . 
C 3 HOH 69  369 112 HOH HOH A . 
C 3 HOH 70  370 14  HOH HOH A . 
C 3 HOH 71  371 69  HOH HOH A . 
C 3 HOH 72  372 135 HOH HOH A . 
C 3 HOH 73  373 19  HOH HOH A . 
C 3 HOH 74  374 83  HOH HOH A . 
C 3 HOH 75  375 127 HOH HOH A . 
C 3 HOH 76  376 11  HOH HOH A . 
C 3 HOH 77  377 121 HOH HOH A . 
C 3 HOH 78  378 139 HOH HOH A . 
C 3 HOH 79  379 20  HOH HOH A . 
C 3 HOH 80  380 120 HOH HOH A . 
C 3 HOH 81  381 95  HOH HOH A . 
C 3 HOH 82  382 79  HOH HOH A . 
C 3 HOH 83  383 85  HOH HOH A . 
C 3 HOH 84  384 41  HOH HOH A . 
C 3 HOH 85  385 107 HOH HOH A . 
C 3 HOH 86  386 45  HOH HOH A . 
C 3 HOH 87  387 48  HOH HOH A . 
C 3 HOH 88  388 37  HOH HOH A . 
C 3 HOH 89  389 72  HOH HOH A . 
C 3 HOH 90  390 49  HOH HOH A . 
C 3 HOH 91  391 97  HOH HOH A . 
C 3 HOH 92  392 137 HOH HOH A . 
C 3 HOH 93  393 125 HOH HOH A . 
C 3 HOH 94  394 57  HOH HOH A . 
C 3 HOH 95  395 36  HOH HOH A . 
C 3 HOH 96  396 98  HOH HOH A . 
C 3 HOH 97  397 75  HOH HOH A . 
C 3 HOH 98  398 161 HOH HOH A . 
C 3 HOH 99  399 23  HOH HOH A . 
C 3 HOH 100 400 116 HOH HOH A . 
C 3 HOH 101 401 73  HOH HOH A . 
C 3 HOH 102 402 78  HOH HOH A . 
C 3 HOH 103 403 34  HOH HOH A . 
C 3 HOH 104 404 102 HOH HOH A . 
C 3 HOH 105 405 56  HOH HOH A . 
C 3 HOH 106 406 17  HOH HOH A . 
C 3 HOH 107 407 5   HOH HOH A . 
C 3 HOH 108 408 7   HOH HOH A . 
C 3 HOH 109 409 170 HOH HOH A . 
C 3 HOH 110 410 96  HOH HOH A . 
C 3 HOH 111 411 155 HOH HOH A . 
C 3 HOH 112 412 166 HOH HOH A . 
C 3 HOH 113 413 50  HOH HOH A . 
C 3 HOH 114 414 93  HOH HOH A . 
C 3 HOH 115 415 80  HOH HOH A . 
C 3 HOH 116 416 76  HOH HOH A . 
C 3 HOH 117 417 67  HOH HOH A . 
C 3 HOH 118 418 143 HOH HOH A . 
C 3 HOH 119 419 60  HOH HOH A . 
C 3 HOH 120 420 160 HOH HOH A . 
C 3 HOH 121 421 62  HOH HOH A . 
C 3 HOH 122 422 146 HOH HOH A . 
C 3 HOH 123 423 117 HOH HOH A . 
C 3 HOH 124 424 61  HOH HOH A . 
C 3 HOH 125 425 71  HOH HOH A . 
C 3 HOH 126 426 59  HOH HOH A . 
C 3 HOH 127 427 87  HOH HOH A . 
C 3 HOH 128 428 148 HOH HOH A . 
C 3 HOH 129 429 109 HOH HOH A . 
C 3 HOH 130 430 153 HOH HOH A . 
C 3 HOH 131 431 81  HOH HOH A . 
C 3 HOH 132 432 74  HOH HOH A . 
C 3 HOH 133 433 53  HOH HOH A . 
C 3 HOH 134 434 113 HOH HOH A . 
C 3 HOH 135 435 124 HOH HOH A . 
C 3 HOH 136 436 101 HOH HOH A . 
C 3 HOH 137 437 136 HOH HOH A . 
C 3 HOH 138 438 141 HOH HOH A . 
C 3 HOH 139 439 63  HOH HOH A . 
C 3 HOH 140 440 42  HOH HOH A . 
C 3 HOH 141 441 84  HOH HOH A . 
C 3 HOH 142 442 150 HOH HOH A . 
C 3 HOH 143 443 13  HOH HOH A . 
C 3 HOH 144 444 138 HOH HOH A . 
C 3 HOH 145 445 86  HOH HOH A . 
C 3 HOH 146 446 126 HOH HOH A . 
C 3 HOH 147 447 68  HOH HOH A . 
C 3 HOH 148 448 122 HOH HOH A . 
C 3 HOH 149 449 111 HOH HOH A . 
C 3 HOH 150 450 152 HOH HOH A . 
C 3 HOH 151 451 149 HOH HOH A . 
C 3 HOH 152 452 147 HOH HOH A . 
C 3 HOH 153 453 145 HOH HOH A . 
C 3 HOH 154 454 129 HOH HOH A . 
# 
_pdbx_struct_assembly.id                   1 
_pdbx_struct_assembly.details              author_defined_assembly 
_pdbx_struct_assembly.method_details       ? 
_pdbx_struct_assembly.oligomeric_details   monomeric 
_pdbx_struct_assembly.oligomeric_count     1 
# 
_pdbx_struct_assembly_gen.assembly_id       1 
_pdbx_struct_assembly_gen.oper_expression   1 
_pdbx_struct_assembly_gen.asym_id_list      A,B,C 
# 
_pdbx_struct_oper_list.id                   1 
_pdbx_struct_oper_list.type                 'identity operation' 
_pdbx_struct_oper_list.name                 1_555 
_pdbx_struct_oper_list.symmetry_operation   x,y,z 
_pdbx_struct_oper_list.matrix[1][1]         1.0000000000 
_pdbx_struct_oper_list.matrix[1][2]         0.0000000000 
_pdbx_struct_oper_list.matrix[1][3]         0.0000000000 
_pdbx_struct_oper_list.vector[1]            0.0000000000 
_pdbx_struct_oper_list.matrix[2][1]         0.0000000000 
_pdbx_struct_oper_list.matrix[2][2]         1.0000000000 
_pdbx_struct_oper_list.matrix[2][3]         0.0000000000 
_pdbx_struct_oper_list.vector[2]            0.0000000000 
_pdbx_struct_oper_list.matrix[3][1]         0.0000000000 
_pdbx_struct_oper_list.matrix[3][2]         0.0000000000 
_pdbx_struct_oper_list.matrix[3][3]         1.0000000000 
_pdbx_struct_oper_list.vector[3]            0.0000000000 
# 
loop_
_pdbx_audit_revision_history.ordinal 
_pdbx_audit_revision_history.data_content_type 
_pdbx_audit_revision_history.major_revision 
_pdbx_audit_revision_history.minor_revision 
_pdbx_audit_revision_history.revision_date 
1 'Structure model' 1 0 2022-06-08 
2 'Structure model' 1 1 2022-06-22 
3 'Structure model' 1 2 2023-11-29 
# 
_pdbx_audit_revision_details.ordinal             1 
_pdbx_audit_revision_details.revision_ordinal    1 
_pdbx_audit_revision_details.data_content_type   'Structure model' 
_pdbx_audit_revision_details.provider            repository 
_pdbx_audit_revision_details.type                'Initial release' 
_pdbx_audit_revision_details.description         ? 
_pdbx_audit_revision_details.details             ? 
# 
loop_
_pdbx_audit_revision_group.ordinal 
_pdbx_audit_revision_group.revision_ordinal 
_pdbx_audit_revision_group.data_content_type 
_pdbx_audit_revision_group.group 
1 2 'Structure model' 'Database references'    
2 3 'Structure model' 'Data collection'        
3 3 'Structure model' 'Refinement description' 
# 
loop_
_pdbx_audit_revision_category.ordinal 
_pdbx_audit_revision_category.revision_ordinal 
_pdbx_audit_revision_category.data_content_type 
_pdbx_audit_revision_category.category 
1 2 'Structure model' citation                      
2 2 'Structure model' citation_author               
3 3 'Structure model' chem_comp_atom                
4 3 'Structure model' chem_comp_bond                
5 3 'Structure model' pdbx_initial_refinement_model 
# 
loop_
_pdbx_audit_revision_item.ordinal 
_pdbx_audit_revision_item.revision_ordinal 
_pdbx_audit_revision_item.data_content_type 
_pdbx_audit_revision_item.item 
1 2 'Structure model' '_citation.journal_volume'          
2 2 'Structure model' '_citation.page_first'              
3 2 'Structure model' '_citation.page_last'               
4 2 'Structure model' '_citation_author.identifier_ORCID' 
# 
loop_
_software.citation_id 
_software.classification 
_software.compiler_name 
_software.compiler_version 
_software.contact_author 
_software.contact_author_email 
_software.date 
_software.description 
_software.dependencies 
_software.hardware 
_software.language 
_software.location 
_software.mods 
_software.name 
_software.os 
_software.os_version 
_software.type 
_software.version 
_software.pdbx_ordinal 
? refinement        ? ? ? ? ? ? ? ? ? ? ? REFMAC      ? ? ? 5.8.0267 1 
? 'data scaling'    ? ? ? ? ? ? ? ? ? ? ? Aimless     ? ? ? 0.7.4    2 
? 'data extraction' ? ? ? ? ? ? ? ? ? ? ? PDB_EXTRACT ? ? ? 3.27     3 
? 'model building'  ? ? ? ? ? ? ? ? ? ? ? Coot        ? ? ? .        4 
? phasing           ? ? ? ? ? ? ? ? ? ? ? PHASER      ? ? ? .        5 
? 'data reduction'  ? ? ? ? ? ? ? ? ? ? ? xia2        ? ? ? .        6 
# 
_pdbx_entry_details.entry_id                 7WWZ 
_pdbx_entry_details.nonpolymer_details       ? 
_pdbx_entry_details.sequence_details         ? 
_pdbx_entry_details.compound_details         ? 
_pdbx_entry_details.source_details           ? 
_pdbx_entry_details.has_ligand_of_interest   Y 
# 
_pdbx_validate_close_contact.id               1 
_pdbx_validate_close_contact.PDB_model_num    1 
_pdbx_validate_close_contact.auth_atom_id_1   NZ 
_pdbx_validate_close_contact.auth_asym_id_1   A 
_pdbx_validate_close_contact.auth_comp_id_1   LYS 
_pdbx_validate_close_contact.auth_seq_id_1    102 
_pdbx_validate_close_contact.PDB_ins_code_1   ? 
_pdbx_validate_close_contact.label_alt_id_1   ? 
_pdbx_validate_close_contact.auth_atom_id_2   O 
_pdbx_validate_close_contact.auth_asym_id_2   A 
_pdbx_validate_close_contact.auth_comp_id_2   HOH 
_pdbx_validate_close_contact.auth_seq_id_2    301 
_pdbx_validate_close_contact.PDB_ins_code_2   ? 
_pdbx_validate_close_contact.label_alt_id_2   ? 
_pdbx_validate_close_contact.dist             2.08 
# 
_pdbx_validate_rmsd_angle.id                         1 
_pdbx_validate_rmsd_angle.PDB_model_num              1 
_pdbx_validate_rmsd_angle.auth_atom_id_1             C 
_pdbx_validate_rmsd_angle.auth_asym_id_1             A 
_pdbx_validate_rmsd_angle.auth_comp_id_1             PRO 
_pdbx_validate_rmsd_angle.auth_seq_id_1              142 
_pdbx_validate_rmsd_angle.PDB_ins_code_1             ? 
_pdbx_validate_rmsd_angle.label_alt_id_1             ? 
_pdbx_validate_rmsd_angle.auth_atom_id_2             N 
_pdbx_validate_rmsd_angle.auth_asym_id_2             A 
_pdbx_validate_rmsd_angle.auth_comp_id_2             GLY 
_pdbx_validate_rmsd_angle.auth_seq_id_2              143 
_pdbx_validate_rmsd_angle.PDB_ins_code_2             ? 
_pdbx_validate_rmsd_angle.label_alt_id_2             ? 
_pdbx_validate_rmsd_angle.auth_atom_id_3             CA 
_pdbx_validate_rmsd_angle.auth_asym_id_3             A 
_pdbx_validate_rmsd_angle.auth_comp_id_3             GLY 
_pdbx_validate_rmsd_angle.auth_seq_id_3              143 
_pdbx_validate_rmsd_angle.PDB_ins_code_3             ? 
_pdbx_validate_rmsd_angle.label_alt_id_3             ? 
_pdbx_validate_rmsd_angle.angle_value                109.37 
_pdbx_validate_rmsd_angle.angle_target_value         122.30 
_pdbx_validate_rmsd_angle.angle_deviation            -12.93 
_pdbx_validate_rmsd_angle.angle_standard_deviation   2.10 
_pdbx_validate_rmsd_angle.linker_flag                Y 
# 
loop_
_chem_comp_atom.comp_id 
_chem_comp_atom.atom_id 
_chem_comp_atom.type_symbol 
_chem_comp_atom.pdbx_aromatic_flag 
_chem_comp_atom.pdbx_stereo_config 
_chem_comp_atom.pdbx_ordinal 
7OW C4   C N N 1   
7OW C14  C N N 2   
7OW C5   C Y N 3   
7OW C6   C Y N 4   
7OW C11  C N N 5   
7OW C7   C Y N 6   
7OW C8   C Y N 7   
7OW C9   C Y N 8   
7OW C10  C N N 9   
7OW C12  C N N 10  
7OW C13  C N N 11  
7OW N1   N Y N 12  
7OW N2   N Y N 13  
7OW C3   C N N 14  
7OW N3   N N N 15  
7OW C1   C N N 16  
7OW C2   C N N 17  
7OW O1   O N N 18  
7OW C15  C N N 19  
7OW C16  C N N 20  
7OW O2   O N N 21  
7OW C17  C N N 22  
7OW F1   F N N 23  
7OW F2   F N N 24  
7OW F3   F N N 25  
7OW C18  C Y N 26  
7OW C19  C Y N 27  
7OW C20  C N N 28  
7OW C21  C N N 29  
7OW C22  C N N 30  
7OW O3   O N N 31  
7OW H1   H N N 32  
7OW H2   H N N 33  
7OW H3   H N N 34  
7OW H4   H N N 35  
7OW H5   H N N 36  
7OW H6   H N N 37  
7OW H7   H N N 38  
7OW H8   H N N 39  
7OW H9   H N N 40  
7OW H10  H N N 41  
7OW H11  H N N 42  
7OW H12  H N N 43  
7OW H13  H N N 44  
7OW H14  H N N 45  
7OW H15  H N N 46  
7OW H16  H N N 47  
7OW H17  H N N 48  
7OW H18  H N N 49  
7OW H19  H N N 50  
7OW H20  H N N 51  
7OW H21  H N N 52  
7OW H22  H N N 53  
7OW H23  H N N 54  
7OW H24  H N N 55  
ALA N    N N N 56  
ALA CA   C N S 57  
ALA C    C N N 58  
ALA O    O N N 59  
ALA CB   C N N 60  
ALA OXT  O N N 61  
ALA H    H N N 62  
ALA H2   H N N 63  
ALA HA   H N N 64  
ALA HB1  H N N 65  
ALA HB2  H N N 66  
ALA HB3  H N N 67  
ALA HXT  H N N 68  
ARG N    N N N 69  
ARG CA   C N S 70  
ARG C    C N N 71  
ARG O    O N N 72  
ARG CB   C N N 73  
ARG CG   C N N 74  
ARG CD   C N N 75  
ARG NE   N N N 76  
ARG CZ   C N N 77  
ARG NH1  N N N 78  
ARG NH2  N N N 79  
ARG OXT  O N N 80  
ARG H    H N N 81  
ARG H2   H N N 82  
ARG HA   H N N 83  
ARG HB2  H N N 84  
ARG HB3  H N N 85  
ARG HG2  H N N 86  
ARG HG3  H N N 87  
ARG HD2  H N N 88  
ARG HD3  H N N 89  
ARG HE   H N N 90  
ARG HH11 H N N 91  
ARG HH12 H N N 92  
ARG HH21 H N N 93  
ARG HH22 H N N 94  
ARG HXT  H N N 95  
ASN N    N N N 96  
ASN CA   C N S 97  
ASN C    C N N 98  
ASN O    O N N 99  
ASN CB   C N N 100 
ASN CG   C N N 101 
ASN OD1  O N N 102 
ASN ND2  N N N 103 
ASN OXT  O N N 104 
ASN H    H N N 105 
ASN H2   H N N 106 
ASN HA   H N N 107 
ASN HB2  H N N 108 
ASN HB3  H N N 109 
ASN HD21 H N N 110 
ASN HD22 H N N 111 
ASN HXT  H N N 112 
ASP N    N N N 113 
ASP CA   C N S 114 
ASP C    C N N 115 
ASP O    O N N 116 
ASP CB   C N N 117 
ASP CG   C N N 118 
ASP OD1  O N N 119 
ASP OD2  O N N 120 
ASP OXT  O N N 121 
ASP H    H N N 122 
ASP H2   H N N 123 
ASP HA   H N N 124 
ASP HB2  H N N 125 
ASP HB3  H N N 126 
ASP HD2  H N N 127 
ASP HXT  H N N 128 
CYS N    N N N 129 
CYS CA   C N R 130 
CYS C    C N N 131 
CYS O    O N N 132 
CYS CB   C N N 133 
CYS SG   S N N 134 
CYS OXT  O N N 135 
CYS H    H N N 136 
CYS H2   H N N 137 
CYS HA   H N N 138 
CYS HB2  H N N 139 
CYS HB3  H N N 140 
CYS HG   H N N 141 
CYS HXT  H N N 142 
GLN N    N N N 143 
GLN CA   C N S 144 
GLN C    C N N 145 
GLN O    O N N 146 
GLN CB   C N N 147 
GLN CG   C N N 148 
GLN CD   C N N 149 
GLN OE1  O N N 150 
GLN NE2  N N N 151 
GLN OXT  O N N 152 
GLN H    H N N 153 
GLN H2   H N N 154 
GLN HA   H N N 155 
GLN HB2  H N N 156 
GLN HB3  H N N 157 
GLN HG2  H N N 158 
GLN HG3  H N N 159 
GLN HE21 H N N 160 
GLN HE22 H N N 161 
GLN HXT  H N N 162 
GLU N    N N N 163 
GLU CA   C N S 164 
GLU C    C N N 165 
GLU O    O N N 166 
GLU CB   C N N 167 
GLU CG   C N N 168 
GLU CD   C N N 169 
GLU OE1  O N N 170 
GLU OE2  O N N 171 
GLU OXT  O N N 172 
GLU H    H N N 173 
GLU H2   H N N 174 
GLU HA   H N N 175 
GLU HB2  H N N 176 
GLU HB3  H N N 177 
GLU HG2  H N N 178 
GLU HG3  H N N 179 
GLU HE2  H N N 180 
GLU HXT  H N N 181 
GLY N    N N N 182 
GLY CA   C N N 183 
GLY C    C N N 184 
GLY O    O N N 185 
GLY OXT  O N N 186 
GLY H    H N N 187 
GLY H2   H N N 188 
GLY HA2  H N N 189 
GLY HA3  H N N 190 
GLY HXT  H N N 191 
HIS N    N N N 192 
HIS CA   C N S 193 
HIS C    C N N 194 
HIS O    O N N 195 
HIS CB   C N N 196 
HIS CG   C Y N 197 
HIS ND1  N Y N 198 
HIS CD2  C Y N 199 
HIS CE1  C Y N 200 
HIS NE2  N Y N 201 
HIS OXT  O N N 202 
HIS H    H N N 203 
HIS H2   H N N 204 
HIS HA   H N N 205 
HIS HB2  H N N 206 
HIS HB3  H N N 207 
HIS HD1  H N N 208 
HIS HD2  H N N 209 
HIS HE1  H N N 210 
HIS HE2  H N N 211 
HIS HXT  H N N 212 
HOH O    O N N 213 
HOH H1   H N N 214 
HOH H2   H N N 215 
ILE N    N N N 216 
ILE CA   C N S 217 
ILE C    C N N 218 
ILE O    O N N 219 
ILE CB   C N S 220 
ILE CG1  C N N 221 
ILE CG2  C N N 222 
ILE CD1  C N N 223 
ILE OXT  O N N 224 
ILE H    H N N 225 
ILE H2   H N N 226 
ILE HA   H N N 227 
ILE HB   H N N 228 
ILE HG12 H N N 229 
ILE HG13 H N N 230 
ILE HG21 H N N 231 
ILE HG22 H N N 232 
ILE HG23 H N N 233 
ILE HD11 H N N 234 
ILE HD12 H N N 235 
ILE HD13 H N N 236 
ILE HXT  H N N 237 
LEU N    N N N 238 
LEU CA   C N S 239 
LEU C    C N N 240 
LEU O    O N N 241 
LEU CB   C N N 242 
LEU CG   C N N 243 
LEU CD1  C N N 244 
LEU CD2  C N N 245 
LEU OXT  O N N 246 
LEU H    H N N 247 
LEU H2   H N N 248 
LEU HA   H N N 249 
LEU HB2  H N N 250 
LEU HB3  H N N 251 
LEU HG   H N N 252 
LEU HD11 H N N 253 
LEU HD12 H N N 254 
LEU HD13 H N N 255 
LEU HD21 H N N 256 
LEU HD22 H N N 257 
LEU HD23 H N N 258 
LEU HXT  H N N 259 
LYS N    N N N 260 
LYS CA   C N S 261 
LYS C    C N N 262 
LYS O    O N N 263 
LYS CB   C N N 264 
LYS CG   C N N 265 
LYS CD   C N N 266 
LYS CE   C N N 267 
LYS NZ   N N N 268 
LYS OXT  O N N 269 
LYS H    H N N 270 
LYS H2   H N N 271 
LYS HA   H N N 272 
LYS HB2  H N N 273 
LYS HB3  H N N 274 
LYS HG2  H N N 275 
LYS HG3  H N N 276 
LYS HD2  H N N 277 
LYS HD3  H N N 278 
LYS HE2  H N N 279 
LYS HE3  H N N 280 
LYS HZ1  H N N 281 
LYS HZ2  H N N 282 
LYS HZ3  H N N 283 
LYS HXT  H N N 284 
MET N    N N N 285 
MET CA   C N S 286 
MET C    C N N 287 
MET O    O N N 288 
MET CB   C N N 289 
MET CG   C N N 290 
MET SD   S N N 291 
MET CE   C N N 292 
MET OXT  O N N 293 
MET H    H N N 294 
MET H2   H N N 295 
MET HA   H N N 296 
MET HB2  H N N 297 
MET HB3  H N N 298 
MET HG2  H N N 299 
MET HG3  H N N 300 
MET HE1  H N N 301 
MET HE2  H N N 302 
MET HE3  H N N 303 
MET HXT  H N N 304 
PHE N    N N N 305 
PHE CA   C N S 306 
PHE C    C N N 307 
PHE O    O N N 308 
PHE CB   C N N 309 
PHE CG   C Y N 310 
PHE CD1  C Y N 311 
PHE CD2  C Y N 312 
PHE CE1  C Y N 313 
PHE CE2  C Y N 314 
PHE CZ   C Y N 315 
PHE OXT  O N N 316 
PHE H    H N N 317 
PHE H2   H N N 318 
PHE HA   H N N 319 
PHE HB2  H N N 320 
PHE HB3  H N N 321 
PHE HD1  H N N 322 
PHE HD2  H N N 323 
PHE HE1  H N N 324 
PHE HE2  H N N 325 
PHE HZ   H N N 326 
PHE HXT  H N N 327 
PRO N    N N N 328 
PRO CA   C N S 329 
PRO C    C N N 330 
PRO O    O N N 331 
PRO CB   C N N 332 
PRO CG   C N N 333 
PRO CD   C N N 334 
PRO OXT  O N N 335 
PRO H    H N N 336 
PRO HA   H N N 337 
PRO HB2  H N N 338 
PRO HB3  H N N 339 
PRO HG2  H N N 340 
PRO HG3  H N N 341 
PRO HD2  H N N 342 
PRO HD3  H N N 343 
PRO HXT  H N N 344 
SER N    N N N 345 
SER CA   C N S 346 
SER C    C N N 347 
SER O    O N N 348 
SER CB   C N N 349 
SER OG   O N N 350 
SER OXT  O N N 351 
SER H    H N N 352 
SER H2   H N N 353 
SER HA   H N N 354 
SER HB2  H N N 355 
SER HB3  H N N 356 
SER HG   H N N 357 
SER HXT  H N N 358 
THR N    N N N 359 
THR CA   C N S 360 
THR C    C N N 361 
THR O    O N N 362 
THR CB   C N R 363 
THR OG1  O N N 364 
THR CG2  C N N 365 
THR OXT  O N N 366 
THR H    H N N 367 
THR H2   H N N 368 
THR HA   H N N 369 
THR HB   H N N 370 
THR HG1  H N N 371 
THR HG21 H N N 372 
THR HG22 H N N 373 
THR HG23 H N N 374 
THR HXT  H N N 375 
TRP N    N N N 376 
TRP CA   C N S 377 
TRP C    C N N 378 
TRP O    O N N 379 
TRP CB   C N N 380 
TRP CG   C Y N 381 
TRP CD1  C Y N 382 
TRP CD2  C Y N 383 
TRP NE1  N Y N 384 
TRP CE2  C Y N 385 
TRP CE3  C Y N 386 
TRP CZ2  C Y N 387 
TRP CZ3  C Y N 388 
TRP CH2  C Y N 389 
TRP OXT  O N N 390 
TRP H    H N N 391 
TRP H2   H N N 392 
TRP HA   H N N 393 
TRP HB2  H N N 394 
TRP HB3  H N N 395 
TRP HD1  H N N 396 
TRP HE1  H N N 397 
TRP HE3  H N N 398 
TRP HZ2  H N N 399 
TRP HZ3  H N N 400 
TRP HH2  H N N 401 
TRP HXT  H N N 402 
TYR N    N N N 403 
TYR CA   C N S 404 
TYR C    C N N 405 
TYR O    O N N 406 
TYR CB   C N N 407 
TYR CG   C Y N 408 
TYR CD1  C Y N 409 
TYR CD2  C Y N 410 
TYR CE1  C Y N 411 
TYR CE2  C Y N 412 
TYR CZ   C Y N 413 
TYR OH   O N N 414 
TYR OXT  O N N 415 
TYR H    H N N 416 
TYR H2   H N N 417 
TYR HA   H N N 418 
TYR HB2  H N N 419 
TYR HB3  H N N 420 
TYR HD1  H N N 421 
TYR HD2  H N N 422 
TYR HE1  H N N 423 
TYR HE2  H N N 424 
TYR HH   H N N 425 
TYR HXT  H N N 426 
VAL N    N N N 427 
VAL CA   C N S 428 
VAL C    C N N 429 
VAL O    O N N 430 
VAL CB   C N N 431 
VAL CG1  C N N 432 
VAL CG2  C N N 433 
VAL OXT  O N N 434 
VAL H    H N N 435 
VAL H2   H N N 436 
VAL HA   H N N 437 
VAL HB   H N N 438 
VAL HG11 H N N 439 
VAL HG12 H N N 440 
VAL HG13 H N N 441 
VAL HG21 H N N 442 
VAL HG22 H N N 443 
VAL HG23 H N N 444 
VAL HXT  H N N 445 
# 
loop_
_chem_comp_bond.comp_id 
_chem_comp_bond.atom_id_1 
_chem_comp_bond.atom_id_2 
_chem_comp_bond.value_order 
_chem_comp_bond.pdbx_aromatic_flag 
_chem_comp_bond.pdbx_stereo_config 
_chem_comp_bond.pdbx_ordinal 
7OW C21 N3   sing N N 1   
7OW N3  C20  sing N N 2   
7OW N3  C22  sing N N 3   
7OW C20 C4   doub N N 4   
7OW C6  C7   doub Y N 5   
7OW C6  C5   sing Y N 6   
7OW O3  C22  doub N N 7   
7OW C7  C8   sing Y N 8   
7OW C22 C2   sing N N 9   
7OW C4  C5   sing N N 10  
7OW C4  C3   sing N N 11  
7OW C2  C3   doub N N 12  
7OW C2  C1   sing N N 13  
7OW C5  C19  doub Y N 14  
7OW C8  N1   sing Y N 15  
7OW C8  C18  doub Y N 16  
7OW N1  C9   doub Y N 17  
7OW C19 C18  sing Y N 18  
7OW C18 N2   sing Y N 19  
7OW C9  N2   sing Y N 20  
7OW C9  C10  sing N N 21  
7OW C11 C10  sing N N 22  
7OW C11 C12  sing N N 23  
7OW N2  C15  sing N N 24  
7OW C14 C10  sing N N 25  
7OW C14 C13  sing N N 26  
7OW O1  C12  sing N N 27  
7OW O1  C13  sing N N 28  
7OW C15 C16  sing N N 29  
7OW O2  C16  sing N N 30  
7OW O2  C17  sing N N 31  
7OW F2  C17  sing N N 32  
7OW C17 F1   sing N N 33  
7OW C17 F3   sing N N 34  
7OW C14 H1   sing N N 35  
7OW C14 H2   sing N N 36  
7OW C6  H3   sing N N 37  
7OW C11 H4   sing N N 38  
7OW C11 H5   sing N N 39  
7OW C7  H6   sing N N 40  
7OW C10 H7   sing N N 41  
7OW C12 H8   sing N N 42  
7OW C12 H9   sing N N 43  
7OW C13 H10  sing N N 44  
7OW C13 H11  sing N N 45  
7OW C3  H12  sing N N 46  
7OW C1  H13  sing N N 47  
7OW C1  H14  sing N N 48  
7OW C1  H15  sing N N 49  
7OW C15 H16  sing N N 50  
7OW C15 H17  sing N N 51  
7OW C16 H18  sing N N 52  
7OW C16 H19  sing N N 53  
7OW C19 H20  sing N N 54  
7OW C20 H21  sing N N 55  
7OW C21 H22  sing N N 56  
7OW C21 H23  sing N N 57  
7OW C21 H24  sing N N 58  
ALA N   CA   sing N N 59  
ALA N   H    sing N N 60  
ALA N   H2   sing N N 61  
ALA CA  C    sing N N 62  
ALA CA  CB   sing N N 63  
ALA CA  HA   sing N N 64  
ALA C   O    doub N N 65  
ALA C   OXT  sing N N 66  
ALA CB  HB1  sing N N 67  
ALA CB  HB2  sing N N 68  
ALA CB  HB3  sing N N 69  
ALA OXT HXT  sing N N 70  
ARG N   CA   sing N N 71  
ARG N   H    sing N N 72  
ARG N   H2   sing N N 73  
ARG CA  C    sing N N 74  
ARG CA  CB   sing N N 75  
ARG CA  HA   sing N N 76  
ARG C   O    doub N N 77  
ARG C   OXT  sing N N 78  
ARG CB  CG   sing N N 79  
ARG CB  HB2  sing N N 80  
ARG CB  HB3  sing N N 81  
ARG CG  CD   sing N N 82  
ARG CG  HG2  sing N N 83  
ARG CG  HG3  sing N N 84  
ARG CD  NE   sing N N 85  
ARG CD  HD2  sing N N 86  
ARG CD  HD3  sing N N 87  
ARG NE  CZ   sing N N 88  
ARG NE  HE   sing N N 89  
ARG CZ  NH1  sing N N 90  
ARG CZ  NH2  doub N N 91  
ARG NH1 HH11 sing N N 92  
ARG NH1 HH12 sing N N 93  
ARG NH2 HH21 sing N N 94  
ARG NH2 HH22 sing N N 95  
ARG OXT HXT  sing N N 96  
ASN N   CA   sing N N 97  
ASN N   H    sing N N 98  
ASN N   H2   sing N N 99  
ASN CA  C    sing N N 100 
ASN CA  CB   sing N N 101 
ASN CA  HA   sing N N 102 
ASN C   O    doub N N 103 
ASN C   OXT  sing N N 104 
ASN CB  CG   sing N N 105 
ASN CB  HB2  sing N N 106 
ASN CB  HB3  sing N N 107 
ASN CG  OD1  doub N N 108 
ASN CG  ND2  sing N N 109 
ASN ND2 HD21 sing N N 110 
ASN ND2 HD22 sing N N 111 
ASN OXT HXT  sing N N 112 
ASP N   CA   sing N N 113 
ASP N   H    sing N N 114 
ASP N   H2   sing N N 115 
ASP CA  C    sing N N 116 
ASP CA  CB   sing N N 117 
ASP CA  HA   sing N N 118 
ASP C   O    doub N N 119 
ASP C   OXT  sing N N 120 
ASP CB  CG   sing N N 121 
ASP CB  HB2  sing N N 122 
ASP CB  HB3  sing N N 123 
ASP CG  OD1  doub N N 124 
ASP CG  OD2  sing N N 125 
ASP OD2 HD2  sing N N 126 
ASP OXT HXT  sing N N 127 
CYS N   CA   sing N N 128 
CYS N   H    sing N N 129 
CYS N   H2   sing N N 130 
CYS CA  C    sing N N 131 
CYS CA  CB   sing N N 132 
CYS CA  HA   sing N N 133 
CYS C   O    doub N N 134 
CYS C   OXT  sing N N 135 
CYS CB  SG   sing N N 136 
CYS CB  HB2  sing N N 137 
CYS CB  HB3  sing N N 138 
CYS SG  HG   sing N N 139 
CYS OXT HXT  sing N N 140 
GLN N   CA   sing N N 141 
GLN N   H    sing N N 142 
GLN N   H2   sing N N 143 
GLN CA  C    sing N N 144 
GLN CA  CB   sing N N 145 
GLN CA  HA   sing N N 146 
GLN C   O    doub N N 147 
GLN C   OXT  sing N N 148 
GLN CB  CG   sing N N 149 
GLN CB  HB2  sing N N 150 
GLN CB  HB3  sing N N 151 
GLN CG  CD   sing N N 152 
GLN CG  HG2  sing N N 153 
GLN CG  HG3  sing N N 154 
GLN CD  OE1  doub N N 155 
GLN CD  NE2  sing N N 156 
GLN NE2 HE21 sing N N 157 
GLN NE2 HE22 sing N N 158 
GLN OXT HXT  sing N N 159 
GLU N   CA   sing N N 160 
GLU N   H    sing N N 161 
GLU N   H2   sing N N 162 
GLU CA  C    sing N N 163 
GLU CA  CB   sing N N 164 
GLU CA  HA   sing N N 165 
GLU C   O    doub N N 166 
GLU C   OXT  sing N N 167 
GLU CB  CG   sing N N 168 
GLU CB  HB2  sing N N 169 
GLU CB  HB3  sing N N 170 
GLU CG  CD   sing N N 171 
GLU CG  HG2  sing N N 172 
GLU CG  HG3  sing N N 173 
GLU CD  OE1  doub N N 174 
GLU CD  OE2  sing N N 175 
GLU OE2 HE2  sing N N 176 
GLU OXT HXT  sing N N 177 
GLY N   CA   sing N N 178 
GLY N   H    sing N N 179 
GLY N   H2   sing N N 180 
GLY CA  C    sing N N 181 
GLY CA  HA2  sing N N 182 
GLY CA  HA3  sing N N 183 
GLY C   O    doub N N 184 
GLY C   OXT  sing N N 185 
GLY OXT HXT  sing N N 186 
HIS N   CA   sing N N 187 
HIS N   H    sing N N 188 
HIS N   H2   sing N N 189 
HIS CA  C    sing N N 190 
HIS CA  CB   sing N N 191 
HIS CA  HA   sing N N 192 
HIS C   O    doub N N 193 
HIS C   OXT  sing N N 194 
HIS CB  CG   sing N N 195 
HIS CB  HB2  sing N N 196 
HIS CB  HB3  sing N N 197 
HIS CG  ND1  sing Y N 198 
HIS CG  CD2  doub Y N 199 
HIS ND1 CE1  doub Y N 200 
HIS ND1 HD1  sing N N 201 
HIS CD2 NE2  sing Y N 202 
HIS CD2 HD2  sing N N 203 
HIS CE1 NE2  sing Y N 204 
HIS CE1 HE1  sing N N 205 
HIS NE2 HE2  sing N N 206 
HIS OXT HXT  sing N N 207 
HOH O   H1   sing N N 208 
HOH O   H2   sing N N 209 
ILE N   CA   sing N N 210 
ILE N   H    sing N N 211 
ILE N   H2   sing N N 212 
ILE CA  C    sing N N 213 
ILE CA  CB   sing N N 214 
ILE CA  HA   sing N N 215 
ILE C   O    doub N N 216 
ILE C   OXT  sing N N 217 
ILE CB  CG1  sing N N 218 
ILE CB  CG2  sing N N 219 
ILE CB  HB   sing N N 220 
ILE CG1 CD1  sing N N 221 
ILE CG1 HG12 sing N N 222 
ILE CG1 HG13 sing N N 223 
ILE CG2 HG21 sing N N 224 
ILE CG2 HG22 sing N N 225 
ILE CG2 HG23 sing N N 226 
ILE CD1 HD11 sing N N 227 
ILE CD1 HD12 sing N N 228 
ILE CD1 HD13 sing N N 229 
ILE OXT HXT  sing N N 230 
LEU N   CA   sing N N 231 
LEU N   H    sing N N 232 
LEU N   H2   sing N N 233 
LEU CA  C    sing N N 234 
LEU CA  CB   sing N N 235 
LEU CA  HA   sing N N 236 
LEU C   O    doub N N 237 
LEU C   OXT  sing N N 238 
LEU CB  CG   sing N N 239 
LEU CB  HB2  sing N N 240 
LEU CB  HB3  sing N N 241 
LEU CG  CD1  sing N N 242 
LEU CG  CD2  sing N N 243 
LEU CG  HG   sing N N 244 
LEU CD1 HD11 sing N N 245 
LEU CD1 HD12 sing N N 246 
LEU CD1 HD13 sing N N 247 
LEU CD2 HD21 sing N N 248 
LEU CD2 HD22 sing N N 249 
LEU CD2 HD23 sing N N 250 
LEU OXT HXT  sing N N 251 
LYS N   CA   sing N N 252 
LYS N   H    sing N N 253 
LYS N   H2   sing N N 254 
LYS CA  C    sing N N 255 
LYS CA  CB   sing N N 256 
LYS CA  HA   sing N N 257 
LYS C   O    doub N N 258 
LYS C   OXT  sing N N 259 
LYS CB  CG   sing N N 260 
LYS CB  HB2  sing N N 261 
LYS CB  HB3  sing N N 262 
LYS CG  CD   sing N N 263 
LYS CG  HG2  sing N N 264 
LYS CG  HG3  sing N N 265 
LYS CD  CE   sing N N 266 
LYS CD  HD2  sing N N 267 
LYS CD  HD3  sing N N 268 
LYS CE  NZ   sing N N 269 
LYS CE  HE2  sing N N 270 
LYS CE  HE3  sing N N 271 
LYS NZ  HZ1  sing N N 272 
LYS NZ  HZ2  sing N N 273 
LYS NZ  HZ3  sing N N 274 
LYS OXT HXT  sing N N 275 
MET N   CA   sing N N 276 
MET N   H    sing N N 277 
MET N   H2   sing N N 278 
MET CA  C    sing N N 279 
MET CA  CB   sing N N 280 
MET CA  HA   sing N N 281 
MET C   O    doub N N 282 
MET C   OXT  sing N N 283 
MET CB  CG   sing N N 284 
MET CB  HB2  sing N N 285 
MET CB  HB3  sing N N 286 
MET CG  SD   sing N N 287 
MET CG  HG2  sing N N 288 
MET CG  HG3  sing N N 289 
MET SD  CE   sing N N 290 
MET CE  HE1  sing N N 291 
MET CE  HE2  sing N N 292 
MET CE  HE3  sing N N 293 
MET OXT HXT  sing N N 294 
PHE N   CA   sing N N 295 
PHE N   H    sing N N 296 
PHE N   H2   sing N N 297 
PHE CA  C    sing N N 298 
PHE CA  CB   sing N N 299 
PHE CA  HA   sing N N 300 
PHE C   O    doub N N 301 
PHE C   OXT  sing N N 302 
PHE CB  CG   sing N N 303 
PHE CB  HB2  sing N N 304 
PHE CB  HB3  sing N N 305 
PHE CG  CD1  doub Y N 306 
PHE CG  CD2  sing Y N 307 
PHE CD1 CE1  sing Y N 308 
PHE CD1 HD1  sing N N 309 
PHE CD2 CE2  doub Y N 310 
PHE CD2 HD2  sing N N 311 
PHE CE1 CZ   doub Y N 312 
PHE CE1 HE1  sing N N 313 
PHE CE2 CZ   sing Y N 314 
PHE CE2 HE2  sing N N 315 
PHE CZ  HZ   sing N N 316 
PHE OXT HXT  sing N N 317 
PRO N   CA   sing N N 318 
PRO N   CD   sing N N 319 
PRO N   H    sing N N 320 
PRO CA  C    sing N N 321 
PRO CA  CB   sing N N 322 
PRO CA  HA   sing N N 323 
PRO C   O    doub N N 324 
PRO C   OXT  sing N N 325 
PRO CB  CG   sing N N 326 
PRO CB  HB2  sing N N 327 
PRO CB  HB3  sing N N 328 
PRO CG  CD   sing N N 329 
PRO CG  HG2  sing N N 330 
PRO CG  HG3  sing N N 331 
PRO CD  HD2  sing N N 332 
PRO CD  HD3  sing N N 333 
PRO OXT HXT  sing N N 334 
SER N   CA   sing N N 335 
SER N   H    sing N N 336 
SER N   H2   sing N N 337 
SER CA  C    sing N N 338 
SER CA  CB   sing N N 339 
SER CA  HA   sing N N 340 
SER C   O    doub N N 341 
SER C   OXT  sing N N 342 
SER CB  OG   sing N N 343 
SER CB  HB2  sing N N 344 
SER CB  HB3  sing N N 345 
SER OG  HG   sing N N 346 
SER OXT HXT  sing N N 347 
THR N   CA   sing N N 348 
THR N   H    sing N N 349 
THR N   H2   sing N N 350 
THR CA  C    sing N N 351 
THR CA  CB   sing N N 352 
THR CA  HA   sing N N 353 
THR C   O    doub N N 354 
THR C   OXT  sing N N 355 
THR CB  OG1  sing N N 356 
THR CB  CG2  sing N N 357 
THR CB  HB   sing N N 358 
THR OG1 HG1  sing N N 359 
THR CG2 HG21 sing N N 360 
THR CG2 HG22 sing N N 361 
THR CG2 HG23 sing N N 362 
THR OXT HXT  sing N N 363 
TRP N   CA   sing N N 364 
TRP N   H    sing N N 365 
TRP N   H2   sing N N 366 
TRP CA  C    sing N N 367 
TRP CA  CB   sing N N 368 
TRP CA  HA   sing N N 369 
TRP C   O    doub N N 370 
TRP C   OXT  sing N N 371 
TRP CB  CG   sing N N 372 
TRP CB  HB2  sing N N 373 
TRP CB  HB3  sing N N 374 
TRP CG  CD1  doub Y N 375 
TRP CG  CD2  sing Y N 376 
TRP CD1 NE1  sing Y N 377 
TRP CD1 HD1  sing N N 378 
TRP CD2 CE2  doub Y N 379 
TRP CD2 CE3  sing Y N 380 
TRP NE1 CE2  sing Y N 381 
TRP NE1 HE1  sing N N 382 
TRP CE2 CZ2  sing Y N 383 
TRP CE3 CZ3  doub Y N 384 
TRP CE3 HE3  sing N N 385 
TRP CZ2 CH2  doub Y N 386 
TRP CZ2 HZ2  sing N N 387 
TRP CZ3 CH2  sing Y N 388 
TRP CZ3 HZ3  sing N N 389 
TRP CH2 HH2  sing N N 390 
TRP OXT HXT  sing N N 391 
TYR N   CA   sing N N 392 
TYR N   H    sing N N 393 
TYR N   H2   sing N N 394 
TYR CA  C    sing N N 395 
TYR CA  CB   sing N N 396 
TYR CA  HA   sing N N 397 
TYR C   O    doub N N 398 
TYR C   OXT  sing N N 399 
TYR CB  CG   sing N N 400 
TYR CB  HB2  sing N N 401 
TYR CB  HB3  sing N N 402 
TYR CG  CD1  doub Y N 403 
TYR CG  CD2  sing Y N 404 
TYR CD1 CE1  sing Y N 405 
TYR CD1 HD1  sing N N 406 
TYR CD2 CE2  doub Y N 407 
TYR CD2 HD2  sing N N 408 
TYR CE1 CZ   doub Y N 409 
TYR CE1 HE1  sing N N 410 
TYR CE2 CZ   sing Y N 411 
TYR CE2 HE2  sing N N 412 
TYR CZ  OH   sing N N 413 
TYR OH  HH   sing N N 414 
TYR OXT HXT  sing N N 415 
VAL N   CA   sing N N 416 
VAL N   H    sing N N 417 
VAL N   H2   sing N N 418 
VAL CA  C    sing N N 419 
VAL CA  CB   sing N N 420 
VAL CA  HA   sing N N 421 
VAL C   O    doub N N 422 
VAL C   OXT  sing N N 423 
VAL CB  CG1  sing N N 424 
VAL CB  CG2  sing N N 425 
VAL CB  HB   sing N N 426 
VAL CG1 HG11 sing N N 427 
VAL CG1 HG12 sing N N 428 
VAL CG1 HG13 sing N N 429 
VAL CG2 HG21 sing N N 430 
VAL CG2 HG22 sing N N 431 
VAL CG2 HG23 sing N N 432 
VAL OXT HXT  sing N N 433 
# 
_pdbx_audit_support.funding_organization   'National Natural Science Foundation of China (NSFC)' 
_pdbx_audit_support.country                China 
_pdbx_audit_support.grant_number           31770780 
_pdbx_audit_support.ordinal                1 
# 
_pdbx_entity_instance_feature.ordinal        1 
_pdbx_entity_instance_feature.comp_id        7OW 
_pdbx_entity_instance_feature.asym_id        ? 
_pdbx_entity_instance_feature.seq_num        ? 
_pdbx_entity_instance_feature.auth_comp_id   7OW 
_pdbx_entity_instance_feature.auth_asym_id   ? 
_pdbx_entity_instance_feature.auth_seq_num   ? 
_pdbx_entity_instance_feature.feature_type   'SUBJECT OF INVESTIGATION' 
_pdbx_entity_instance_feature.details        ? 
# 
loop_
_pdbx_entity_nonpoly.entity_id 
_pdbx_entity_nonpoly.name 
_pdbx_entity_nonpoly.comp_id 
2 '1,3-dimethyl-5-[2-(oxan-4-yl)-3-[2-(trifluoromethyloxy)ethyl]benzimidazol-5-yl]pyridin-2-one' 7OW 
3 water                                                                                          HOH 
# 
_pdbx_initial_refinement_model.id               1 
_pdbx_initial_refinement_model.entity_id_list   ? 
_pdbx_initial_refinement_model.type             'experimental model' 
_pdbx_initial_refinement_model.source_name      PDB 
_pdbx_initial_refinement_model.accession_code   3MXF 
_pdbx_initial_refinement_model.details          ? 
# 
_pdbx_struct_assembly_auth_evidence.id                     1 
_pdbx_struct_assembly_auth_evidence.assembly_id            1 
_pdbx_struct_assembly_auth_evidence.experimental_support   'isothermal titration calorimetry' 
_pdbx_struct_assembly_auth_evidence.details                ? 
# 
